data_3MBE
#
_entry.id   3MBE
#
_cell.length_a   67.468
_cell.length_b   99.391
_cell.length_c   404.677
_cell.angle_alpha   90.000
_cell.angle_beta   90.000
_cell.angle_gamma   90.000
#
_symmetry.space_group_name_H-M   'P 21 21 21'
#
loop_
_entity.id
_entity.type
_entity.pdbx_description
1 polymer 'MHC CLASS II H2-IAg7 ALPHA CHAIN'
2 polymer 'MHC CLASS II H2-IAg7 BETA CHAIN'
3 polymer 'PEPTIDE HEL 11-27'
4 polymer 'TCR 21.3 alpha chain'
5 polymer 'TCR 21.3 beta chain'
6 branched 2-acetamido-2-deoxy-beta-D-glucopyranose-(1-4)-2-acetamido-2-deoxy-beta-D-glucopyranose
7 non-polymer 2-acetamido-2-deoxy-beta-D-glucopyranose
#
loop_
_entity_poly.entity_id
_entity_poly.type
_entity_poly.pdbx_seq_one_letter_code
_entity_poly.pdbx_strand_id
1 'polypeptide(L)'
;EDDIEADHVGFYGTTVYQSPGDIGQYTHEFDGDELFYVDLDKKKTVWRLPEFGQLILFEPQGGLQNIAAEKHNLGILTKR
SNFTPATNEAPQATVFPKSPVLLGQPNTLICFVDNIFPPVINITWLRNSKSVTDGVYETSFLVNRDHSFHKLSYLTFIPS
DDDIYDCKVEHWGLEEPVLKHWSSADLVPR
;
A,E
2 'polypeptide(L)'
;GSGSGSGDSERHFVHQFKGECYFTNGTQRIRLVTRYIYNREEYLRFDSDVGEYRAVTELGRHSAEYYNKQYLERTRAELD
TACRHNYEETEVPTSLRRLEQPNVAISLSRTEALNHHNTLVCSVTDFYPAKIKVRWFRNGQEETVGVSSTQLIRNGDWTF
QVLVMLEMTPHQGEVYTCHVEHPSLKSPITVEWSSADLVPR
;
B,F
3 'polypeptide(L)' GAMKRHGLDNYRGYSLGN P,Q
4 'polypeptide(L)'
;GMPVEQNPPALSLYEGADSGLRCNFSTTMKSVQWFQQNHRGRLITLFYLAQGTKENGRLKSTFNSKERYSTLHIKDAQLE
DSGTYFCAAEDGGSGNKLIFGTGTLLSVKPNIQNPEPAVYQLKDPRSQDSTLCLFTDFDSQINVPKTMESGTFITDKCVL
DMKAMDSKSNGAIAWSNQTSFTCQDIFKETNATYPSSDVPCDATLTEKSFETDMNLNFQNLSSADLVPR
;
C,G
5 'polypeptide(L)'
;EAAVTQSPRSKVAVTGGKVTLSCHQTNNHDYMYWYRQDTGHGLRLIHYSYVADSTEKGDIPDGYKASRPSQENFSLILEL
ASLSQTAVYFCASSWDRAGNTLYFGEGSRLIVVEDLRNVTPPKVSLFEPSKAEIANKQKATLVCLARGFFPDHVELSWWV
NGKEVHSGVCTDPQAYKESNYSYSLSSRLRVSATFWHNPRNHFRCQVQFHGLSEEDKWPEGSPKPVTQNISAEAWGRADC
GITSASYHQSSADLVPRGS
;
D,H
#
# COMPACT_ATOMS: atom_id res chain seq x y z
N ASP A 3 -6.30 -19.50 61.31
CA ASP A 3 -5.92 -19.45 59.91
C ASP A 3 -7.08 -19.93 59.04
N ILE A 4 -7.12 -19.46 57.79
CA ILE A 4 -8.16 -19.85 56.85
C ILE A 4 -7.82 -21.17 56.12
N GLU A 5 -8.76 -22.09 56.13
CA GLU A 5 -8.55 -23.42 55.57
C GLU A 5 -8.91 -23.43 54.09
N ALA A 6 -8.15 -24.15 53.28
CA ALA A 6 -8.41 -24.16 51.84
C ALA A 6 -7.52 -25.12 51.07
N ASP A 7 -7.91 -25.38 49.83
CA ASP A 7 -7.14 -26.25 48.95
C ASP A 7 -5.80 -25.61 48.64
N HIS A 8 -5.85 -24.36 48.21
CA HIS A 8 -4.64 -23.64 47.83
C HIS A 8 -4.65 -22.20 48.29
N VAL A 9 -3.46 -21.63 48.46
CA VAL A 9 -3.32 -20.26 48.89
C VAL A 9 -2.32 -19.51 48.03
N GLY A 10 -2.76 -18.43 47.40
CA GLY A 10 -1.85 -17.54 46.70
C GLY A 10 -1.37 -16.47 47.64
N PHE A 11 -0.19 -15.93 47.38
CA PHE A 11 0.32 -14.85 48.19
C PHE A 11 0.84 -13.77 47.30
N TYR A 12 0.06 -13.43 46.29
CA TYR A 12 0.43 -12.43 45.33
C TYR A 12 0.66 -11.09 46.04
N GLY A 13 1.49 -10.25 45.48
CA GLY A 13 1.68 -8.91 46.01
C GLY A 13 2.46 -8.77 47.31
N THR A 14 2.83 -9.86 47.96
CA THR A 14 3.54 -9.75 49.23
C THR A 14 4.72 -8.78 49.18
N THR A 15 4.53 -7.60 49.75
CA THR A 15 5.54 -6.55 49.75
C THR A 15 6.01 -6.29 51.16
N VAL A 16 7.20 -5.75 51.31
CA VAL A 16 7.75 -5.48 52.64
C VAL A 16 8.77 -4.39 52.52
N TYR A 17 8.63 -3.33 53.32
CA TYR A 17 9.59 -2.24 53.27
C TYR A 17 10.01 -1.84 54.67
N GLN A 18 11.21 -1.29 54.80
CA GLN A 18 11.71 -0.94 56.11
C GLN A 18 12.69 0.22 56.01
N SER A 19 12.87 0.93 57.11
CA SER A 19 13.86 1.98 57.17
C SER A 19 14.55 1.89 58.51
N PRO A 20 15.78 2.40 58.60
CA PRO A 20 16.49 3.05 57.50
C PRO A 20 17.07 2.03 56.52
N GLY A 21 17.83 2.53 55.55
CA GLY A 21 18.54 1.68 54.60
C GLY A 21 17.81 1.41 53.30
N ASP A 22 16.53 1.77 53.26
CA ASP A 22 15.69 1.51 52.10
C ASP A 22 15.72 0.05 51.69
N ILE A 23 15.45 -0.81 52.68
CA ILE A 23 15.40 -2.24 52.49
C ILE A 23 13.98 -2.66 52.18
N GLY A 24 13.71 -3.06 50.93
CA GLY A 24 12.39 -3.54 50.56
C GLY A 24 12.43 -4.91 49.92
N GLN A 25 11.28 -5.54 49.73
CA GLN A 25 11.23 -6.85 49.09
C GLN A 25 9.86 -7.12 48.50
N TYR A 26 9.80 -7.81 47.38
CA TYR A 26 8.52 -8.14 46.77
C TYR A 26 8.57 -9.57 46.31
N THR A 27 7.62 -10.39 46.71
CA THR A 27 7.63 -11.78 46.30
C THR A 27 6.25 -12.25 45.90
N HIS A 28 6.14 -13.52 45.55
CA HIS A 28 4.85 -14.13 45.27
C HIS A 28 5.03 -15.51 45.80
N GLU A 29 4.05 -16.02 46.50
CA GLU A 29 4.13 -17.39 46.98
C GLU A 29 2.91 -18.16 46.54
N PHE A 30 3.06 -19.46 46.44
CA PHE A 30 1.90 -20.31 46.18
C PHE A 30 2.02 -21.59 46.97
N ASP A 31 1.08 -21.79 47.91
CA ASP A 31 1.12 -22.92 48.81
C ASP A 31 2.38 -22.87 49.64
N GLY A 32 2.74 -21.67 50.09
CA GLY A 32 3.90 -21.49 50.94
C GLY A 32 5.26 -21.68 50.29
N ASP A 33 5.27 -21.90 48.98
CA ASP A 33 6.52 -22.03 48.24
C ASP A 33 6.76 -20.80 47.38
N GLU A 34 7.84 -20.10 47.68
CA GLU A 34 8.17 -18.88 46.96
C GLU A 34 8.15 -19.08 45.44
N LEU A 35 7.35 -18.27 44.76
CA LEU A 35 7.30 -18.30 43.31
C LEU A 35 8.55 -17.61 42.78
N PHE A 36 8.70 -16.32 43.09
CA PHE A 36 9.87 -15.55 42.70
C PHE A 36 9.99 -14.33 43.54
N TYR A 37 11.07 -13.58 43.41
CA TYR A 37 11.13 -12.26 44.02
C TYR A 37 11.40 -11.28 42.91
N VAL A 38 11.75 -10.04 43.24
CA VAL A 38 12.04 -9.07 42.19
C VAL A 38 13.25 -8.22 42.52
N ASP A 39 14.34 -8.47 41.81
CA ASP A 39 15.62 -7.85 42.14
C ASP A 39 15.58 -6.36 41.90
N LEU A 40 15.32 -5.60 42.94
CA LEU A 40 15.00 -4.18 42.81
C LEU A 40 16.09 -3.37 42.12
N ASP A 41 17.34 -3.78 42.29
CA ASP A 41 18.45 -3.02 41.72
C ASP A 41 18.60 -3.26 40.22
N LYS A 42 18.46 -4.51 39.82
CA LYS A 42 18.48 -4.85 38.40
C LYS A 42 17.09 -4.72 37.80
N LYS A 43 16.09 -4.63 38.67
CA LYS A 43 14.70 -4.52 38.25
C LYS A 43 14.26 -5.73 37.43
N LYS A 44 14.62 -6.93 37.89
CA LYS A 44 14.34 -8.18 37.17
C LYS A 44 13.60 -9.22 38.00
N THR A 45 12.63 -9.88 37.36
CA THR A 45 11.82 -10.92 37.99
C THR A 45 12.64 -12.18 38.19
N VAL A 46 13.27 -12.32 39.35
CA VAL A 46 14.14 -13.47 39.63
C VAL A 46 13.36 -14.67 40.13
N TRP A 47 13.10 -15.65 39.28
CA TRP A 47 12.33 -16.81 39.73
C TRP A 47 13.07 -17.73 40.69
N ARG A 48 12.33 -18.49 41.47
CA ARG A 48 12.89 -19.49 42.38
C ARG A 48 13.28 -20.73 41.59
N LEU A 49 12.36 -21.18 40.74
CA LEU A 49 12.61 -22.31 39.87
C LEU A 49 12.61 -21.86 38.42
N PRO A 50 13.63 -22.31 37.66
CA PRO A 50 13.78 -22.00 36.23
C PRO A 50 12.47 -22.25 35.48
N GLU A 51 12.06 -23.52 35.46
CA GLU A 51 10.89 -23.98 34.70
C GLU A 51 9.76 -22.95 34.57
N PHE A 52 9.38 -22.34 35.69
CA PHE A 52 8.19 -21.52 35.72
C PHE A 52 8.21 -20.33 34.78
N GLY A 53 9.25 -19.52 34.90
CA GLY A 53 9.31 -18.24 34.21
C GLY A 53 9.67 -18.29 32.75
N GLN A 54 9.41 -19.43 32.12
CA GLN A 54 9.65 -19.56 30.68
C GLN A 54 8.32 -19.39 29.98
N LEU A 55 7.39 -20.27 30.32
CA LEU A 55 6.05 -20.25 29.75
C LEU A 55 5.38 -18.89 29.96
N ILE A 56 4.72 -18.74 31.11
CA ILE A 56 4.04 -17.49 31.49
C ILE A 56 4.98 -16.61 32.29
N LEU A 57 4.69 -15.32 32.35
CA LEU A 57 5.69 -14.37 32.83
C LEU A 57 5.11 -13.34 33.80
N PHE A 58 5.96 -12.73 34.63
CA PHE A 58 5.52 -11.62 35.46
C PHE A 58 6.33 -10.37 35.20
N GLU A 59 5.64 -9.25 35.07
CA GLU A 59 6.27 -7.97 34.74
C GLU A 59 6.77 -7.20 35.96
N PRO A 60 8.09 -7.04 36.07
CA PRO A 60 8.80 -6.53 37.24
C PRO A 60 8.19 -5.26 37.79
N GLN A 61 7.55 -4.46 36.94
CA GLN A 61 7.03 -3.16 37.35
C GLN A 61 5.85 -3.28 38.27
N GLY A 62 5.08 -4.35 38.08
CA GLY A 62 3.96 -4.65 38.94
C GLY A 62 4.31 -4.51 40.40
N GLY A 63 5.57 -4.78 40.74
CA GLY A 63 6.00 -4.82 42.11
C GLY A 63 6.98 -3.74 42.46
N LEU A 64 7.67 -3.23 41.45
CA LEU A 64 8.54 -2.07 41.65
C LEU A 64 7.66 -0.90 42.04
N GLN A 65 6.38 -1.02 41.74
CA GLN A 65 5.42 0.00 42.12
C GLN A 65 4.90 -0.20 43.53
N ASN A 66 4.53 -1.44 43.85
CA ASN A 66 4.13 -1.78 45.21
C ASN A 66 5.19 -1.29 46.16
N ILE A 67 6.45 -1.55 45.84
CA ILE A 67 7.55 -1.16 46.70
C ILE A 67 7.56 0.34 46.93
N ALA A 68 7.03 1.07 45.96
CA ALA A 68 7.01 2.54 46.03
C ALA A 68 5.88 3.01 46.96
N ALA A 69 4.75 2.32 46.89
CA ALA A 69 3.60 2.62 47.73
C ALA A 69 3.93 2.33 49.18
N GLU A 70 4.73 1.30 49.41
CA GLU A 70 5.11 0.88 50.75
C GLU A 70 6.21 1.72 51.35
N LYS A 71 6.88 2.51 50.53
CA LYS A 71 7.88 3.40 51.06
C LYS A 71 7.13 4.60 51.55
N HIS A 72 6.00 4.85 50.91
CA HIS A 72 5.11 5.97 51.22
C HIS A 72 4.30 5.66 52.46
N ASN A 73 3.60 4.52 52.44
CA ASN A 73 2.80 4.07 53.56
C ASN A 73 3.60 3.98 54.83
N LEU A 74 4.83 3.51 54.73
CA LEU A 74 5.69 3.44 55.90
C LEU A 74 5.73 4.81 56.57
N GLY A 75 6.18 5.81 55.83
CA GLY A 75 6.34 7.15 56.37
C GLY A 75 5.13 7.64 57.11
N ILE A 76 3.94 7.29 56.60
CA ILE A 76 2.67 7.68 57.20
C ILE A 76 2.47 7.09 58.59
N LEU A 77 2.60 5.76 58.69
CA LEU A 77 2.40 5.03 59.94
C LEU A 77 3.51 5.34 60.94
N THR A 78 4.74 5.42 60.47
CA THR A 78 5.85 5.79 61.32
C THR A 78 5.50 7.00 62.16
N LYS A 79 4.91 8.00 61.51
CA LYS A 79 4.53 9.22 62.20
C LYS A 79 3.27 9.01 63.03
N ARG A 80 2.27 8.38 62.44
CA ARG A 80 0.97 8.22 63.08
C ARG A 80 1.04 7.40 64.36
N SER A 81 2.13 6.66 64.52
CA SER A 81 2.32 5.84 65.71
C SER A 81 3.39 6.45 66.58
N ASN A 82 3.40 7.77 66.69
CA ASN A 82 4.34 8.47 67.55
C ASN A 82 5.78 8.04 67.36
N PHE A 83 6.07 7.35 66.25
CA PHE A 83 7.41 6.84 65.97
C PHE A 83 7.77 5.59 66.78
N THR A 84 6.94 4.56 66.67
CA THR A 84 7.18 3.31 67.40
C THR A 84 8.09 2.36 66.65
N PRO A 85 9.30 2.11 67.17
CA PRO A 85 10.25 1.19 66.55
C PRO A 85 9.78 -0.26 66.63
N ALA A 86 10.42 -1.13 65.87
CA ALA A 86 10.08 -2.56 65.87
C ALA A 86 10.81 -3.32 66.98
N THR A 87 10.23 -4.45 67.39
CA THR A 87 10.79 -5.28 68.44
C THR A 87 11.55 -6.48 67.89
N ASN A 88 12.85 -6.52 68.04
CA ASN A 88 13.67 -7.61 67.53
C ASN A 88 13.30 -8.95 68.16
N GLU A 89 13.03 -9.95 67.33
CA GLU A 89 12.77 -11.28 67.84
C GLU A 89 13.86 -12.25 67.42
N ALA A 90 14.13 -13.23 68.29
CA ALA A 90 15.24 -14.15 68.08
C ALA A 90 14.88 -15.35 67.20
N PRO A 91 15.77 -15.67 66.24
CA PRO A 91 15.68 -16.71 65.21
C PRO A 91 15.97 -18.12 65.71
N GLN A 92 15.27 -19.12 65.18
CA GLN A 92 15.48 -20.50 65.59
C GLN A 92 15.90 -21.37 64.42
N ALA A 93 17.16 -21.82 64.46
CA ALA A 93 17.77 -22.57 63.38
C ALA A 93 17.50 -24.08 63.44
N THR A 94 17.41 -24.72 62.28
CA THR A 94 17.17 -26.16 62.18
C THR A 94 17.88 -26.77 60.97
N VAL A 95 19.07 -27.32 61.20
CA VAL A 95 19.86 -27.87 60.12
C VAL A 95 19.43 -29.28 59.79
N PHE A 96 19.52 -29.66 58.53
CA PHE A 96 19.16 -31.02 58.14
C PHE A 96 19.47 -31.33 56.67
N PRO A 97 19.69 -32.60 56.35
CA PRO A 97 20.01 -33.07 55.01
C PRO A 97 18.80 -33.04 54.10
N LYS A 98 19.02 -32.90 52.80
CA LYS A 98 17.94 -32.82 51.84
C LYS A 98 17.49 -34.20 51.40
N SER A 99 18.39 -35.17 51.51
CA SER A 99 18.10 -36.54 51.14
C SER A 99 18.91 -37.51 51.99
N PRO A 100 18.49 -38.79 52.03
CA PRO A 100 19.15 -39.85 52.80
C PRO A 100 20.67 -39.75 52.78
N VAL A 101 21.29 -39.46 53.93
CA VAL A 101 22.74 -39.31 53.99
C VAL A 101 23.51 -40.62 53.85
N LEU A 102 24.25 -40.73 52.75
CA LEU A 102 25.13 -41.86 52.48
C LEU A 102 26.55 -41.32 52.26
N LEU A 103 27.54 -41.94 52.88
CA LEU A 103 28.92 -41.46 52.80
C LEU A 103 29.43 -41.32 51.36
N GLY A 104 30.10 -40.22 51.08
CA GLY A 104 30.62 -39.96 49.75
C GLY A 104 29.56 -39.96 48.65
N GLN A 105 28.43 -39.32 48.91
CA GLN A 105 27.39 -39.15 47.90
C GLN A 105 26.88 -37.72 47.98
N PRO A 106 27.03 -36.97 46.87
CA PRO A 106 26.67 -35.55 46.82
C PRO A 106 25.27 -35.31 47.38
N ASN A 107 25.20 -34.52 48.45
CA ASN A 107 23.93 -34.21 49.08
C ASN A 107 23.80 -32.69 49.24
N THR A 108 22.80 -32.26 50.01
CA THR A 108 22.59 -30.85 50.28
C THR A 108 22.20 -30.60 51.72
N LEU A 109 22.81 -29.61 52.34
CA LEU A 109 22.56 -29.32 53.74
C LEU A 109 21.75 -28.04 53.90
N ILE A 110 20.48 -28.19 54.28
CA ILE A 110 19.59 -27.04 54.43
C ILE A 110 19.72 -26.47 55.82
N CYS A 111 19.59 -25.16 55.95
CA CYS A 111 19.59 -24.54 57.27
C CYS A 111 18.41 -23.62 57.42
N PHE A 112 17.35 -24.14 58.01
CA PHE A 112 16.10 -23.39 58.11
C PHE A 112 16.05 -22.46 59.32
N VAL A 113 15.82 -21.18 59.09
CA VAL A 113 15.81 -20.22 60.17
C VAL A 113 14.44 -19.61 60.31
N ASP A 114 13.94 -19.50 61.54
CA ASP A 114 12.59 -19.01 61.76
C ASP A 114 12.49 -17.91 62.82
N ASN A 115 11.32 -17.31 62.89
CA ASN A 115 11.08 -16.19 63.79
C ASN A 115 12.11 -15.09 63.60
N ILE A 116 12.02 -14.39 62.47
CA ILE A 116 12.90 -13.30 62.16
C ILE A 116 12.09 -12.00 62.18
N PHE A 117 12.74 -10.92 62.59
CA PHE A 117 12.09 -9.61 62.64
C PHE A 117 12.85 -8.66 63.56
N PRO A 118 13.38 -7.55 63.01
CA PRO A 118 13.28 -7.14 61.60
C PRO A 118 13.87 -8.17 60.64
N PRO A 119 13.37 -8.20 59.39
CA PRO A 119 13.85 -9.09 58.33
C PRO A 119 15.24 -8.72 57.85
N VAL A 120 16.23 -8.83 58.73
CA VAL A 120 17.59 -8.50 58.36
C VAL A 120 18.49 -9.47 59.05
N ILE A 121 18.94 -10.48 58.30
CA ILE A 121 19.67 -11.59 58.87
C ILE A 121 20.96 -11.86 58.11
N ASN A 122 21.98 -12.28 58.85
CA ASN A 122 23.27 -12.67 58.28
C ASN A 122 23.55 -14.15 58.53
N ILE A 123 22.95 -15.00 57.70
CA ILE A 123 23.22 -16.45 57.75
C ILE A 123 24.48 -16.81 56.97
N THR A 124 25.39 -17.52 57.63
CA THR A 124 26.62 -18.00 57.00
C THR A 124 26.93 -19.42 57.45
N TRP A 125 27.46 -20.24 56.55
CA TRP A 125 27.80 -21.62 56.89
C TRP A 125 29.22 -21.72 57.41
N LEU A 126 29.54 -22.83 58.06
CA LEU A 126 30.83 -23.01 58.69
C LEU A 126 31.16 -24.49 58.81
N ARG A 127 32.27 -24.90 58.21
CA ARG A 127 32.74 -26.28 58.36
C ARG A 127 34.05 -26.33 59.11
N ASN A 128 34.07 -27.10 60.19
CA ASN A 128 35.29 -27.27 60.98
C ASN A 128 35.81 -25.91 61.44
N SER A 129 34.91 -25.12 62.01
CA SER A 129 35.27 -23.80 62.55
C SER A 129 35.84 -22.84 61.52
N LYS A 130 35.86 -23.23 60.25
CA LYS A 130 36.26 -22.32 59.19
C LYS A 130 35.21 -22.21 58.11
N SER A 131 35.00 -21.00 57.61
CA SER A 131 33.84 -20.71 56.77
C SER A 131 33.81 -21.43 55.43
N VAL A 132 32.65 -21.37 54.79
CA VAL A 132 32.45 -21.93 53.47
C VAL A 132 31.71 -20.91 52.63
N THR A 133 31.90 -20.96 51.31
CA THR A 133 31.32 -19.98 50.41
C THR A 133 30.82 -20.57 49.10
N ASP A 134 31.22 -21.80 48.80
CA ASP A 134 30.86 -22.44 47.54
C ASP A 134 29.67 -23.39 47.71
N GLY A 135 28.69 -23.25 46.81
CA GLY A 135 27.50 -24.09 46.83
C GLY A 135 26.35 -23.54 47.66
N VAL A 136 26.52 -22.33 48.19
CA VAL A 136 25.56 -21.76 49.13
C VAL A 136 24.49 -20.87 48.46
N TYR A 137 23.29 -21.41 48.32
CA TYR A 137 22.14 -20.65 47.86
C TYR A 137 21.38 -20.11 49.08
N GLU A 138 20.43 -19.21 48.87
CA GLU A 138 19.68 -18.61 49.97
C GLU A 138 18.41 -17.95 49.49
N THR A 139 17.26 -18.41 50.00
CA THR A 139 15.96 -17.90 49.57
C THR A 139 15.64 -16.58 50.23
N SER A 140 14.79 -15.79 49.59
CA SER A 140 14.37 -14.52 50.16
C SER A 140 13.55 -14.78 51.42
N PHE A 141 13.22 -13.71 52.14
CA PHE A 141 12.43 -13.86 53.36
C PHE A 141 11.03 -14.27 53.00
N LEU A 142 10.65 -15.49 53.34
CA LEU A 142 9.27 -15.93 53.18
C LEU A 142 8.47 -15.56 54.42
N VAL A 143 7.16 -15.39 54.25
CA VAL A 143 6.34 -14.80 55.29
C VAL A 143 5.69 -15.81 56.20
N ASN A 144 5.41 -15.35 57.42
CA ASN A 144 4.70 -16.15 58.41
C ASN A 144 3.31 -15.60 58.67
N ARG A 145 2.46 -16.41 59.30
CA ARG A 145 1.10 -15.99 59.60
C ARG A 145 1.11 -14.99 60.76
N ASP A 146 2.20 -14.94 61.50
CA ASP A 146 2.32 -14.05 62.64
C ASP A 146 3.07 -12.78 62.28
N HIS A 147 3.39 -12.66 61.00
CA HIS A 147 3.93 -11.42 60.45
C HIS A 147 5.44 -11.29 60.66
N SER A 148 6.10 -12.42 60.89
CA SER A 148 7.56 -12.50 60.92
C SER A 148 7.97 -13.32 59.71
N PHE A 149 9.22 -13.79 59.69
CA PHE A 149 9.76 -14.45 58.48
C PHE A 149 10.65 -15.65 58.72
N HIS A 150 10.82 -16.46 57.68
CA HIS A 150 11.74 -17.58 57.72
C HIS A 150 12.56 -17.72 56.46
N LYS A 151 13.88 -17.78 56.61
CA LYS A 151 14.79 -17.94 55.46
C LYS A 151 15.36 -19.37 55.46
N LEU A 152 15.98 -19.78 54.35
CA LEU A 152 16.71 -21.04 54.30
C LEU A 152 18.00 -20.87 53.53
N SER A 153 19.07 -21.49 53.99
CA SER A 153 20.36 -21.39 53.34
C SER A 153 20.77 -22.80 52.97
N TYR A 154 20.90 -23.07 51.67
CA TYR A 154 21.26 -24.41 51.24
C TYR A 154 22.77 -24.56 51.05
N LEU A 155 23.28 -25.77 51.26
CA LEU A 155 24.70 -26.05 51.08
C LEU A 155 24.97 -27.48 50.66
N THR A 156 25.44 -27.64 49.42
CA THR A 156 25.78 -28.94 48.86
C THR A 156 27.08 -29.39 49.48
N PHE A 157 27.20 -30.69 49.70
CA PHE A 157 28.42 -31.22 50.30
C PHE A 157 28.56 -32.72 50.04
N ILE A 158 29.62 -33.32 50.56
CA ILE A 158 29.80 -34.77 50.50
C ILE A 158 29.86 -35.33 51.91
N PRO A 159 28.94 -36.25 52.24
CA PRO A 159 28.83 -36.85 53.57
C PRO A 159 30.14 -37.42 54.11
N SER A 160 30.75 -36.70 55.04
CA SER A 160 31.94 -37.16 55.75
C SER A 160 31.70 -37.11 57.26
N ASP A 161 32.10 -38.17 57.95
CA ASP A 161 31.95 -38.21 59.40
C ASP A 161 33.10 -37.49 60.09
N ASP A 162 34.05 -37.01 59.31
CA ASP A 162 35.21 -36.33 59.87
C ASP A 162 34.90 -34.87 60.16
N ASP A 163 33.96 -34.31 59.39
CA ASP A 163 33.69 -32.88 59.39
C ASP A 163 32.50 -32.47 60.25
N ILE A 164 32.60 -31.27 60.82
CA ILE A 164 31.53 -30.71 61.63
C ILE A 164 31.00 -29.44 61.00
N TYR A 165 29.71 -29.43 60.69
CA TYR A 165 29.07 -28.24 60.14
C TYR A 165 28.30 -27.45 61.19
N ASP A 166 28.46 -26.14 61.18
CA ASP A 166 27.65 -25.24 61.99
C ASP A 166 27.02 -24.20 61.07
N CYS A 167 25.80 -23.79 61.37
CA CYS A 167 25.12 -22.76 60.61
C CYS A 167 25.06 -21.46 61.40
N LYS A 168 25.94 -20.52 61.07
CA LYS A 168 26.05 -19.28 61.84
C LYS A 168 24.95 -18.27 61.52
N VAL A 169 24.23 -17.83 62.54
CA VAL A 169 23.10 -16.90 62.38
C VAL A 169 23.29 -15.61 63.17
N GLU A 170 23.33 -14.47 62.49
CA GLU A 170 23.59 -13.20 63.17
C GLU A 170 22.43 -12.24 63.04
N HIS A 171 21.96 -11.75 64.17
CA HIS A 171 20.83 -10.82 64.18
C HIS A 171 21.03 -9.73 65.20
N TRP A 172 20.07 -8.80 65.26
CA TRP A 172 20.11 -7.74 66.25
C TRP A 172 19.43 -8.23 67.52
N GLY A 173 18.48 -9.13 67.35
CA GLY A 173 17.78 -9.76 68.47
C GLY A 173 18.58 -10.89 69.06
N LEU A 174 19.88 -10.90 68.76
CA LEU A 174 20.86 -11.83 69.33
C LEU A 174 22.08 -11.04 69.79
N GLU A 175 22.52 -11.24 71.02
CA GLU A 175 23.67 -10.51 71.53
C GLU A 175 24.95 -11.04 70.89
N GLU A 176 24.95 -12.32 70.56
CA GLU A 176 26.05 -12.91 69.81
C GLU A 176 25.56 -14.11 69.00
N PRO A 177 26.19 -14.34 67.84
CA PRO A 177 25.83 -15.36 66.84
C PRO A 177 25.40 -16.69 67.42
N VAL A 178 24.63 -17.45 66.64
CA VAL A 178 24.08 -18.71 67.09
C VAL A 178 24.42 -19.83 66.12
N LEU A 179 25.37 -20.69 66.48
CA LEU A 179 25.76 -21.78 65.60
C LEU A 179 25.02 -23.07 65.93
N LYS A 180 24.19 -23.53 65.01
CA LYS A 180 23.51 -24.81 65.19
C LYS A 180 24.34 -25.94 64.61
N HIS A 181 24.97 -26.71 65.48
CA HIS A 181 25.90 -27.78 65.09
C HIS A 181 25.23 -28.95 64.36
N TRP A 182 25.90 -29.48 63.34
CA TRP A 182 25.43 -30.67 62.63
C TRP A 182 26.55 -31.56 62.10
N SER A 183 26.39 -32.87 62.29
CA SER A 183 27.35 -33.86 61.78
C SER A 183 26.73 -35.24 61.53
N SER A 184 27.30 -35.97 60.58
CA SER A 184 26.81 -37.28 60.20
C SER A 184 27.19 -38.32 61.25
N ALA A 185 28.01 -37.90 62.20
CA ALA A 185 28.41 -38.79 63.28
C ALA A 185 27.23 -39.12 64.19
N ASP A 186 26.94 -38.20 65.12
CA ASP A 186 25.87 -38.38 66.09
C ASP A 186 25.92 -39.76 66.75
N ARG B 11 17.21 3.19 65.57
CA ARG B 11 15.91 2.53 65.62
C ARG B 11 15.54 1.98 64.25
N HIS B 12 14.66 0.98 64.23
CA HIS B 12 14.22 0.38 62.98
C HIS B 12 12.70 0.28 62.86
N PHE B 13 12.18 0.57 61.66
CA PHE B 13 10.74 0.59 61.44
C PHE B 13 10.39 -0.25 60.23
N VAL B 14 9.24 -0.90 60.26
CA VAL B 14 8.86 -1.82 59.20
C VAL B 14 7.41 -1.64 58.79
N HIS B 15 7.12 -1.93 57.54
CA HIS B 15 5.77 -1.94 57.02
C HIS B 15 5.67 -3.10 56.06
N GLN B 16 4.59 -3.86 56.13
CA GLN B 16 4.42 -4.99 55.24
C GLN B 16 3.11 -4.88 54.53
N PHE B 17 2.74 -5.89 53.77
CA PHE B 17 1.46 -5.90 53.12
C PHE B 17 1.36 -7.25 52.52
N LYS B 18 0.29 -7.96 52.80
CA LYS B 18 0.16 -9.30 52.29
C LYS B 18 -1.16 -9.40 51.55
N GLY B 19 -1.13 -9.95 50.36
CA GLY B 19 -2.35 -10.12 49.61
C GLY B 19 -2.56 -11.60 49.47
N GLU B 20 -3.56 -12.13 50.15
CA GLU B 20 -3.75 -13.57 50.18
C GLU B 20 -4.97 -13.96 49.41
N CYS B 21 -4.86 -15.00 48.60
CA CYS B 21 -5.98 -15.48 47.84
C CYS B 21 -6.25 -16.94 48.15
N TYR B 22 -7.39 -17.24 48.78
CA TYR B 22 -7.72 -18.61 49.15
C TYR B 22 -8.69 -19.27 48.16
N PHE B 23 -8.29 -20.39 47.58
CA PHE B 23 -9.11 -21.10 46.61
C PHE B 23 -9.50 -22.48 47.11
N THR B 24 -10.80 -22.72 47.24
CA THR B 24 -11.31 -24.00 47.71
C THR B 24 -12.28 -24.62 46.71
N ASN B 25 -12.03 -25.88 46.35
CA ASN B 25 -12.75 -26.57 45.29
C ASN B 25 -12.40 -25.92 43.96
N GLY B 26 -11.15 -25.51 43.83
CA GLY B 26 -10.72 -24.84 42.63
C GLY B 26 -11.11 -23.38 42.65
N THR B 27 -11.92 -22.98 41.68
CA THR B 27 -12.38 -21.60 41.57
C THR B 27 -13.71 -21.42 42.28
N GLN B 28 -14.49 -22.50 42.33
CA GLN B 28 -15.87 -22.44 42.82
C GLN B 28 -16.06 -21.67 44.12
N ARG B 29 -14.98 -21.45 44.86
CA ARG B 29 -15.03 -20.64 46.07
C ARG B 29 -13.73 -19.92 46.33
N ILE B 30 -13.76 -18.59 46.25
CA ILE B 30 -12.56 -17.79 46.45
C ILE B 30 -12.74 -16.73 47.52
N ARG B 31 -11.70 -16.55 48.33
CA ARG B 31 -11.71 -15.51 49.35
C ARG B 31 -10.39 -14.75 49.30
N LEU B 32 -10.48 -13.45 49.52
CA LEU B 32 -9.34 -12.57 49.32
C LEU B 32 -9.15 -11.71 50.55
N VAL B 33 -8.04 -11.92 51.28
CA VAL B 33 -7.71 -11.04 52.37
C VAL B 33 -6.57 -10.13 51.94
N THR B 34 -6.31 -9.08 52.73
CA THR B 34 -5.34 -8.05 52.36
C THR B 34 -4.98 -7.28 53.60
N ARG B 35 -3.76 -7.43 54.10
CA ARG B 35 -3.45 -6.88 55.40
C ARG B 35 -2.40 -5.79 55.37
N TYR B 36 -2.74 -4.58 55.73
CA TYR B 36 -1.70 -3.58 55.81
C TYR B 36 -1.14 -3.57 57.22
N ILE B 37 0.16 -3.76 57.35
CA ILE B 37 0.75 -4.06 58.65
C ILE B 37 1.90 -3.15 58.98
N TYR B 38 1.75 -2.36 60.04
CA TYR B 38 2.89 -1.60 60.56
C TYR B 38 3.68 -2.53 61.47
N ASN B 39 4.99 -2.42 61.46
CA ASN B 39 5.82 -3.35 62.20
C ASN B 39 5.26 -4.76 62.13
N ARG B 40 4.70 -5.24 63.24
CA ARG B 40 4.15 -6.58 63.29
C ARG B 40 2.66 -6.56 63.56
N GLU B 41 2.13 -5.34 63.69
CA GLU B 41 0.75 -5.10 64.09
C GLU B 41 -0.20 -4.76 62.94
N GLU B 42 -1.02 -5.72 62.55
CA GLU B 42 -1.95 -5.50 61.47
C GLU B 42 -2.97 -4.46 61.88
N TYR B 43 -3.26 -3.50 61.01
CA TYR B 43 -4.15 -2.41 61.39
C TYR B 43 -5.30 -2.13 60.41
N LEU B 44 -5.11 -2.43 59.14
CA LEU B 44 -6.21 -2.30 58.21
C LEU B 44 -6.38 -3.66 57.62
N ARG B 45 -7.52 -3.93 57.00
CA ARG B 45 -7.71 -5.22 56.37
C ARG B 45 -8.94 -5.35 55.49
N PHE B 46 -8.74 -5.72 54.24
CA PHE B 46 -9.86 -6.04 53.38
C PHE B 46 -10.17 -7.51 53.49
N ASP B 47 -11.44 -7.83 53.64
CA ASP B 47 -11.85 -9.22 53.70
C ASP B 47 -13.01 -9.41 52.74
N SER B 48 -12.79 -10.18 51.68
CA SER B 48 -13.82 -10.36 50.67
C SER B 48 -15.13 -10.84 51.30
N ASP B 49 -15.01 -11.67 52.33
CA ASP B 49 -16.19 -12.16 53.06
C ASP B 49 -16.99 -11.00 53.65
N VAL B 50 -16.31 -10.16 54.41
CA VAL B 50 -16.90 -8.96 54.99
C VAL B 50 -17.41 -8.03 53.91
N GLY B 51 -16.60 -7.83 52.87
CA GLY B 51 -16.99 -7.04 51.72
C GLY B 51 -16.42 -5.64 51.68
N GLU B 52 -15.66 -5.27 52.71
CA GLU B 52 -15.12 -3.92 52.80
C GLU B 52 -13.97 -3.85 53.77
N TYR B 53 -13.31 -2.69 53.79
CA TYR B 53 -12.18 -2.46 54.67
C TYR B 53 -12.59 -2.26 56.12
N ARG B 54 -11.81 -2.83 57.03
CA ARG B 54 -12.08 -2.74 58.45
C ARG B 54 -10.81 -2.44 59.23
N ALA B 55 -10.78 -1.35 59.98
CA ALA B 55 -9.67 -1.14 60.89
C ALA B 55 -9.57 -2.35 61.82
N VAL B 56 -8.38 -2.60 62.37
CA VAL B 56 -8.18 -3.75 63.27
C VAL B 56 -7.37 -3.37 64.49
N THR B 57 -6.69 -2.24 64.41
CA THR B 57 -6.12 -1.64 65.60
C THR B 57 -6.46 -0.16 65.57
N GLU B 58 -6.07 0.56 66.60
CA GLU B 58 -6.43 1.97 66.70
C GLU B 58 -5.65 2.78 65.69
N LEU B 59 -4.65 2.14 65.10
CA LEU B 59 -3.75 2.81 64.17
C LEU B 59 -4.42 3.08 62.84
N GLY B 60 -5.18 2.11 62.36
CA GLY B 60 -5.85 2.26 61.09
C GLY B 60 -7.32 2.50 61.31
N ARG B 61 -7.63 3.34 62.30
CA ARG B 61 -9.02 3.61 62.67
C ARG B 61 -9.78 4.46 61.67
N HIS B 62 -9.17 5.57 61.24
CA HIS B 62 -9.80 6.46 60.26
C HIS B 62 -9.37 6.09 58.84
N SER B 63 -8.40 5.21 58.75
CA SER B 63 -7.92 4.72 57.47
C SER B 63 -9.00 3.96 56.71
N ALA B 64 -9.73 3.10 57.41
CA ALA B 64 -10.73 2.28 56.74
C ALA B 64 -11.73 3.14 55.99
N GLU B 65 -12.09 4.28 56.56
CA GLU B 65 -13.01 5.21 55.91
C GLU B 65 -12.45 5.62 54.56
N TYR B 66 -11.18 5.98 54.55
CA TYR B 66 -10.47 6.42 53.36
C TYR B 66 -10.47 5.35 52.30
N TYR B 67 -9.76 4.26 52.55
CA TYR B 67 -9.64 3.18 51.59
C TYR B 67 -10.98 2.74 51.04
N ASN B 68 -11.99 2.68 51.90
CA ASN B 68 -13.34 2.37 51.44
C ASN B 68 -13.83 3.45 50.50
N LYS B 69 -13.57 4.70 50.87
CA LYS B 69 -13.96 5.83 50.04
C LYS B 69 -13.27 5.76 48.67
N GLN B 70 -11.95 5.67 48.69
CA GLN B 70 -11.11 5.79 47.51
C GLN B 70 -10.95 4.49 46.71
N TYR B 71 -10.70 3.40 47.41
CA TYR B 71 -10.23 2.19 46.75
C TYR B 71 -11.19 0.99 46.77
N LEU B 72 -12.32 1.12 47.46
CA LEU B 72 -13.18 -0.04 47.70
C LEU B 72 -13.66 -0.77 46.45
N GLU B 73 -13.90 -0.02 45.39
CA GLU B 73 -14.51 -0.58 44.19
C GLU B 73 -13.57 -1.54 43.44
N ARG B 74 -12.37 -1.05 43.16
CA ARG B 74 -11.38 -1.81 42.39
C ARG B 74 -10.93 -3.02 43.19
N THR B 75 -10.72 -2.82 44.48
CA THR B 75 -10.28 -3.88 45.38
C THR B 75 -11.23 -5.08 45.34
N ARG B 76 -12.52 -4.78 45.32
CA ARG B 76 -13.53 -5.84 45.30
C ARG B 76 -13.44 -6.72 44.06
N ALA B 77 -12.98 -6.14 42.95
CA ALA B 77 -12.84 -6.91 41.73
C ALA B 77 -11.48 -7.60 41.68
N GLU B 78 -10.50 -7.08 42.41
CA GLU B 78 -9.18 -7.70 42.45
C GLU B 78 -9.33 -9.18 42.68
N LEU B 79 -10.45 -9.58 43.26
CA LEU B 79 -10.73 -10.98 43.51
C LEU B 79 -10.92 -11.79 42.24
N ASP B 80 -11.51 -11.16 41.21
CA ASP B 80 -11.85 -11.85 39.97
C ASP B 80 -10.88 -11.49 38.87
N THR B 81 -10.14 -10.42 39.13
CA THR B 81 -9.19 -9.85 38.17
C THR B 81 -7.75 -10.18 38.51
N ALA B 82 -7.52 -10.70 39.72
CA ALA B 82 -6.19 -11.06 40.16
C ALA B 82 -6.13 -12.47 40.72
N CYS B 83 -7.06 -12.80 41.60
CA CYS B 83 -7.14 -14.16 42.10
C CYS B 83 -7.61 -15.09 40.99
N ARG B 84 -8.88 -14.96 40.62
CA ARG B 84 -9.48 -15.77 39.55
C ARG B 84 -8.52 -15.95 38.39
N HIS B 85 -8.02 -14.85 37.88
CA HIS B 85 -7.10 -14.86 36.74
C HIS B 85 -5.82 -15.63 37.01
N ASN B 86 -5.08 -15.25 38.05
CA ASN B 86 -3.81 -15.92 38.35
C ASN B 86 -3.97 -17.43 38.43
N TYR B 87 -5.00 -17.87 39.14
CA TYR B 87 -5.27 -19.30 39.30
C TYR B 87 -5.50 -19.96 37.94
N GLU B 88 -6.56 -19.51 37.26
CA GLU B 88 -6.96 -20.13 36.01
C GLU B 88 -5.91 -20.06 34.93
N GLU B 89 -5.14 -18.97 34.91
CA GLU B 89 -4.30 -18.68 33.77
C GLU B 89 -2.79 -18.86 34.00
N THR B 90 -2.35 -18.79 35.24
CA THR B 90 -0.92 -18.88 35.53
C THR B 90 -0.54 -19.96 36.54
N GLU B 91 -1.45 -20.30 37.44
CA GLU B 91 -1.18 -21.33 38.45
C GLU B 91 -1.58 -22.71 37.96
N VAL B 92 -2.76 -22.80 37.36
CA VAL B 92 -3.25 -24.07 36.86
C VAL B 92 -2.25 -24.74 35.92
N PRO B 93 -1.72 -23.98 34.96
CA PRO B 93 -0.82 -24.62 33.99
C PRO B 93 0.63 -24.76 34.48
N THR B 94 0.97 -24.26 35.65
CA THR B 94 2.36 -24.31 36.12
C THR B 94 2.54 -25.02 37.46
N SER B 95 2.04 -24.42 38.54
CA SER B 95 2.21 -25.00 39.85
C SER B 95 1.41 -26.28 40.04
N LEU B 96 0.12 -26.24 39.75
CA LEU B 96 -0.71 -27.41 39.92
C LEU B 96 -0.25 -28.54 39.02
N ARG B 97 0.37 -28.19 37.90
CA ARG B 97 0.84 -29.20 36.95
C ARG B 97 2.01 -30.01 37.48
N ARG B 98 2.79 -29.42 38.38
CA ARG B 98 4.03 -30.01 38.90
C ARG B 98 3.80 -31.26 39.73
N LEU B 99 4.41 -32.37 39.32
CA LEU B 99 4.31 -33.65 40.02
C LEU B 99 5.67 -34.31 40.14
N GLU B 100 6.10 -34.57 41.37
CA GLU B 100 7.41 -35.18 41.61
C GLU B 100 7.32 -36.55 42.30
N GLN B 101 8.11 -37.50 41.82
CA GLN B 101 8.17 -38.81 42.44
C GLN B 101 9.22 -38.84 43.56
N PRO B 102 8.90 -39.54 44.66
CA PRO B 102 9.69 -39.57 45.92
C PRO B 102 10.91 -40.48 45.88
N ASN B 103 11.72 -40.40 46.94
CA ASN B 103 12.97 -41.16 47.06
C ASN B 103 12.96 -42.10 48.25
N VAL B 104 12.22 -43.20 48.12
CA VAL B 104 12.03 -44.18 49.18
C VAL B 104 13.30 -45.00 49.45
N ALA B 105 13.81 -44.94 50.68
CA ALA B 105 15.05 -45.62 51.00
C ALA B 105 15.16 -46.03 52.45
N ILE B 106 14.95 -47.32 52.71
CA ILE B 106 14.99 -47.87 54.06
C ILE B 106 16.40 -47.94 54.63
N SER B 107 16.53 -47.54 55.88
CA SER B 107 17.82 -47.52 56.57
C SER B 107 17.74 -48.40 57.80
N LEU B 108 18.60 -48.12 58.78
CA LEU B 108 18.59 -48.82 60.07
C LEU B 108 19.24 -47.97 61.15
N SER B 109 18.58 -47.86 62.30
CA SER B 109 19.02 -46.98 63.39
C SER B 109 20.53 -46.95 63.62
N ARG B 110 20.98 -45.93 64.37
CA ARG B 110 22.39 -45.70 64.68
C ARG B 110 23.23 -46.98 64.71
N HIS B 117 15.52 -54.19 70.41
CA HIS B 117 14.66 -53.19 69.76
C HIS B 117 15.45 -52.23 68.85
N ASN B 118 15.47 -52.54 67.56
CA ASN B 118 16.12 -51.70 66.56
C ASN B 118 15.08 -50.84 65.84
N THR B 119 15.52 -50.03 64.88
CA THR B 119 14.61 -49.09 64.20
C THR B 119 14.84 -48.95 62.69
N LEU B 120 13.77 -49.15 61.91
CA LEU B 120 13.84 -49.13 60.45
C LEU B 120 13.49 -47.80 59.77
N VAL B 121 14.31 -46.78 59.99
CA VAL B 121 14.06 -45.46 59.43
C VAL B 121 13.83 -45.47 57.92
N CYS B 122 12.59 -45.35 57.46
CA CYS B 122 12.34 -45.38 56.03
C CYS B 122 12.11 -44.00 55.40
N SER B 123 13.16 -43.39 54.86
CA SER B 123 13.05 -42.05 54.28
C SER B 123 12.23 -42.02 52.98
N VAL B 124 11.48 -40.94 52.77
CA VAL B 124 10.77 -40.72 51.51
C VAL B 124 10.92 -39.27 51.07
N THR B 125 11.88 -38.98 50.19
CA THR B 125 12.27 -37.60 49.94
C THR B 125 11.94 -37.02 48.55
N ASP B 126 12.01 -35.69 48.47
CA ASP B 126 11.90 -34.96 47.19
C ASP B 126 10.66 -35.27 46.35
N PHE B 127 9.51 -34.80 46.80
CA PHE B 127 8.26 -34.95 46.05
C PHE B 127 7.39 -33.69 46.07
N TYR B 128 6.33 -33.69 45.26
CA TYR B 128 5.38 -32.59 45.18
C TYR B 128 4.17 -33.13 44.41
N PRO B 129 2.95 -32.84 44.88
CA PRO B 129 2.62 -32.02 46.05
C PRO B 129 2.89 -32.73 47.36
N ALA B 130 2.11 -32.41 48.38
CA ALA B 130 2.32 -32.93 49.71
C ALA B 130 1.39 -34.11 50.03
N LYS B 131 0.48 -34.40 49.13
CA LYS B 131 -0.42 -35.54 49.31
C LYS B 131 0.35 -36.84 49.16
N ILE B 132 0.23 -37.70 50.16
CA ILE B 132 0.99 -38.94 50.20
C ILE B 132 0.42 -39.91 51.22
N LYS B 133 0.92 -41.13 51.21
CA LYS B 133 0.54 -42.14 52.19
C LYS B 133 1.68 -43.12 52.39
N VAL B 134 2.19 -43.19 53.61
CA VAL B 134 3.37 -44.02 53.88
C VAL B 134 3.12 -45.14 54.89
N ARG B 135 2.65 -46.29 54.40
CA ARG B 135 2.34 -47.42 55.26
C ARG B 135 3.53 -48.38 55.43
N TRP B 136 3.51 -49.15 56.52
CA TRP B 136 4.55 -50.14 56.80
C TRP B 136 3.98 -51.56 56.76
N PHE B 137 4.78 -52.53 56.35
CA PHE B 137 4.31 -53.92 56.27
C PHE B 137 5.28 -54.94 56.88
N ARG B 138 4.72 -56.03 57.37
CA ARG B 138 5.48 -57.08 58.03
C ARG B 138 5.01 -58.41 57.47
N ASN B 139 5.75 -58.93 56.50
CA ASN B 139 5.35 -60.16 55.84
C ASN B 139 3.98 -60.04 55.18
N GLY B 140 3.72 -58.88 54.61
CA GLY B 140 2.47 -58.63 53.92
C GLY B 140 1.33 -58.21 54.83
N GLN B 141 1.65 -57.90 56.08
CA GLN B 141 0.66 -57.45 57.03
C GLN B 141 0.95 -56.03 57.52
N GLU B 142 -0.08 -55.19 57.56
CA GLU B 142 0.09 -53.78 57.91
C GLU B 142 0.34 -53.58 59.41
N GLU B 143 1.20 -52.62 59.72
CA GLU B 143 1.56 -52.31 61.11
C GLU B 143 1.26 -50.86 61.47
N THR B 144 0.64 -50.66 62.63
CA THR B 144 0.30 -49.33 63.13
C THR B 144 0.95 -49.07 64.48
N VAL B 145 1.63 -50.09 65.01
CA VAL B 145 2.26 -50.00 66.32
C VAL B 145 3.77 -49.80 66.19
N GLY B 146 4.34 -49.03 67.11
CA GLY B 146 5.75 -48.71 67.08
C GLY B 146 6.08 -47.69 66.01
N VAL B 147 5.37 -47.80 64.89
CA VAL B 147 5.58 -46.93 63.73
C VAL B 147 5.42 -45.45 64.03
N SER B 148 6.52 -44.73 64.14
CA SER B 148 6.46 -43.28 64.28
C SER B 148 6.50 -42.63 62.90
N SER B 149 6.41 -41.31 62.87
CA SER B 149 6.52 -40.56 61.61
C SER B 149 6.85 -39.13 61.92
N THR B 150 7.19 -38.34 60.91
CA THR B 150 7.45 -36.93 61.12
C THR B 150 6.44 -36.07 60.39
N GLN B 151 6.41 -34.80 60.77
CA GLN B 151 5.56 -33.83 60.09
C GLN B 151 6.16 -33.48 58.74
N LEU B 152 5.34 -33.54 57.69
CA LEU B 152 5.75 -33.16 56.34
C LEU B 152 6.81 -32.08 56.37
N ILE B 153 7.97 -32.37 55.78
CA ILE B 153 9.08 -31.44 55.78
C ILE B 153 9.17 -30.62 54.49
N ARG B 154 9.02 -29.32 54.60
CA ARG B 154 9.05 -28.45 53.43
C ARG B 154 10.48 -28.04 53.15
N ASN B 155 11.00 -28.49 52.00
CA ASN B 155 12.40 -28.21 51.61
C ASN B 155 12.63 -26.79 51.09
N GLY B 156 11.62 -26.22 50.43
CA GLY B 156 11.72 -24.87 49.93
C GLY B 156 11.98 -24.86 48.44
N ASP B 157 12.72 -25.84 47.96
CA ASP B 157 12.93 -25.95 46.52
C ASP B 157 11.77 -26.68 45.86
N TRP B 158 10.57 -26.39 46.33
CA TRP B 158 9.35 -26.98 45.77
C TRP B 158 9.29 -28.51 45.87
N THR B 159 9.99 -29.05 46.86
CA THR B 159 10.00 -30.48 47.16
C THR B 159 9.78 -30.76 48.66
N PHE B 160 9.29 -31.96 48.96
CA PHE B 160 9.00 -32.38 50.32
C PHE B 160 9.82 -33.58 50.77
N GLN B 161 9.55 -34.07 51.98
CA GLN B 161 10.24 -35.23 52.52
C GLN B 161 9.69 -35.60 53.88
N VAL B 162 9.77 -36.88 54.23
CA VAL B 162 9.28 -37.37 55.52
C VAL B 162 9.93 -38.72 55.89
N LEU B 163 10.24 -38.91 57.17
CA LEU B 163 10.92 -40.11 57.64
C LEU B 163 10.00 -40.94 58.53
N VAL B 164 9.71 -42.17 58.09
CA VAL B 164 8.73 -43.00 58.77
C VAL B 164 9.31 -44.21 59.49
N MET B 165 9.70 -44.04 60.75
CA MET B 165 10.37 -45.10 61.51
C MET B 165 9.56 -46.39 61.66
N LEU B 166 10.11 -47.33 62.40
CA LEU B 166 9.42 -48.56 62.78
C LEU B 166 10.27 -49.34 63.77
N GLU B 167 9.98 -49.18 65.06
CA GLU B 167 10.73 -49.88 66.08
C GLU B 167 10.38 -51.36 66.06
N MET B 168 11.40 -52.22 65.97
CA MET B 168 11.19 -53.66 65.92
C MET B 168 12.42 -54.47 66.24
N THR B 169 12.25 -55.79 66.41
CA THR B 169 13.38 -56.71 66.44
C THR B 169 13.31 -57.63 65.21
N PRO B 170 14.47 -57.86 64.56
CA PRO B 170 14.56 -58.51 63.24
C PRO B 170 14.97 -59.98 63.30
N HIS B 171 14.03 -60.87 62.99
CA HIS B 171 14.37 -62.28 62.85
C HIS B 171 14.86 -62.55 61.44
N GLN B 172 15.91 -63.34 61.31
CA GLN B 172 16.41 -63.72 60.00
C GLN B 172 15.26 -64.18 59.12
N GLY B 173 15.25 -63.74 57.86
CA GLY B 173 14.27 -64.21 56.90
C GLY B 173 12.98 -63.41 56.82
N GLU B 174 12.74 -62.54 57.80
CA GLU B 174 11.51 -61.73 57.83
C GLU B 174 11.58 -60.61 56.80
N VAL B 175 10.47 -60.37 56.10
CA VAL B 175 10.41 -59.35 55.07
C VAL B 175 9.63 -58.11 55.51
N TYR B 176 10.15 -56.93 55.17
CA TYR B 176 9.48 -55.68 55.47
C TYR B 176 9.16 -54.91 54.20
N THR B 177 8.34 -53.89 54.32
CA THR B 177 7.90 -53.13 53.16
C THR B 177 7.50 -51.72 53.54
N CYS B 178 8.06 -50.75 52.82
CA CYS B 178 7.67 -49.35 52.95
C CYS B 178 6.73 -49.12 51.79
N HIS B 179 5.46 -48.85 52.09
CA HIS B 179 4.45 -48.71 51.05
C HIS B 179 4.02 -47.26 50.90
N VAL B 180 4.43 -46.63 49.80
CA VAL B 180 4.17 -45.20 49.58
C VAL B 180 3.19 -44.93 48.45
N GLU B 181 2.18 -44.12 48.74
CA GLU B 181 1.17 -43.76 47.75
C GLU B 181 1.20 -42.27 47.50
N HIS B 182 1.32 -41.90 46.23
CA HIS B 182 1.44 -40.50 45.86
C HIS B 182 0.73 -40.29 44.53
N PRO B 183 0.36 -39.03 44.22
CA PRO B 183 -0.29 -38.72 42.95
C PRO B 183 0.66 -38.89 41.77
N SER B 184 1.96 -38.73 42.00
CA SER B 184 2.94 -38.83 40.92
C SER B 184 3.17 -40.27 40.49
N LEU B 185 2.59 -41.21 41.24
CA LEU B 185 2.79 -42.64 41.00
C LEU B 185 1.48 -43.34 40.64
N LYS B 186 1.46 -43.96 39.46
CA LYS B 186 0.30 -44.74 39.04
C LYS B 186 0.23 -45.99 39.91
N SER B 187 1.39 -46.64 40.04
CA SER B 187 1.52 -47.84 40.86
C SER B 187 2.33 -47.52 42.11
N PRO B 188 1.72 -47.71 43.29
CA PRO B 188 2.34 -47.45 44.60
C PRO B 188 3.76 -47.97 44.70
N ILE B 189 4.63 -47.19 45.33
CA ILE B 189 6.01 -47.59 45.55
C ILE B 189 6.11 -48.59 46.69
N THR B 190 7.03 -49.55 46.56
CA THR B 190 7.33 -50.48 47.64
C THR B 190 8.82 -50.81 47.72
N VAL B 191 9.35 -50.78 48.92
CA VAL B 191 10.76 -51.08 49.15
C VAL B 191 10.90 -52.09 50.28
N GLU B 192 11.66 -53.14 50.01
CA GLU B 192 11.79 -54.25 50.96
C GLU B 192 13.15 -54.32 51.64
N TRP B 193 13.20 -55.03 52.76
CA TRP B 193 14.39 -55.07 53.60
C TRP B 193 14.43 -56.35 54.44
N SER B 194 15.59 -57.02 54.44
CA SER B 194 15.78 -58.26 55.18
C SER B 194 16.87 -58.15 56.24
N GLY C 1 0.87 -13.93 22.29
CA GLY C 1 -0.25 -13.72 23.20
C GLY C 1 -0.20 -14.66 24.40
N ALA C 2 0.92 -14.65 25.11
CA ALA C 2 1.10 -15.49 26.29
C ALA C 2 0.61 -14.80 27.56
N MET C 3 -0.45 -15.35 28.16
CA MET C 3 -1.02 -14.81 29.40
C MET C 3 0.08 -14.54 30.41
N LYS C 4 -0.10 -13.52 31.23
CA LYS C 4 0.88 -13.23 32.26
C LYS C 4 0.26 -13.12 33.64
N ARG C 5 1.11 -12.82 34.63
CA ARG C 5 0.74 -12.94 36.02
C ARG C 5 0.46 -11.57 36.60
N HIS C 6 -0.61 -11.48 37.37
CA HIS C 6 -1.01 -10.24 38.03
C HIS C 6 -0.59 -10.27 39.49
N GLY C 7 -0.56 -9.11 40.14
CA GLY C 7 -0.08 -9.08 41.50
C GLY C 7 -0.67 -8.02 42.39
N LEU C 8 -1.78 -8.35 43.06
CA LEU C 8 -2.43 -7.53 44.10
C LEU C 8 -1.72 -6.23 44.47
N ASP C 9 -2.43 -5.11 44.39
CA ASP C 9 -1.83 -3.81 44.61
C ASP C 9 -1.96 -3.34 46.05
N ASN C 10 -0.96 -2.61 46.54
CA ASN C 10 -1.06 -1.97 47.84
C ASN C 10 -1.11 -0.45 47.73
N TYR C 11 -2.13 0.14 48.35
CA TYR C 11 -2.49 1.54 48.11
C TYR C 11 -1.95 2.55 49.13
N ARG C 12 -1.80 3.81 48.70
CA ARG C 12 -1.35 4.89 49.58
C ARG C 12 -2.51 5.42 50.42
N GLY C 13 -2.22 5.79 51.66
CA GLY C 13 -3.22 6.39 52.54
C GLY C 13 -3.02 7.89 52.58
N TYR C 14 -4.08 8.62 52.89
CA TYR C 14 -4.02 10.08 52.84
C TYR C 14 -2.81 10.64 53.59
N SER C 15 -2.14 11.63 53.01
CA SER C 15 -0.95 12.21 53.63
C SER C 15 -1.01 13.72 53.77
N LEU C 16 -1.07 14.41 52.63
CA LEU C 16 -0.99 15.87 52.58
C LEU C 16 0.46 16.35 52.63
N GLY C 17 1.10 16.46 51.46
CA GLY C 17 2.49 16.87 51.39
C GLY C 17 3.46 15.69 51.23
N MET D 2 -3.35 -7.51 19.95
CA MET D 2 -4.25 -6.37 20.15
C MET D 2 -4.92 -6.43 21.51
N PRO D 3 -4.49 -5.55 22.41
CA PRO D 3 -5.01 -5.50 23.77
C PRO D 3 -6.48 -5.09 23.79
N VAL D 4 -6.77 -3.88 23.30
CA VAL D 4 -8.13 -3.35 23.33
C VAL D 4 -8.72 -3.20 21.92
N GLU D 5 -10.04 -3.34 21.82
CA GLU D 5 -10.73 -3.33 20.54
C GLU D 5 -12.01 -2.49 20.62
N GLN D 6 -12.01 -1.35 19.94
CA GLN D 6 -13.18 -0.48 19.94
C GLN D 6 -14.04 -0.67 18.69
N ASN D 7 -15.35 -0.83 18.90
CA ASN D 7 -16.29 -1.05 17.80
C ASN D 7 -17.64 -0.40 18.07
N PRO D 8 -18.19 0.32 17.06
CA PRO D 8 -17.67 0.52 15.71
C PRO D 8 -16.51 1.51 15.66
N PRO D 9 -15.90 1.73 14.48
CA PRO D 9 -14.83 2.73 14.38
C PRO D 9 -15.39 4.16 14.30
N ALA D 10 -16.65 4.26 13.86
CA ALA D 10 -17.36 5.54 13.79
C ALA D 10 -18.80 5.24 13.45
N LEU D 11 -19.74 6.04 13.99
CA LEU D 11 -21.15 5.80 13.71
C LEU D 11 -22.02 7.04 13.54
N SER D 12 -23.13 6.85 12.84
CA SER D 12 -24.09 7.92 12.58
C SER D 12 -25.31 7.72 13.46
N LEU D 13 -26.11 8.77 13.62
CA LEU D 13 -27.31 8.71 14.45
C LEU D 13 -28.19 9.92 14.22
N TYR D 14 -29.40 9.88 14.73
CA TYR D 14 -30.27 11.05 14.71
C TYR D 14 -30.67 11.38 16.13
N GLU D 15 -31.40 12.47 16.32
CA GLU D 15 -31.87 12.84 17.65
C GLU D 15 -32.65 11.68 18.28
N GLY D 16 -32.73 11.66 19.59
CA GLY D 16 -33.51 10.66 20.31
C GLY D 16 -33.06 9.21 20.20
N ALA D 17 -32.48 8.83 19.07
CA ALA D 17 -32.12 7.43 18.79
C ALA D 17 -30.93 6.93 19.63
N ASP D 18 -30.96 5.64 19.93
CA ASP D 18 -29.97 5.03 20.83
C ASP D 18 -28.92 4.23 20.07
N SER D 19 -27.87 3.87 20.79
CA SER D 19 -26.83 3.01 20.22
C SER D 19 -25.82 2.61 21.29
N GLY D 20 -25.06 1.56 21.00
CA GLY D 20 -24.05 1.04 21.93
C GLY D 20 -22.67 0.94 21.31
N LEU D 21 -21.66 0.86 22.17
CA LEU D 21 -20.27 0.76 21.72
C LEU D 21 -19.52 -0.38 22.42
N ARG D 22 -19.05 -1.34 21.64
CA ARG D 22 -18.36 -2.51 22.19
C ARG D 22 -16.86 -2.28 22.43
N CYS D 23 -16.32 -2.95 23.43
CA CYS D 23 -14.89 -2.90 23.70
C CYS D 23 -14.39 -4.25 24.23
N ASN D 24 -13.81 -5.06 23.35
CA ASN D 24 -13.34 -6.40 23.70
C ASN D 24 -11.83 -6.41 23.97
N PHE D 25 -11.41 -7.04 25.07
CA PHE D 25 -10.01 -7.10 25.46
C PHE D 25 -9.42 -8.50 25.30
N SER D 26 -8.10 -8.60 25.38
CA SER D 26 -7.40 -9.87 25.18
C SER D 26 -7.14 -10.61 26.50
N THR D 27 -6.86 -9.88 27.57
CA THR D 27 -6.68 -10.50 28.88
C THR D 27 -7.62 -9.92 29.93
N THR D 28 -7.31 -10.18 31.19
CA THR D 28 -8.10 -9.64 32.28
C THR D 28 -7.53 -8.27 32.68
N MET D 29 -8.37 -7.24 32.61
CA MET D 29 -7.97 -5.88 32.93
C MET D 29 -8.60 -5.48 34.25
N LYS D 30 -7.83 -4.78 35.08
CA LYS D 30 -8.27 -4.41 36.43
C LYS D 30 -9.41 -3.39 36.48
N SER D 31 -9.21 -2.21 35.87
CA SER D 31 -10.29 -1.23 35.77
C SER D 31 -10.36 -0.62 34.37
N VAL D 32 -11.57 -0.33 33.92
CA VAL D 32 -11.75 0.33 32.64
C VAL D 32 -12.17 1.77 32.90
N GLN D 33 -12.13 2.60 31.87
CA GLN D 33 -12.47 4.00 32.01
C GLN D 33 -12.91 4.53 30.66
N TRP D 34 -14.11 5.09 30.58
CA TRP D 34 -14.67 5.58 29.31
C TRP D 34 -14.55 7.07 29.15
N PHE D 35 -14.06 7.52 28.00
CA PHE D 35 -13.81 8.94 27.75
C PHE D 35 -14.61 9.46 26.57
N GLN D 36 -14.46 10.75 26.30
CA GLN D 36 -14.96 11.31 25.05
C GLN D 36 -14.25 12.61 24.68
N GLN D 37 -13.55 12.58 23.56
CA GLN D 37 -12.82 13.74 23.12
C GLN D 37 -13.72 14.65 22.32
N ASN D 38 -13.95 15.87 22.82
CA ASN D 38 -14.85 16.79 22.13
C ASN D 38 -14.25 17.34 20.84
N HIS D 39 -14.86 18.41 20.33
CA HIS D 39 -14.41 19.06 19.11
C HIS D 39 -13.16 19.88 19.39
N ARG D 40 -13.04 20.39 20.61
CA ARG D 40 -11.88 21.16 21.01
C ARG D 40 -10.61 20.33 21.00
N GLY D 41 -10.71 19.10 21.48
CA GLY D 41 -9.57 18.20 21.61
C GLY D 41 -9.27 17.82 23.05
N ARG D 42 -10.26 18.00 23.91
CA ARG D 42 -10.10 17.74 25.33
C ARG D 42 -10.82 16.47 25.78
N LEU D 43 -10.13 15.68 26.60
CA LEU D 43 -10.61 14.38 27.05
C LEU D 43 -11.46 14.50 28.31
N ILE D 44 -12.71 14.04 28.23
CA ILE D 44 -13.59 14.13 29.38
C ILE D 44 -14.07 12.76 29.88
N THR D 45 -13.73 12.43 31.12
CA THR D 45 -14.06 11.13 31.69
C THR D 45 -15.55 11.01 31.85
N LEU D 46 -16.10 9.90 31.39
CA LEU D 46 -17.52 9.66 31.54
C LEU D 46 -17.74 8.63 32.64
N PHE D 47 -16.94 7.57 32.61
CA PHE D 47 -17.09 6.47 33.55
C PHE D 47 -15.76 5.90 34.01
N TYR D 48 -15.71 5.51 35.27
CA TYR D 48 -14.62 4.68 35.77
C TYR D 48 -15.24 3.45 36.40
N LEU D 49 -14.99 2.28 35.81
CA LEU D 49 -15.58 1.03 36.28
C LEU D 49 -14.53 0.07 36.81
N ALA D 50 -14.85 -0.61 37.90
CA ALA D 50 -14.04 -1.71 38.36
C ALA D 50 -14.80 -3.00 38.12
N GLN D 51 -16.13 -2.91 38.18
CA GLN D 51 -16.99 -4.05 37.92
C GLN D 51 -18.44 -3.64 37.70
N GLY D 52 -19.24 -4.59 37.22
CA GLY D 52 -20.66 -4.38 37.09
C GLY D 52 -21.03 -3.30 36.10
N THR D 53 -21.93 -2.41 36.52
CA THR D 53 -22.43 -1.36 35.64
C THR D 53 -22.64 -0.06 36.39
N LYS D 54 -22.59 1.05 35.65
CA LYS D 54 -22.93 2.37 36.18
C LYS D 54 -23.85 3.11 35.21
N GLU D 55 -24.51 4.13 35.72
CA GLU D 55 -25.37 4.95 34.86
C GLU D 55 -25.30 6.42 35.25
N ASN D 56 -25.25 7.26 34.24
CA ASN D 56 -25.20 8.71 34.45
C ASN D 56 -26.12 9.46 33.48
N GLY D 57 -27.35 9.68 33.91
CA GLY D 57 -28.30 10.42 33.09
C GLY D 57 -28.68 9.64 31.85
N ARG D 58 -28.23 10.12 30.69
CA ARG D 58 -28.59 9.50 29.41
C ARG D 58 -27.60 8.43 29.00
N LEU D 59 -26.64 8.17 29.88
CA LEU D 59 -25.55 7.24 29.59
C LEU D 59 -25.46 6.11 30.61
N LYS D 60 -24.96 4.96 30.15
CA LYS D 60 -24.91 3.78 30.98
C LYS D 60 -23.87 2.83 30.40
N SER D 61 -23.05 2.26 31.27
CA SER D 61 -21.96 1.41 30.83
C SER D 61 -21.83 0.19 31.74
N THR D 62 -21.16 -0.85 31.25
CA THR D 62 -20.98 -2.07 32.03
C THR D 62 -19.58 -2.60 31.81
N PHE D 63 -19.14 -3.48 32.70
CA PHE D 63 -17.79 -4.02 32.65
C PHE D 63 -17.71 -5.43 33.22
N ASN D 64 -17.19 -6.37 32.43
CA ASN D 64 -16.98 -7.73 32.90
C ASN D 64 -15.56 -8.21 32.63
N SER D 65 -14.76 -8.22 33.69
CA SER D 65 -13.35 -8.58 33.59
C SER D 65 -13.20 -9.98 33.04
N LYS D 66 -14.01 -10.89 33.60
CA LYS D 66 -13.96 -12.30 33.27
C LYS D 66 -14.31 -12.59 31.82
N GLU D 67 -15.31 -11.90 31.29
CA GLU D 67 -15.71 -12.11 29.90
C GLU D 67 -15.03 -11.15 28.93
N ARG D 68 -14.12 -10.33 29.45
CA ARG D 68 -13.25 -9.49 28.62
C ARG D 68 -13.99 -8.55 27.66
N TYR D 69 -14.79 -7.63 28.20
CA TYR D 69 -15.51 -6.69 27.37
C TYR D 69 -16.11 -5.58 28.23
N SER D 70 -16.55 -4.51 27.57
CA SER D 70 -17.14 -3.36 28.23
C SER D 70 -17.96 -2.56 27.24
N THR D 71 -19.18 -2.18 27.63
CA THR D 71 -20.08 -1.52 26.70
C THR D 71 -20.42 -0.12 27.14
N LEU D 72 -20.91 0.67 26.19
CA LEU D 72 -21.39 2.02 26.48
C LEU D 72 -22.64 2.25 25.65
N HIS D 73 -23.78 2.33 26.33
CA HIS D 73 -25.04 2.54 25.65
C HIS D 73 -25.55 3.96 25.90
N ILE D 74 -25.79 4.68 24.81
CA ILE D 74 -26.28 6.03 24.88
C ILE D 74 -27.75 6.08 24.46
N LYS D 75 -28.59 6.63 25.33
CA LYS D 75 -30.01 6.73 25.04
C LYS D 75 -30.44 8.17 24.85
N ASP D 76 -31.24 8.41 23.82
CA ASP D 76 -31.66 9.74 23.43
C ASP D 76 -30.46 10.58 22.99
N ALA D 77 -30.04 10.40 21.75
CA ALA D 77 -28.89 11.13 21.23
C ALA D 77 -29.18 12.61 21.06
N GLN D 78 -28.24 13.44 21.47
CA GLN D 78 -28.35 14.88 21.29
C GLN D 78 -27.27 15.34 20.34
N LEU D 79 -27.18 16.64 20.12
CA LEU D 79 -26.12 17.19 19.28
C LEU D 79 -24.80 17.18 20.04
N GLU D 80 -24.81 17.80 21.22
CA GLU D 80 -23.61 17.91 22.04
C GLU D 80 -22.95 16.55 22.25
N ASP D 81 -23.67 15.48 21.90
CA ASP D 81 -23.16 14.15 22.13
C ASP D 81 -22.23 13.68 21.02
N SER D 82 -21.93 14.56 20.08
CA SER D 82 -20.97 14.20 19.03
C SER D 82 -19.57 14.15 19.63
N GLY D 83 -18.59 13.90 18.78
CA GLY D 83 -17.21 13.78 19.25
C GLY D 83 -16.83 12.33 19.34
N THR D 84 -15.54 12.05 19.41
CA THR D 84 -15.04 10.68 19.46
C THR D 84 -15.17 10.13 20.86
N TYR D 85 -15.15 8.80 20.99
CA TYR D 85 -15.25 8.13 22.29
C TYR D 85 -14.16 7.08 22.49
N PHE D 86 -13.62 7.04 23.71
CA PHE D 86 -12.50 6.18 24.06
C PHE D 86 -12.79 5.35 25.28
N CYS D 87 -12.42 4.07 25.25
CA CYS D 87 -12.31 3.33 26.49
C CYS D 87 -10.85 3.03 26.70
N ALA D 88 -10.38 3.26 27.92
CA ALA D 88 -9.04 2.87 28.29
C ALA D 88 -9.23 1.74 29.25
N ALA D 89 -8.26 0.82 29.29
CA ALA D 89 -8.31 -0.30 30.23
C ALA D 89 -6.98 -0.41 30.94
N GLU D 90 -7.00 -0.87 32.19
CA GLU D 90 -5.78 -0.94 32.97
C GLU D 90 -5.14 -2.32 32.83
N ASP D 91 -3.82 -2.37 32.82
CA ASP D 91 -3.12 -3.61 32.48
C ASP D 91 -2.92 -4.57 33.64
N GLY D 92 -2.20 -4.13 34.66
CA GLY D 92 -1.90 -4.99 35.80
C GLY D 92 -0.90 -6.10 35.49
N GLY D 93 -0.94 -6.58 34.25
CA GLY D 93 -0.04 -7.64 33.82
C GLY D 93 1.30 -7.09 33.37
N SER D 94 1.26 -6.16 32.40
CA SER D 94 2.47 -5.51 31.90
C SER D 94 2.57 -4.07 32.42
N GLY D 95 3.09 -3.90 33.65
CA GLY D 95 2.95 -2.64 34.35
C GLY D 95 1.46 -2.55 34.56
N ASN D 96 0.93 -1.41 34.95
CA ASN D 96 -0.50 -1.20 34.80
C ASN D 96 -0.80 -0.03 33.87
N LYS D 97 -0.32 -0.18 32.64
CA LYS D 97 -0.50 0.82 31.60
C LYS D 97 -1.98 1.12 31.45
N LEU D 98 -2.27 2.26 30.85
CA LEU D 98 -3.59 2.51 30.29
C LEU D 98 -3.54 2.23 28.79
N ILE D 99 -4.43 1.36 28.34
CA ILE D 99 -4.54 0.98 26.94
C ILE D 99 -5.82 1.54 26.32
N PHE D 100 -5.67 2.55 25.48
CA PHE D 100 -6.82 3.19 24.84
C PHE D 100 -7.20 2.51 23.54
N GLY D 101 -8.47 2.57 23.19
CA GLY D 101 -8.95 2.01 21.95
C GLY D 101 -8.65 2.90 20.75
N THR D 102 -9.21 2.55 19.59
CA THR D 102 -8.98 3.34 18.38
C THR D 102 -10.11 4.32 18.10
N GLY D 103 -10.71 4.86 19.17
CA GLY D 103 -11.74 5.89 19.05
C GLY D 103 -12.93 5.46 18.21
N THR D 104 -14.06 6.14 18.41
CA THR D 104 -15.30 5.86 17.66
C THR D 104 -16.05 7.15 17.37
N LEU D 105 -15.80 7.72 16.19
CA LEU D 105 -16.37 9.02 15.85
C LEU D 105 -17.89 9.01 15.85
N LEU D 106 -18.49 9.67 16.82
CA LEU D 106 -19.93 9.75 16.90
C LEU D 106 -20.49 10.98 16.19
N SER D 107 -21.39 10.75 15.23
CA SER D 107 -22.02 11.83 14.47
C SER D 107 -23.53 11.83 14.67
N VAL D 108 -24.05 12.85 15.35
CA VAL D 108 -25.47 12.92 15.68
C VAL D 108 -26.24 13.89 14.79
N LYS D 109 -26.81 13.35 13.70
CA LYS D 109 -27.58 14.11 12.70
C LYS D 109 -28.84 14.77 13.29
N PRO D 110 -29.29 15.88 12.67
CA PRO D 110 -30.29 16.77 13.26
C PRO D 110 -31.75 16.33 13.07
N ASN D 111 -32.05 15.58 12.02
CA ASN D 111 -33.44 15.25 11.73
C ASN D 111 -34.22 16.48 11.31
N ILE D 112 -34.03 16.89 10.05
CA ILE D 112 -34.71 18.05 9.50
C ILE D 112 -36.13 17.70 9.06
N GLN D 113 -37.05 18.63 9.28
CA GLN D 113 -38.45 18.38 8.97
C GLN D 113 -38.94 19.17 7.75
N ASN D 114 -38.48 20.42 7.63
CA ASN D 114 -38.82 21.26 6.49
C ASN D 114 -37.58 21.66 5.69
N PRO D 115 -37.04 20.71 4.91
CA PRO D 115 -35.82 20.92 4.12
C PRO D 115 -36.05 21.91 2.99
N GLU D 116 -35.29 23.00 2.98
CA GLU D 116 -35.40 23.99 1.91
C GLU D 116 -34.08 24.14 1.16
N PRO D 117 -33.57 23.04 0.59
CA PRO D 117 -32.23 23.02 -0.02
C PRO D 117 -31.97 24.23 -0.89
N ALA D 118 -31.27 25.23 -0.37
CA ALA D 118 -30.94 26.43 -1.13
C ALA D 118 -29.44 26.57 -1.35
N VAL D 119 -29.06 27.40 -2.31
CA VAL D 119 -27.67 27.76 -2.53
C VAL D 119 -27.58 29.25 -2.78
N TYR D 120 -26.58 29.91 -2.18
CA TYR D 120 -26.43 31.35 -2.29
C TYR D 120 -25.02 31.67 -2.65
N GLN D 121 -24.82 32.80 -3.33
CA GLN D 121 -23.49 33.31 -3.51
C GLN D 121 -23.27 34.45 -2.55
N LEU D 122 -22.15 34.41 -1.86
CA LEU D 122 -21.78 35.47 -0.95
C LEU D 122 -20.54 36.18 -1.49
N LYS D 123 -20.38 37.45 -1.16
CA LYS D 123 -19.24 38.22 -1.67
C LYS D 123 -18.44 38.92 -0.57
N ASP D 124 -17.13 39.01 -0.78
CA ASP D 124 -16.21 39.63 0.17
C ASP D 124 -16.10 41.13 -0.11
N PRO D 125 -16.76 41.95 0.73
CA PRO D 125 -16.78 43.40 0.52
C PRO D 125 -15.39 44.01 0.48
N ARG D 126 -14.35 43.24 0.82
CA ARG D 126 -12.99 43.77 0.85
C ARG D 126 -12.09 43.08 -0.16
N SER D 127 -12.70 42.56 -1.21
CA SER D 127 -12.00 41.95 -2.33
C SER D 127 -12.99 41.70 -3.44
N GLN D 128 -12.81 42.41 -4.55
CA GLN D 128 -13.78 42.37 -5.65
C GLN D 128 -14.08 40.97 -6.21
N ASP D 129 -13.03 40.25 -6.59
CA ASP D 129 -13.22 38.97 -7.27
C ASP D 129 -13.56 37.81 -6.34
N SER D 130 -13.81 38.13 -5.08
CA SER D 130 -14.06 37.08 -4.11
C SER D 130 -15.53 36.68 -4.08
N THR D 131 -15.76 35.41 -4.39
CA THR D 131 -17.10 34.86 -4.47
C THR D 131 -17.12 33.50 -3.81
N LEU D 132 -18.21 33.20 -3.10
CA LEU D 132 -18.28 32.01 -2.27
C LEU D 132 -19.71 31.48 -2.24
N CYS D 133 -19.85 30.17 -2.12
CA CYS D 133 -21.15 29.52 -2.29
C CYS D 133 -21.59 28.67 -1.11
N LEU D 134 -22.63 29.11 -0.42
CA LEU D 134 -23.14 28.40 0.75
C LEU D 134 -24.43 27.65 0.46
N PHE D 135 -24.40 26.35 0.73
CA PHE D 135 -25.48 25.43 0.44
C PHE D 135 -26.19 25.06 1.73
N THR D 136 -27.35 25.63 1.97
CA THR D 136 -27.93 25.53 3.31
C THR D 136 -29.29 24.82 3.42
N ASP D 137 -29.80 24.82 4.64
CA ASP D 137 -31.10 24.24 5.00
C ASP D 137 -31.44 22.81 4.58
N PHE D 138 -30.56 22.14 3.84
CA PHE D 138 -30.89 20.79 3.37
C PHE D 138 -31.02 19.73 4.48
N ASP D 139 -31.42 18.52 4.07
CA ASP D 139 -31.77 17.47 5.03
C ASP D 139 -30.57 16.59 5.38
N SER D 140 -30.65 15.97 6.56
CA SER D 140 -29.59 15.12 7.09
C SER D 140 -29.17 14.03 6.11
N GLN D 141 -30.16 13.27 5.62
CA GLN D 141 -29.90 12.11 4.79
C GLN D 141 -28.94 12.35 3.63
N ILE D 142 -29.17 13.42 2.87
CA ILE D 142 -28.48 13.63 1.60
C ILE D 142 -26.98 13.89 1.70
N ASN D 143 -26.24 13.20 0.84
CA ASN D 143 -24.80 13.29 0.81
C ASN D 143 -24.31 14.46 -0.03
N VAL D 144 -23.45 15.28 0.56
CA VAL D 144 -22.89 16.46 -0.10
C VAL D 144 -21.83 16.09 -1.13
N PRO D 145 -21.98 16.62 -2.35
CA PRO D 145 -21.02 16.44 -3.44
C PRO D 145 -19.57 16.60 -2.99
N LYS D 146 -18.67 15.99 -3.75
CA LYS D 146 -17.24 16.02 -3.45
C LYS D 146 -16.50 16.72 -4.56
N THR D 147 -15.41 17.39 -4.24
CA THR D 147 -14.61 18.06 -5.25
C THR D 147 -13.57 17.11 -5.82
N MET D 148 -13.36 17.19 -7.12
CA MET D 148 -12.41 16.33 -7.82
C MET D 148 -11.41 17.16 -8.62
N GLU D 149 -11.79 18.38 -8.95
CA GLU D 149 -10.93 19.25 -9.75
C GLU D 149 -10.01 20.08 -8.88
N SER D 150 -9.00 20.68 -9.52
CA SER D 150 -8.06 21.53 -8.81
C SER D 150 -8.51 22.99 -8.89
N GLY D 151 -8.29 23.72 -7.80
CA GLY D 151 -8.67 25.11 -7.74
C GLY D 151 -10.07 25.25 -7.16
N THR D 152 -10.87 24.21 -7.32
CA THR D 152 -12.22 24.19 -6.77
C THR D 152 -12.19 23.35 -5.50
N PHE D 153 -12.75 23.88 -4.42
CA PHE D 153 -12.73 23.16 -3.15
C PHE D 153 -14.10 23.16 -2.49
N ILE D 154 -14.41 22.09 -1.78
CA ILE D 154 -15.70 21.94 -1.10
C ILE D 154 -15.53 21.32 0.28
N THR D 155 -16.33 21.80 1.23
CA THR D 155 -16.26 21.34 2.60
C THR D 155 -17.34 20.31 2.87
N ASP D 156 -17.15 19.53 3.94
CA ASP D 156 -18.14 18.53 4.33
C ASP D 156 -19.29 19.18 5.08
N LYS D 157 -20.35 18.43 5.30
CA LYS D 157 -21.59 19.02 5.79
C LYS D 157 -21.60 19.33 7.28
N CYS D 158 -21.17 20.55 7.62
CA CYS D 158 -21.19 21.03 8.98
C CYS D 158 -22.62 21.43 9.36
N VAL D 159 -22.98 21.19 10.62
CA VAL D 159 -24.34 21.38 11.09
C VAL D 159 -24.40 22.38 12.21
N LEU D 160 -25.41 23.25 12.21
CA LEU D 160 -25.49 24.24 13.29
C LEU D 160 -26.85 24.29 13.99
N ASP D 161 -26.96 25.17 14.99
CA ASP D 161 -28.19 25.27 15.78
C ASP D 161 -28.33 26.59 16.51
N MET D 162 -29.39 27.32 16.19
CA MET D 162 -29.71 28.57 16.85
C MET D 162 -30.63 28.31 18.03
N LYS D 163 -30.50 29.10 19.09
CA LYS D 163 -31.24 28.86 20.31
C LYS D 163 -32.75 29.10 20.17
N ALA D 164 -33.15 29.80 19.12
CA ALA D 164 -34.56 30.14 18.92
C ALA D 164 -35.48 28.94 19.05
N MET D 165 -35.75 28.28 17.93
CA MET D 165 -36.60 27.09 17.96
C MET D 165 -36.21 26.10 16.87
N ASP D 166 -35.94 24.86 17.29
CA ASP D 166 -35.49 23.79 16.38
C ASP D 166 -34.73 24.32 15.18
N SER D 167 -33.79 25.22 15.42
CA SER D 167 -33.17 25.95 14.33
C SER D 167 -31.98 25.21 13.71
N LYS D 168 -31.91 23.91 13.95
CA LYS D 168 -30.86 23.05 13.40
C LYS D 168 -30.87 23.09 11.87
N SER D 169 -29.77 23.51 11.28
CA SER D 169 -29.64 23.62 9.83
C SER D 169 -28.34 23.01 9.37
N ASN D 170 -28.34 22.35 8.22
CA ASN D 170 -27.08 21.87 7.67
C ASN D 170 -26.46 22.92 6.77
N GLY D 171 -25.44 22.52 6.02
CA GLY D 171 -24.80 23.43 5.09
C GLY D 171 -23.34 23.17 4.82
N ALA D 172 -22.94 23.28 3.55
CA ALA D 172 -21.55 23.16 3.17
C ALA D 172 -21.09 24.47 2.55
N ILE D 173 -19.90 24.48 1.97
CA ILE D 173 -19.30 25.70 1.44
C ILE D 173 -18.28 25.36 0.37
N ALA D 174 -18.14 26.22 -0.63
CA ALA D 174 -17.14 25.98 -1.68
C ALA D 174 -16.62 27.25 -2.31
N TRP D 175 -15.47 27.15 -2.94
CA TRP D 175 -14.84 28.29 -3.60
C TRP D 175 -13.88 27.81 -4.67
N SER D 176 -13.32 28.74 -5.44
CA SER D 176 -12.39 28.38 -6.49
C SER D 176 -11.51 29.54 -6.99
N ASN D 177 -10.34 29.17 -7.53
CA ASN D 177 -9.54 30.08 -8.33
C ASN D 177 -9.64 29.68 -9.79
N GLN D 178 -10.85 29.26 -10.18
CA GLN D 178 -11.14 28.83 -11.55
C GLN D 178 -12.02 29.87 -12.24
N THR D 179 -11.54 30.37 -13.38
CA THR D 179 -12.22 31.39 -14.19
C THR D 179 -13.30 32.15 -13.44
N SER D 180 -14.51 31.62 -13.51
CA SER D 180 -15.67 32.16 -12.80
C SER D 180 -16.86 31.27 -13.11
N PHE D 181 -17.03 30.22 -12.31
CA PHE D 181 -18.01 29.20 -12.64
C PHE D 181 -19.09 28.95 -11.59
N THR D 182 -20.29 29.43 -11.93
CA THR D 182 -21.46 29.52 -11.05
C THR D 182 -21.66 28.47 -9.97
N CYS D 183 -22.61 28.77 -9.10
CA CYS D 183 -22.86 27.98 -7.91
C CYS D 183 -23.65 26.71 -8.16
N GLN D 184 -24.05 26.48 -9.41
CA GLN D 184 -24.65 25.20 -9.76
C GLN D 184 -23.67 24.49 -10.68
N ASP D 185 -22.68 25.25 -11.15
CA ASP D 185 -21.65 24.75 -12.05
C ASP D 185 -20.77 23.70 -11.38
N ILE D 186 -20.79 23.66 -10.06
CA ILE D 186 -20.01 22.67 -9.32
C ILE D 186 -20.86 21.87 -8.35
N PHE D 187 -21.93 22.50 -7.84
CA PHE D 187 -22.85 21.82 -6.93
C PHE D 187 -23.81 20.90 -7.68
N LYS D 188 -24.20 21.31 -8.88
CA LYS D 188 -25.14 20.57 -9.74
C LYS D 188 -25.97 19.45 -9.08
N GLU D 189 -25.33 18.41 -8.56
CA GLU D 189 -26.08 17.34 -7.89
C GLU D 189 -26.85 17.82 -6.67
N THR D 190 -27.77 18.77 -6.89
CA THR D 190 -28.46 19.43 -5.78
C THR D 190 -29.88 19.89 -6.10
N ASN D 191 -30.26 21.04 -5.53
CA ASN D 191 -31.60 21.61 -5.71
C ASN D 191 -31.66 23.14 -5.85
N ALA D 192 -32.68 23.74 -5.25
CA ALA D 192 -33.04 25.14 -5.48
C ALA D 192 -31.85 26.08 -5.54
N THR D 193 -31.95 27.15 -6.32
CA THR D 193 -30.88 28.13 -6.45
C THR D 193 -31.48 29.51 -6.69
N ALA E 3 -3.94 21.23 39.80
CA ALA E 3 -4.42 20.59 38.58
C ALA E 3 -3.36 20.65 37.49
N VAL E 4 -3.51 19.78 36.48
CA VAL E 4 -2.49 19.58 35.46
C VAL E 4 -2.49 20.64 34.36
N THR E 5 -1.33 21.24 34.12
CA THR E 5 -1.23 22.30 33.12
C THR E 5 0.07 22.17 32.34
N GLN E 6 -0.05 22.08 31.02
CA GLN E 6 1.12 21.89 30.18
C GLN E 6 1.53 23.19 29.50
N SER E 7 2.72 23.19 28.91
CA SER E 7 3.18 24.28 28.09
C SER E 7 4.49 23.85 27.47
N PRO E 8 4.73 24.23 26.22
CA PRO E 8 3.82 25.03 25.40
C PRO E 8 2.50 24.33 25.10
N ARG E 9 1.44 25.10 24.98
CA ARG E 9 0.14 24.58 24.61
C ARG E 9 0.08 24.34 23.10
N SER E 10 1.15 24.75 22.42
CA SER E 10 1.32 24.51 21.00
C SER E 10 2.70 24.97 20.55
N LYS E 11 3.32 24.21 19.64
CA LYS E 11 4.67 24.53 19.22
C LYS E 11 4.91 24.09 17.80
N VAL E 12 5.77 24.83 17.11
CA VAL E 12 6.16 24.53 15.73
C VAL E 12 7.68 24.45 15.70
N ALA E 13 8.23 23.35 15.22
CA ALA E 13 9.67 23.16 15.28
C ALA E 13 10.27 22.60 14.00
N VAL E 14 11.47 23.05 13.69
CA VAL E 14 12.22 22.53 12.56
C VAL E 14 12.55 21.08 12.82
N THR E 15 12.66 20.27 11.77
CA THR E 15 13.16 18.92 11.95
C THR E 15 14.63 19.01 12.36
N GLY E 16 14.97 18.44 13.52
CA GLY E 16 16.33 18.44 14.00
C GLY E 16 16.54 19.37 15.18
N GLY E 17 15.45 19.82 15.80
CA GLY E 17 15.53 20.71 16.94
C GLY E 17 15.06 20.07 18.25
N LYS E 18 15.37 20.73 19.36
CA LYS E 18 15.00 20.21 20.67
C LYS E 18 13.72 20.85 21.17
N VAL E 19 12.65 20.08 21.13
CA VAL E 19 11.38 20.48 21.68
C VAL E 19 11.31 19.92 23.07
N THR E 20 10.86 20.74 24.01
CA THR E 20 10.82 20.33 25.41
C THR E 20 9.48 20.66 26.09
N LEU E 21 8.57 19.69 26.05
CA LEU E 21 7.27 19.87 26.64
C LEU E 21 7.39 19.73 28.14
N SER E 22 6.81 20.66 28.86
CA SER E 22 6.81 20.62 30.31
C SER E 22 5.42 20.31 30.78
N CYS E 23 5.32 19.86 32.02
CA CYS E 23 4.04 19.63 32.67
C CYS E 23 4.15 19.93 34.15
N HIS E 24 3.07 20.40 34.75
CA HIS E 24 3.10 20.78 36.14
C HIS E 24 1.73 20.61 36.78
N GLN E 25 1.68 19.86 37.87
CA GLN E 25 0.42 19.51 38.52
C GLN E 25 0.43 19.91 39.97
N THR E 26 -0.73 20.34 40.48
CA THR E 26 -0.82 20.68 41.89
C THR E 26 -1.82 19.81 42.64
N ASN E 27 -1.76 18.50 42.39
CA ASN E 27 -2.69 17.54 42.99
C ASN E 27 -1.97 16.63 43.96
N ASN E 28 -0.69 16.92 44.19
CA ASN E 28 0.14 16.04 45.00
C ASN E 28 -0.03 14.60 44.55
N HIS E 29 -0.05 14.38 43.24
CA HIS E 29 -0.13 13.02 42.71
C HIS E 29 1.26 12.50 42.43
N ASP E 30 1.47 11.23 42.76
CA ASP E 30 2.77 10.60 42.58
C ASP E 30 3.02 10.10 41.16
N TYR E 31 1.99 9.57 40.51
CA TYR E 31 2.10 9.12 39.13
C TYR E 31 1.90 10.27 38.16
N MET E 32 2.70 10.31 37.11
CA MET E 32 2.43 11.17 35.98
C MET E 32 2.67 10.39 34.71
N TYR E 33 2.00 10.78 33.63
CA TYR E 33 2.13 10.10 32.38
C TYR E 33 2.26 11.10 31.25
N TRP E 34 2.84 10.66 30.14
CA TRP E 34 2.84 11.40 28.89
C TRP E 34 2.35 10.53 27.76
N TYR E 35 1.23 10.89 27.16
CA TYR E 35 0.71 10.14 26.02
C TYR E 35 0.90 10.93 24.73
N ARG E 36 0.51 10.33 23.60
CA ARG E 36 0.42 11.05 22.35
C ARG E 36 -0.74 10.54 21.53
N GLN E 37 -1.45 11.45 20.88
CA GLN E 37 -2.63 11.08 20.10
C GLN E 37 -2.44 11.26 18.58
N ASP E 38 -2.46 10.13 17.86
CA ASP E 38 -2.20 10.15 16.44
C ASP E 38 -3.49 9.93 15.68
N THR E 39 -3.53 10.41 14.45
CA THR E 39 -4.63 10.18 13.52
C THR E 39 -5.71 9.30 14.15
N GLY E 40 -6.62 9.93 14.87
CA GLY E 40 -7.72 9.25 15.55
C GLY E 40 -7.60 7.75 15.73
N HIS E 41 -6.68 7.31 16.58
CA HIS E 41 -6.61 5.89 16.93
C HIS E 41 -6.09 5.67 18.36
N GLY E 42 -6.40 6.62 19.24
CA GLY E 42 -6.17 6.46 20.66
C GLY E 42 -4.90 7.11 21.14
N LEU E 43 -4.82 7.32 22.44
CA LEU E 43 -3.61 7.82 23.08
C LEU E 43 -2.70 6.65 23.45
N ARG E 44 -1.40 6.83 23.30
CA ARG E 44 -0.46 5.76 23.55
C ARG E 44 0.61 6.19 24.53
N LEU E 45 0.80 5.42 25.58
CA LEU E 45 1.73 5.79 26.63
C LEU E 45 3.15 5.90 26.09
N ILE E 46 3.92 6.86 26.60
CA ILE E 46 5.30 7.06 26.17
C ILE E 46 6.24 6.97 27.35
N HIS E 47 5.91 7.68 28.42
CA HIS E 47 6.67 7.59 29.67
C HIS E 47 5.75 7.80 30.88
N TYR E 48 6.02 7.08 31.97
CA TYR E 48 5.40 7.41 33.24
C TYR E 48 6.45 7.49 34.31
N SER E 49 6.03 7.81 35.53
CA SER E 49 6.96 8.06 36.60
C SER E 49 6.24 8.17 37.91
N TYR E 50 6.63 7.33 38.87
CA TYR E 50 5.94 7.24 40.16
C TYR E 50 6.86 7.48 41.35
N VAL E 51 8.01 8.10 41.10
CA VAL E 51 8.94 8.52 42.15
C VAL E 51 9.91 9.55 41.60
N ALA E 52 9.95 10.73 42.22
CA ALA E 52 10.80 11.81 41.71
C ALA E 52 12.15 11.28 41.22
N ASP E 53 12.55 11.72 40.03
CA ASP E 53 13.84 11.36 39.44
C ASP E 53 13.86 9.92 38.97
N SER E 54 12.67 9.36 38.73
CA SER E 54 12.53 8.04 38.14
C SER E 54 11.59 8.10 36.96
N THR E 55 12.12 7.84 35.78
CA THR E 55 11.31 7.73 34.58
C THR E 55 11.20 6.28 34.18
N GLU E 56 10.05 5.90 33.65
CA GLU E 56 9.84 4.52 33.26
C GLU E 56 9.24 4.47 31.87
N LYS E 57 9.78 3.60 31.02
CA LYS E 57 9.37 3.58 29.63
C LYS E 57 7.90 3.23 29.45
N GLY E 58 7.30 3.73 28.38
CA GLY E 58 5.92 3.46 28.05
C GLY E 58 5.89 2.48 26.90
N ASP E 59 4.88 2.53 26.06
CA ASP E 59 4.79 1.60 24.94
C ASP E 59 5.67 2.02 23.76
N ILE E 60 5.62 3.31 23.42
CA ILE E 60 6.41 3.85 22.32
C ILE E 60 7.39 4.92 22.76
N PRO E 61 8.35 4.58 23.63
CA PRO E 61 9.29 5.51 24.27
C PRO E 61 10.45 5.81 23.37
N ASP E 62 10.41 5.29 22.15
CA ASP E 62 11.51 5.41 21.21
C ASP E 62 11.58 6.83 20.67
N GLY E 63 12.68 7.51 20.97
CA GLY E 63 12.91 8.84 20.46
C GLY E 63 12.48 9.95 21.40
N TYR E 64 12.10 9.59 22.62
CA TYR E 64 11.73 10.56 23.66
C TYR E 64 12.54 10.35 24.94
N LYS E 65 12.75 11.41 25.70
CA LYS E 65 13.38 11.27 26.99
C LYS E 65 12.63 12.08 28.05
N ALA E 66 12.00 11.39 28.99
CA ALA E 66 11.25 12.06 30.03
C ALA E 66 12.14 12.45 31.20
N SER E 67 11.57 13.16 32.17
CA SER E 67 12.35 13.64 33.29
C SER E 67 11.44 14.18 34.39
N ARG E 68 11.44 13.51 35.54
CA ARG E 68 10.63 13.91 36.67
C ARG E 68 11.51 14.53 37.76
N PRO E 69 11.86 15.82 37.61
CA PRO E 69 12.66 16.55 38.61
C PRO E 69 12.01 16.53 39.98
N SER E 70 10.96 17.32 40.16
CA SER E 70 10.24 17.27 41.43
C SER E 70 9.00 16.43 41.28
N GLN E 71 8.09 16.56 42.23
CA GLN E 71 6.86 15.77 42.20
C GLN E 71 5.79 16.40 41.32
N GLU E 72 5.92 17.69 41.07
CA GLU E 72 4.89 18.43 40.35
C GLU E 72 5.20 18.52 38.87
N ASN E 73 6.46 18.27 38.50
CA ASN E 73 6.94 18.50 37.14
C ASN E 73 7.42 17.26 36.40
N PHE E 74 7.06 17.15 35.13
CA PHE E 74 7.40 15.97 34.33
C PHE E 74 7.54 16.39 32.87
N SER E 75 8.77 16.46 32.37
CA SER E 75 9.03 17.01 31.05
C SER E 75 9.26 15.93 30.04
N LEU E 76 8.72 16.12 28.84
CA LEU E 76 9.00 15.21 27.72
C LEU E 76 9.98 15.92 26.83
N ILE E 77 10.96 15.18 26.31
CA ILE E 77 12.02 15.77 25.50
C ILE E 77 12.28 14.98 24.22
N LEU E 78 12.18 15.68 23.09
CA LEU E 78 12.67 15.16 21.83
C LEU E 78 13.95 15.91 21.52
N GLU E 79 15.05 15.18 21.37
CA GLU E 79 16.34 15.84 21.16
C GLU E 79 16.52 16.19 19.69
N LEU E 80 16.02 15.32 18.83
CA LEU E 80 16.05 15.55 17.39
C LEU E 80 14.65 15.41 16.84
N ALA E 81 13.89 16.51 16.84
CA ALA E 81 12.51 16.49 16.39
C ALA E 81 12.43 15.81 15.04
N SER E 82 11.56 14.81 14.90
CA SER E 82 11.40 14.15 13.62
C SER E 82 10.11 14.61 12.96
N LEU E 83 9.87 14.13 11.75
CA LEU E 83 8.65 14.46 11.04
C LEU E 83 7.50 13.63 11.61
N SER E 84 7.81 12.40 11.98
CA SER E 84 6.81 11.47 12.46
C SER E 84 6.42 11.73 13.90
N GLN E 85 6.95 12.79 14.48
CA GLN E 85 6.64 13.11 15.87
C GLN E 85 5.68 14.25 15.98
N THR E 86 4.97 14.54 14.90
CA THR E 86 3.91 15.53 14.92
C THR E 86 2.67 14.92 15.51
N ALA E 87 2.21 15.44 16.65
CA ALA E 87 1.03 14.91 17.30
C ALA E 87 0.63 15.80 18.44
N VAL E 88 -0.36 15.35 19.22
CA VAL E 88 -0.87 16.10 20.38
C VAL E 88 -0.61 15.38 21.70
N TYR E 89 0.25 15.94 22.54
CA TYR E 89 0.75 15.25 23.71
C TYR E 89 0.04 15.59 25.01
N PHE E 90 -0.60 14.59 25.62
CA PHE E 90 -1.42 14.79 26.81
C PHE E 90 -0.74 14.37 28.09
N CYS E 91 -0.78 15.23 29.09
CA CYS E 91 -0.17 14.93 30.37
C CYS E 91 -1.26 14.58 31.34
N ALA E 92 -1.18 13.44 31.99
CA ALA E 92 -2.16 13.12 33.03
C ALA E 92 -1.41 12.69 34.28
N SER E 93 -2.02 12.85 35.44
CA SER E 93 -1.42 12.44 36.70
C SER E 93 -2.37 11.56 37.49
N SER E 94 -1.91 10.98 38.58
CA SER E 94 -2.79 10.26 39.49
C SER E 94 -2.14 9.87 40.80
N TRP E 95 -2.94 9.25 41.65
CA TRP E 95 -2.55 8.78 42.96
C TRP E 95 -3.84 8.13 43.37
N ASP E 96 -3.77 6.88 43.82
CA ASP E 96 -2.58 6.08 43.83
C ASP E 96 -2.51 5.48 42.45
N ARG E 97 -2.99 4.24 42.28
CA ARG E 97 -3.06 3.62 40.95
C ARG E 97 -4.36 3.96 40.24
N ALA E 98 -4.22 4.48 39.02
CA ALA E 98 -5.35 4.86 38.18
C ALA E 98 -6.51 3.88 38.28
N GLY E 99 -7.72 4.34 37.99
CA GLY E 99 -7.96 5.72 37.63
C GLY E 99 -8.74 6.38 38.74
N ASN E 100 -9.91 6.93 38.38
CA ASN E 100 -10.82 7.57 39.34
C ASN E 100 -10.18 8.77 40.05
N THR E 101 -8.88 8.93 39.84
CA THR E 101 -8.15 10.08 40.36
C THR E 101 -7.07 10.52 39.39
N LEU E 102 -7.02 9.94 38.20
CA LEU E 102 -6.15 10.49 37.18
C LEU E 102 -6.85 11.66 36.52
N TYR E 103 -6.11 12.74 36.30
CA TYR E 103 -6.67 13.95 35.74
C TYR E 103 -5.76 14.40 34.62
N PHE E 104 -6.31 14.53 33.42
CA PHE E 104 -5.54 14.81 32.20
C PHE E 104 -5.17 16.26 32.01
N GLY E 105 -4.21 16.50 31.13
CA GLY E 105 -3.84 17.85 30.77
C GLY E 105 -4.82 18.31 29.73
N GLU E 106 -4.40 19.24 28.87
CA GLU E 106 -5.30 19.86 27.91
C GLU E 106 -4.81 19.71 26.47
N GLY E 107 -3.81 18.87 26.28
CA GLY E 107 -3.24 18.64 24.95
C GLY E 107 -2.20 19.68 24.57
N SER E 108 -1.20 19.26 23.79
CA SER E 108 -0.18 20.17 23.28
C SER E 108 0.08 19.90 21.80
N ARG E 109 -0.55 20.66 20.91
CA ARG E 109 -0.38 20.41 19.48
C ARG E 109 1.03 20.77 19.04
N LEU E 110 1.80 19.75 18.68
CA LEU E 110 3.14 19.94 18.16
C LEU E 110 3.10 19.72 16.67
N ILE E 111 3.82 20.57 15.93
CA ILE E 111 3.93 20.43 14.49
C ILE E 111 5.38 20.63 14.08
N VAL E 112 5.88 19.73 13.24
CA VAL E 112 7.28 19.73 12.86
C VAL E 112 7.46 19.89 11.35
N VAL E 113 8.19 20.93 10.94
CA VAL E 113 8.42 21.21 9.53
C VAL E 113 9.90 21.14 9.19
N GLU E 114 10.21 20.94 7.91
CA GLU E 114 11.60 20.84 7.46
C GLU E 114 12.31 22.19 7.44
N ASP E 115 11.57 23.23 7.07
CA ASP E 115 12.13 24.56 6.96
C ASP E 115 11.09 25.57 7.41
N LEU E 116 11.49 26.48 8.29
CA LEU E 116 10.56 27.41 8.90
C LEU E 116 9.99 28.42 7.92
N ARG E 117 10.65 28.62 6.80
CA ARG E 117 10.19 29.59 5.81
C ARG E 117 8.72 29.40 5.51
N ASN E 118 8.30 28.14 5.33
CA ASN E 118 6.96 27.81 4.84
C ASN E 118 5.80 28.23 5.75
N VAL E 119 6.12 28.65 6.98
CA VAL E 119 5.11 29.14 7.93
C VAL E 119 4.54 30.48 7.51
N THR E 120 3.21 30.57 7.48
CA THR E 120 2.57 31.80 7.04
C THR E 120 1.18 31.93 7.64
N PRO E 121 0.84 33.13 8.13
CA PRO E 121 -0.48 33.43 8.70
C PRO E 121 -1.61 33.25 7.68
N PRO E 122 -2.86 33.32 8.13
CA PRO E 122 -3.98 33.16 7.20
C PRO E 122 -4.41 34.50 6.60
N LYS E 123 -5.25 34.45 5.58
CA LYS E 123 -5.96 35.62 5.09
C LYS E 123 -7.41 35.44 5.48
N VAL E 124 -7.84 36.15 6.52
CA VAL E 124 -9.21 35.99 7.02
C VAL E 124 -10.14 36.97 6.34
N SER E 125 -11.04 36.45 5.50
CA SER E 125 -12.01 37.26 4.80
C SER E 125 -13.43 36.86 5.20
N LEU E 126 -14.22 37.83 5.64
CA LEU E 126 -15.61 37.59 6.01
C LEU E 126 -16.58 37.94 4.88
N PHE E 127 -17.36 36.95 4.42
CA PHE E 127 -18.30 37.13 3.32
C PHE E 127 -19.69 37.47 3.83
N GLU E 128 -20.17 38.65 3.49
CA GLU E 128 -21.48 39.12 3.93
C GLU E 128 -22.60 38.28 3.34
N PRO E 129 -23.77 38.25 4.02
CA PRO E 129 -24.90 37.39 3.68
C PRO E 129 -25.50 37.64 2.28
N SER E 130 -26.38 36.72 1.89
CA SER E 130 -27.10 36.83 0.63
C SER E 130 -28.48 37.42 0.91
N LYS E 131 -28.83 38.49 0.19
CA LYS E 131 -30.12 39.15 0.36
C LYS E 131 -31.28 38.23 0.00
N ALA E 132 -30.96 37.11 -0.65
CA ALA E 132 -31.97 36.12 -0.96
C ALA E 132 -32.38 35.41 0.32
N GLU E 133 -31.40 34.82 0.98
CA GLU E 133 -31.63 34.08 2.21
C GLU E 133 -32.41 34.91 3.22
N ILE E 134 -31.92 36.12 3.45
CA ILE E 134 -32.53 37.04 4.40
C ILE E 134 -34.01 37.25 4.08
N ALA E 135 -34.31 37.39 2.78
CA ALA E 135 -35.68 37.63 2.34
C ALA E 135 -36.50 36.36 2.42
N ASN E 136 -36.03 35.30 1.79
CA ASN E 136 -36.79 34.06 1.69
C ASN E 136 -36.93 33.31 3.01
N LYS E 137 -35.90 33.40 3.84
CA LYS E 137 -35.81 32.57 5.04
C LYS E 137 -35.77 33.34 6.35
N GLN E 138 -35.54 34.65 6.26
CA GLN E 138 -35.52 35.51 7.43
C GLN E 138 -34.41 35.18 8.42
N LYS E 139 -33.29 34.66 7.89
CA LYS E 139 -32.08 34.44 8.67
C LYS E 139 -30.87 34.76 7.82
N ALA E 140 -29.95 35.56 8.35
CA ALA E 140 -28.73 35.91 7.62
C ALA E 140 -27.55 35.03 8.04
N THR E 141 -26.93 34.39 7.05
CA THR E 141 -25.77 33.55 7.28
C THR E 141 -24.53 34.30 6.82
N LEU E 142 -23.55 34.42 7.70
CA LEU E 142 -22.25 34.97 7.34
C LEU E 142 -21.27 33.82 7.21
N VAL E 143 -20.26 33.98 6.39
CA VAL E 143 -19.30 32.90 6.24
C VAL E 143 -17.87 33.41 6.29
N CYS E 144 -17.10 32.91 7.25
CA CYS E 144 -15.73 33.29 7.46
C CYS E 144 -14.83 32.26 6.80
N LEU E 145 -13.84 32.73 6.05
CA LEU E 145 -12.92 31.83 5.36
C LEU E 145 -11.48 32.24 5.68
N ALA E 146 -10.65 31.28 6.06
CA ALA E 146 -9.24 31.58 6.36
C ALA E 146 -8.32 30.77 5.47
N ARG E 147 -7.62 31.43 4.56
CA ARG E 147 -6.84 30.73 3.53
C ARG E 147 -5.36 31.03 3.59
N GLY E 148 -4.57 30.10 3.08
CA GLY E 148 -3.16 30.33 2.82
C GLY E 148 -2.27 30.37 4.05
N PHE E 149 -2.60 29.56 5.04
CA PHE E 149 -1.82 29.48 6.26
C PHE E 149 -1.10 28.15 6.38
N PHE E 150 -0.08 28.12 7.23
CA PHE E 150 0.70 26.93 7.47
C PHE E 150 1.38 27.10 8.81
N PRO E 151 1.25 26.12 9.71
CA PRO E 151 0.62 24.80 9.55
C PRO E 151 -0.78 24.69 10.13
N ASP E 152 -1.43 23.56 9.80
CA ASP E 152 -2.85 23.27 10.05
C ASP E 152 -3.44 23.61 11.40
N HIS E 153 -2.80 24.53 12.12
CA HIS E 153 -3.21 24.82 13.48
C HIS E 153 -3.65 26.28 13.72
N VAL E 154 -4.97 26.49 13.70
CA VAL E 154 -5.60 27.79 13.99
C VAL E 154 -6.92 27.56 14.71
N GLU E 155 -7.48 28.63 15.27
CA GLU E 155 -8.70 28.51 16.07
C GLU E 155 -9.64 29.66 15.78
N LEU E 156 -10.86 29.34 15.33
CA LEU E 156 -11.81 30.33 14.80
C LEU E 156 -12.98 30.61 15.74
N SER E 157 -13.33 31.88 15.91
CA SER E 157 -14.35 32.25 16.88
C SER E 157 -15.14 33.48 16.47
N TRP E 158 -16.36 33.56 16.98
CA TRP E 158 -17.31 34.58 16.54
C TRP E 158 -17.71 35.49 17.68
N TRP E 159 -17.71 36.79 17.40
CA TRP E 159 -17.86 37.82 18.42
C TRP E 159 -18.93 38.87 18.08
N VAL E 160 -20.17 38.59 18.44
CA VAL E 160 -21.25 39.52 18.21
C VAL E 160 -21.29 40.53 19.33
N ASN E 161 -20.92 41.76 19.02
CA ASN E 161 -20.93 42.83 20.02
C ASN E 161 -19.87 42.63 21.10
N GLY E 162 -18.64 42.32 20.67
CA GLY E 162 -17.53 42.13 21.59
C GLY E 162 -17.59 40.89 22.46
N LYS E 163 -18.73 40.20 22.47
CA LYS E 163 -18.91 38.99 23.27
C LYS E 163 -18.92 37.72 22.43
N GLU E 164 -18.11 36.74 22.81
CA GLU E 164 -18.02 35.48 22.09
C GLU E 164 -19.37 34.79 22.05
N VAL E 165 -19.61 34.01 21.00
CA VAL E 165 -20.88 33.30 20.83
C VAL E 165 -20.66 31.89 20.32
N HIS E 166 -21.55 30.98 20.72
CA HIS E 166 -21.44 29.58 20.34
C HIS E 166 -22.77 29.07 19.78
N SER E 167 -23.82 29.87 19.94
CA SER E 167 -25.14 29.53 19.43
C SER E 167 -25.31 29.96 17.98
N GLY E 168 -25.45 28.99 17.09
CA GLY E 168 -25.68 29.30 15.70
C GLY E 168 -24.39 29.43 14.93
N VAL E 169 -23.33 28.84 15.49
CA VAL E 169 -22.04 28.84 14.82
C VAL E 169 -21.69 27.44 14.39
N CYS E 170 -20.86 27.32 13.37
CA CYS E 170 -20.32 26.03 13.00
C CYS E 170 -19.05 26.09 12.19
N THR E 171 -17.92 25.90 12.86
CA THR E 171 -16.61 25.92 12.24
C THR E 171 -16.25 24.52 11.76
N ASP E 172 -15.34 24.44 10.81
CA ASP E 172 -14.98 23.16 10.21
C ASP E 172 -13.97 22.42 11.07
N PRO E 173 -14.24 21.13 11.37
CA PRO E 173 -13.36 20.34 12.25
C PRO E 173 -11.94 20.20 11.72
N GLN E 174 -11.77 20.14 10.40
CA GLN E 174 -10.44 19.95 9.84
C GLN E 174 -10.05 20.98 8.79
N ALA E 175 -8.77 21.31 8.74
CA ALA E 175 -8.23 22.15 7.67
C ALA E 175 -8.14 21.33 6.38
N TYR E 176 -8.33 22.00 5.25
CA TYR E 176 -8.38 21.30 3.97
C TYR E 176 -7.20 21.69 3.12
N LYS E 177 -6.17 20.85 3.15
CA LYS E 177 -4.93 21.12 2.44
C LYS E 177 -5.16 21.31 0.95
N GLU E 178 -4.77 22.48 0.45
CA GLU E 178 -4.87 22.76 -0.97
C GLU E 178 -3.48 22.80 -1.61
N SER E 179 -2.56 23.52 -0.97
CA SER E 179 -1.18 23.59 -1.44
C SER E 179 -0.30 22.72 -0.56
N ASN E 180 0.91 22.47 -1.05
CA ASN E 180 1.86 21.66 -0.32
C ASN E 180 2.07 22.28 1.05
N TYR E 181 2.03 23.61 1.09
CA TYR E 181 2.25 24.37 2.31
C TYR E 181 1.18 25.44 2.52
N SER E 182 -0.08 25.07 2.26
CA SER E 182 -1.22 25.97 2.46
C SER E 182 -2.50 25.19 2.77
N TYR E 183 -3.18 25.58 3.84
CA TYR E 183 -4.44 24.95 4.20
C TYR E 183 -5.53 25.98 4.09
N SER E 184 -6.79 25.53 4.18
CA SER E 184 -7.93 26.43 4.21
C SER E 184 -8.97 25.91 5.18
N LEU E 185 -9.68 26.81 5.83
CA LEU E 185 -10.67 26.42 6.84
C LEU E 185 -11.77 27.45 6.94
N SER E 186 -13.02 26.99 6.90
CA SER E 186 -14.17 27.88 6.89
C SER E 186 -14.99 27.77 8.15
N SER E 187 -16.08 28.51 8.19
CA SER E 187 -16.98 28.52 9.33
C SER E 187 -18.11 29.47 9.02
N ARG E 188 -19.19 29.41 9.79
CA ARG E 188 -20.35 30.24 9.48
C ARG E 188 -21.25 30.44 10.68
N LEU E 189 -21.87 31.61 10.72
CA LEU E 189 -22.72 32.00 11.84
C LEU E 189 -24.08 32.37 11.27
N ARG E 190 -25.12 32.19 12.06
CA ARG E 190 -26.46 32.46 11.56
C ARG E 190 -27.31 33.25 12.55
N VAL E 191 -27.86 34.36 12.09
CA VAL E 191 -28.67 35.22 12.93
C VAL E 191 -30.02 35.54 12.29
N SER E 192 -31.04 35.70 13.11
CA SER E 192 -32.35 36.14 12.62
C SER E 192 -32.18 37.41 11.80
N ALA E 193 -32.92 37.50 10.70
CA ALA E 193 -32.80 38.64 9.78
C ALA E 193 -33.00 39.96 10.52
N THR E 194 -33.98 39.99 11.41
CA THR E 194 -34.28 41.17 12.20
C THR E 194 -33.05 41.67 12.96
N PHE E 195 -32.28 40.72 13.50
CA PHE E 195 -31.07 41.07 14.22
C PHE E 195 -29.99 41.60 13.28
N TRP E 196 -29.89 41.01 12.10
CA TRP E 196 -28.86 41.42 11.16
C TRP E 196 -29.08 42.84 10.64
N HIS E 197 -30.29 43.35 10.80
CA HIS E 197 -30.62 44.66 10.26
C HIS E 197 -30.30 45.82 11.18
N ASN E 198 -30.30 45.56 12.49
CA ASN E 198 -29.87 46.56 13.44
C ASN E 198 -28.42 46.95 13.18
N PRO E 199 -28.19 48.19 12.71
CA PRO E 199 -26.85 48.71 12.42
C PRO E 199 -26.07 48.99 13.70
N ARG E 200 -26.68 48.72 14.83
CA ARG E 200 -26.02 48.85 16.12
C ARG E 200 -25.27 47.56 16.47
N ASN E 201 -25.65 46.47 15.82
CA ASN E 201 -25.04 45.15 16.06
C ASN E 201 -23.76 44.95 15.24
N HIS E 202 -22.74 44.39 15.87
CA HIS E 202 -21.45 44.23 15.23
C HIS E 202 -20.95 42.80 15.20
N PHE E 203 -20.41 42.38 14.05
CA PHE E 203 -20.03 40.97 13.83
C PHE E 203 -18.58 40.77 13.42
N ARG E 204 -17.84 40.09 14.27
CA ARG E 204 -16.41 39.87 14.04
C ARG E 204 -16.06 38.40 14.07
N CYS E 205 -15.31 37.97 13.07
CA CYS E 205 -14.89 36.59 12.98
C CYS E 205 -13.42 36.60 13.26
N GLN E 206 -12.99 35.76 14.20
CA GLN E 206 -11.60 35.79 14.66
C GLN E 206 -10.88 34.48 14.45
N VAL E 207 -9.75 34.53 13.77
CA VAL E 207 -8.94 33.35 13.57
C VAL E 207 -7.67 33.57 14.32
N GLN E 208 -7.24 32.57 15.07
CA GLN E 208 -6.01 32.71 15.83
C GLN E 208 -4.91 31.79 15.35
N PHE E 209 -3.99 32.33 14.55
CA PHE E 209 -2.91 31.53 14.02
C PHE E 209 -1.94 31.18 15.14
N HIS E 210 -1.36 29.99 15.07
CA HIS E 210 -0.35 29.56 16.03
C HIS E 210 1.00 29.37 15.34
N GLY E 211 1.88 30.35 15.47
CA GLY E 211 3.12 30.35 14.75
C GLY E 211 4.39 30.35 15.59
N LEU E 212 5.35 31.17 15.19
CA LEU E 212 6.65 31.18 15.82
C LEU E 212 6.68 32.05 17.09
N SER E 213 7.76 31.94 17.86
CA SER E 213 7.90 32.73 19.07
C SER E 213 9.20 33.50 19.10
N GLU E 214 9.39 34.32 20.12
CA GLU E 214 10.60 35.13 20.23
C GLU E 214 11.83 34.26 20.08
N GLU E 215 11.78 33.09 20.68
CA GLU E 215 12.90 32.16 20.63
C GLU E 215 13.29 31.79 19.19
N ASP E 216 12.37 32.03 18.25
CA ASP E 216 12.56 31.56 16.88
C ASP E 216 13.24 32.62 16.02
N LYS E 217 14.22 32.18 15.23
CA LYS E 217 15.00 33.07 14.39
C LYS E 217 14.26 33.43 13.12
N TRP E 218 14.19 34.72 12.81
CA TRP E 218 13.55 35.20 11.58
C TRP E 218 14.38 36.26 10.84
N PRO E 219 14.58 36.07 9.53
CA PRO E 219 15.36 36.94 8.63
C PRO E 219 14.94 38.41 8.65
N GLU E 220 15.51 39.19 7.74
CA GLU E 220 15.29 40.63 7.69
C GLU E 220 14.12 41.03 6.80
N GLY E 221 13.93 40.29 5.72
CA GLY E 221 12.93 40.62 4.71
C GLY E 221 11.48 40.55 5.17
N SER E 222 10.89 39.36 5.07
CA SER E 222 9.47 39.16 5.40
C SER E 222 9.15 39.42 6.87
N PRO E 223 7.87 39.71 7.16
CA PRO E 223 7.36 39.84 8.53
C PRO E 223 7.26 38.46 9.19
N LYS E 224 7.51 38.42 10.49
CA LYS E 224 7.47 37.16 11.23
C LYS E 224 6.04 36.56 11.27
N PRO E 225 5.93 35.24 11.07
CA PRO E 225 4.67 34.51 11.16
C PRO E 225 4.31 34.16 12.60
N VAL E 226 4.35 35.12 13.52
CA VAL E 226 4.14 34.82 14.93
C VAL E 226 2.71 34.36 15.19
N THR E 227 2.35 34.29 16.47
CA THR E 227 1.01 33.87 16.86
C THR E 227 0.11 35.08 17.05
N GLN E 228 -0.98 35.13 16.28
CA GLN E 228 -1.80 36.33 16.21
C GLN E 228 -3.31 36.10 16.23
N ASN E 229 -4.04 37.15 16.59
CA ASN E 229 -5.48 37.18 16.46
C ASN E 229 -5.82 38.00 15.20
N ILE E 230 -5.97 37.32 14.07
CA ILE E 230 -6.36 37.95 12.80
C ILE E 230 -7.87 38.01 12.60
N SER E 231 -8.37 39.16 12.17
CA SER E 231 -9.81 39.40 12.21
C SER E 231 -10.41 39.93 10.89
N ALA E 232 -11.72 40.09 10.91
CA ALA E 232 -12.45 40.61 9.77
C ALA E 232 -13.89 40.79 10.24
N GLU E 233 -14.44 41.98 10.07
CA GLU E 233 -15.73 42.26 10.66
C GLU E 233 -16.76 42.87 9.71
N ALA E 234 -17.94 43.13 10.24
CA ALA E 234 -19.03 43.67 9.44
C ALA E 234 -20.16 44.11 10.36
N TRP E 235 -20.97 45.03 9.85
CA TRP E 235 -22.01 45.65 10.66
C TRP E 235 -23.41 45.24 10.23
N GLY E 236 -24.41 45.74 10.95
CA GLY E 236 -25.80 45.52 10.58
C GLY E 236 -26.22 46.55 9.56
N ARG E 237 -27.27 46.25 8.80
CA ARG E 237 -27.76 47.17 7.78
C ARG E 237 -29.13 46.74 7.25
N ALA E 238 -29.74 47.56 6.39
CA ALA E 238 -31.11 47.29 5.95
C ALA E 238 -31.31 47.20 4.43
N ASP F 3 9.29 -34.32 -30.76
CA ASP F 3 9.01 -33.09 -30.03
C ASP F 3 10.29 -32.50 -29.47
N ILE F 4 10.30 -31.18 -29.28
CA ILE F 4 11.47 -30.48 -28.74
C ILE F 4 11.47 -30.50 -27.20
N GLU F 5 12.59 -30.89 -26.62
CA GLU F 5 12.71 -31.05 -25.19
C GLU F 5 13.16 -29.74 -24.55
N ALA F 6 12.63 -29.43 -23.36
CA ALA F 6 12.97 -28.16 -22.74
C ALA F 6 12.37 -28.00 -21.35
N ASP F 7 12.90 -27.03 -20.62
CA ASP F 7 12.39 -26.72 -19.28
C ASP F 7 10.97 -26.21 -19.39
N HIS F 8 10.76 -25.22 -20.25
CA HIS F 8 9.45 -24.60 -20.41
C HIS F 8 9.11 -24.32 -21.86
N VAL F 9 7.82 -24.26 -22.15
CA VAL F 9 7.33 -23.97 -23.49
C VAL F 9 6.23 -22.92 -23.47
N GLY F 10 6.47 -21.82 -24.17
CA GLY F 10 5.44 -20.82 -24.40
C GLY F 10 4.68 -21.16 -25.67
N PHE F 11 3.42 -20.74 -25.73
CA PHE F 11 2.62 -20.96 -26.92
C PHE F 11 1.93 -19.69 -27.28
N TYR F 12 2.68 -18.60 -27.26
CA TYR F 12 2.14 -17.29 -27.55
C TYR F 12 1.62 -17.28 -28.98
N GLY F 13 0.64 -16.41 -29.24
CA GLY F 13 0.11 -16.24 -30.58
C GLY F 13 -0.75 -17.36 -31.15
N THR F 14 -0.91 -18.48 -30.46
CA THR F 14 -1.71 -19.58 -31.00
C THR F 14 -3.06 -19.12 -31.54
N THR F 15 -3.17 -19.05 -32.86
CA THR F 15 -4.38 -18.62 -33.52
C THR F 15 -4.97 -19.75 -34.32
N VAL F 16 -6.28 -19.70 -34.56
CA VAL F 16 -6.96 -20.74 -35.32
C VAL F 16 -8.19 -20.16 -35.97
N TYR F 17 -8.34 -20.35 -37.27
CA TYR F 17 -9.51 -19.83 -37.96
C TYR F 17 -10.10 -20.89 -38.86
N GLN F 18 -11.39 -20.81 -39.11
CA GLN F 18 -12.05 -21.80 -39.94
C GLN F 18 -13.25 -21.20 -40.66
N SER F 19 -13.65 -21.82 -41.74
CA SER F 19 -14.85 -21.44 -42.46
C SER F 19 -15.58 -22.70 -42.88
N PRO F 20 -16.91 -22.60 -43.06
CA PRO F 20 -17.67 -21.35 -42.92
C PRO F 20 -17.95 -21.00 -41.46
N GLY F 21 -18.73 -19.96 -41.25
CA GLY F 21 -19.19 -19.58 -39.92
C GLY F 21 -18.33 -18.55 -39.22
N ASP F 22 -17.17 -18.26 -39.80
CA ASP F 22 -16.23 -17.32 -39.20
C ASP F 22 -15.90 -17.69 -37.75
N ILE F 23 -15.51 -18.94 -37.58
CA ILE F 23 -15.12 -19.47 -36.29
C ILE F 23 -13.62 -19.32 -36.10
N GLY F 24 -13.20 -18.41 -35.22
CA GLY F 24 -11.79 -18.23 -34.91
C GLY F 24 -11.50 -18.35 -33.42
N GLN F 25 -10.22 -18.42 -33.07
CA GLN F 25 -9.82 -18.50 -31.67
C GLN F 25 -8.39 -18.04 -31.48
N TYR F 26 -8.11 -17.38 -30.36
CA TYR F 26 -6.77 -16.94 -30.07
C TYR F 26 -6.49 -17.23 -28.62
N THR F 27 -5.39 -17.93 -28.34
CA THR F 27 -5.04 -18.26 -26.96
C THR F 27 -3.56 -18.03 -26.68
N HIS F 28 -3.16 -18.30 -25.45
CA HIS F 28 -1.76 -18.29 -25.07
C HIS F 28 -1.66 -19.44 -24.13
N GLU F 29 -0.62 -20.25 -24.27
CA GLU F 29 -0.43 -21.33 -23.32
C GLU F 29 0.95 -21.26 -22.73
N PHE F 30 1.11 -21.81 -21.55
CA PHE F 30 2.43 -21.94 -20.97
C PHE F 30 2.56 -23.25 -20.24
N ASP F 31 3.46 -24.10 -20.72
CA ASP F 31 3.61 -25.43 -20.19
C ASP F 31 2.30 -26.20 -20.34
N GLY F 32 1.66 -26.02 -21.49
CA GLY F 32 0.46 -26.76 -21.83
C GLY F 32 -0.77 -26.37 -21.03
N ASP F 33 -0.65 -25.33 -20.21
CA ASP F 33 -1.78 -24.80 -19.46
C ASP F 33 -2.26 -23.47 -20.03
N GLU F 34 -3.50 -23.45 -20.51
CA GLU F 34 -4.04 -22.26 -21.14
C GLU F 34 -3.89 -21.04 -20.24
N LEU F 35 -3.24 -20.01 -20.77
CA LEU F 35 -3.10 -18.74 -20.06
C LEU F 35 -4.44 -18.02 -20.10
N PHE F 36 -4.88 -17.68 -21.31
CA PHE F 36 -6.17 -17.01 -21.52
C PHE F 36 -6.59 -17.17 -22.97
N TYR F 37 -7.81 -16.76 -23.28
CA TYR F 37 -8.20 -16.65 -24.67
C TYR F 37 -8.63 -15.23 -24.88
N VAL F 38 -9.27 -14.94 -26.01
CA VAL F 38 -9.70 -13.57 -26.26
C VAL F 38 -11.09 -13.51 -26.88
N ASP F 39 -12.06 -13.09 -26.07
CA ASP F 39 -13.46 -13.14 -26.47
C ASP F 39 -13.72 -12.19 -27.64
N LEU F 40 -13.68 -12.73 -28.85
CA LEU F 40 -13.70 -11.92 -30.06
C LEU F 40 -14.90 -10.98 -30.16
N ASP F 41 -16.04 -11.40 -29.63
CA ASP F 41 -17.26 -10.61 -29.74
C ASP F 41 -17.23 -9.41 -28.79
N LYS F 42 -16.80 -9.65 -27.55
CA LYS F 42 -16.67 -8.58 -26.58
C LYS F 42 -15.31 -7.93 -26.72
N LYS F 43 -14.42 -8.59 -27.44
CA LYS F 43 -13.06 -8.09 -27.63
C LYS F 43 -12.31 -7.93 -26.31
N LYS F 44 -12.42 -8.93 -25.43
CA LYS F 44 -11.83 -8.88 -24.10
C LYS F 44 -10.92 -10.07 -23.77
N THR F 45 -9.79 -9.77 -23.15
CA THR F 45 -8.82 -10.76 -22.72
C THR F 45 -9.36 -11.59 -21.55
N VAL F 46 -10.00 -12.71 -21.87
CA VAL F 46 -10.59 -13.58 -20.85
C VAL F 46 -9.59 -14.57 -20.26
N TRP F 47 -9.07 -14.29 -19.08
CA TRP F 47 -8.09 -15.17 -18.47
C TRP F 47 -8.68 -16.50 -17.99
N ARG F 48 -7.82 -17.51 -17.89
CA ARG F 48 -8.20 -18.82 -17.36
C ARG F 48 -8.26 -18.75 -15.84
N LEU F 49 -7.21 -18.18 -15.26
CA LEU F 49 -7.16 -17.97 -13.82
C LEU F 49 -7.17 -16.49 -13.49
N PRO F 50 -8.02 -16.09 -12.52
CA PRO F 50 -8.13 -14.70 -12.06
C PRO F 50 -6.77 -14.09 -11.77
N GLU F 51 -6.08 -14.65 -10.78
CA GLU F 51 -4.80 -14.15 -10.29
C GLU F 51 -3.92 -13.48 -11.34
N PHE F 52 -3.75 -14.14 -12.47
CA PHE F 52 -2.77 -13.71 -13.47
C PHE F 52 -3.01 -12.31 -14.03
N GLY F 53 -4.21 -12.09 -14.54
CA GLY F 53 -4.51 -10.87 -15.28
C GLY F 53 -4.77 -9.64 -14.44
N GLN F 54 -4.23 -9.61 -13.23
CA GLN F 54 -4.33 -8.44 -12.38
C GLN F 54 -3.03 -7.66 -12.47
N LEU F 55 -1.94 -8.34 -12.12
CA LEU F 55 -0.61 -7.76 -12.14
C LEU F 55 -0.26 -7.25 -13.55
N ILE F 56 0.25 -8.15 -14.38
CA ILE F 56 0.62 -7.84 -15.77
C ILE F 56 -0.55 -8.16 -16.70
N LEU F 57 -0.56 -7.57 -17.89
CA LEU F 57 -1.77 -7.59 -18.71
C LEU F 57 -1.48 -7.90 -20.17
N PHE F 58 -2.50 -8.37 -20.89
CA PHE F 58 -2.36 -8.56 -22.33
C PHE F 58 -3.42 -7.77 -23.08
N GLU F 59 -2.99 -7.09 -24.13
CA GLU F 59 -3.87 -6.22 -24.91
C GLU F 59 -4.61 -6.95 -26.03
N PRO F 60 -5.94 -7.04 -25.90
CA PRO F 60 -6.83 -7.84 -26.76
C PRO F 60 -6.55 -7.68 -28.26
N GLN F 61 -6.05 -6.50 -28.66
CA GLN F 61 -5.85 -6.20 -30.07
C GLN F 61 -4.72 -7.00 -30.67
N GLY F 62 -3.72 -7.32 -29.85
CA GLY F 62 -2.62 -8.14 -30.29
C GLY F 62 -3.07 -9.38 -31.03
N GLY F 63 -4.25 -9.88 -30.66
CA GLY F 63 -4.76 -11.12 -31.19
C GLY F 63 -5.98 -10.95 -32.07
N LEU F 64 -6.72 -9.87 -31.85
CA LEU F 64 -7.82 -9.53 -32.73
C LEU F 64 -7.25 -9.27 -34.10
N GLN F 65 -5.96 -8.98 -34.15
CA GLN F 65 -5.27 -8.76 -35.42
C GLN F 65 -4.81 -10.07 -36.03
N ASN F 66 -4.20 -10.92 -35.21
CA ASN F 66 -3.82 -12.26 -35.67
C ASN F 66 -5.01 -12.94 -36.31
N ILE F 67 -6.15 -12.84 -35.65
CA ILE F 67 -7.38 -13.44 -36.15
C ILE F 67 -7.72 -12.93 -37.53
N ALA F 68 -7.34 -11.69 -37.80
CA ALA F 68 -7.64 -11.07 -39.08
C ALA F 68 -6.71 -11.58 -40.17
N ALA F 69 -5.44 -11.80 -39.81
CA ALA F 69 -4.44 -12.31 -40.73
C ALA F 69 -4.78 -13.74 -41.10
N GLU F 70 -5.36 -14.47 -40.15
CA GLU F 70 -5.70 -15.87 -40.35
C GLU F 70 -7.00 -16.07 -41.13
N LYS F 71 -7.78 -15.00 -41.23
CA LYS F 71 -8.98 -15.07 -42.04
C LYS F 71 -8.54 -14.87 -43.47
N HIS F 72 -7.45 -14.11 -43.62
CA HIS F 72 -6.86 -13.81 -44.92
C HIS F 72 -6.08 -15.02 -45.44
N ASN F 73 -5.16 -15.50 -44.60
CA ASN F 73 -4.34 -16.65 -44.94
C ASN F 73 -5.18 -17.86 -45.30
N LEU F 74 -6.27 -18.07 -44.58
CA LEU F 74 -7.15 -19.17 -44.90
C LEU F 74 -7.53 -19.10 -46.37
N GLY F 75 -8.16 -18.00 -46.76
CA GLY F 75 -8.64 -17.82 -48.12
C GLY F 75 -7.61 -18.17 -49.17
N ILE F 76 -6.35 -17.82 -48.90
CA ILE F 76 -5.24 -18.10 -49.81
C ILE F 76 -5.00 -19.59 -50.02
N LEU F 77 -4.85 -20.32 -48.91
CA LEU F 77 -4.56 -21.75 -48.94
C LEU F 77 -5.76 -22.54 -49.43
N THR F 78 -6.94 -22.15 -48.99
CA THR F 78 -8.17 -22.78 -49.46
C THR F 78 -8.13 -22.92 -50.96
N LYS F 79 -7.76 -21.84 -51.65
CA LYS F 79 -7.70 -21.84 -53.10
C LYS F 79 -6.48 -22.59 -53.61
N ARG F 80 -5.32 -22.32 -53.00
CA ARG F 80 -4.06 -22.89 -53.46
C ARG F 80 -4.03 -24.40 -53.37
N SER F 81 -4.93 -24.96 -52.58
CA SER F 81 -5.01 -26.41 -52.41
C SER F 81 -6.24 -26.94 -53.12
N ASN F 82 -6.56 -26.37 -54.27
CA ASN F 82 -7.66 -26.86 -55.08
C ASN F 82 -8.96 -26.97 -54.29
N PHE F 83 -9.02 -26.34 -53.11
CA PHE F 83 -10.20 -26.42 -52.25
C PHE F 83 -10.31 -27.75 -51.50
N THR F 84 -9.27 -28.11 -50.77
CA THR F 84 -9.27 -29.35 -50.01
C THR F 84 -9.90 -29.20 -48.62
N PRO F 85 -11.06 -29.85 -48.40
CA PRO F 85 -11.74 -29.80 -47.10
C PRO F 85 -10.98 -30.56 -46.02
N ALA F 86 -11.36 -30.35 -44.76
CA ALA F 86 -10.71 -31.01 -43.64
C ALA F 86 -11.32 -32.39 -43.37
N THR F 87 -10.52 -33.26 -42.76
CA THR F 87 -10.94 -34.62 -42.42
C THR F 87 -11.37 -34.74 -40.96
N ASN F 88 -12.66 -34.97 -40.72
CA ASN F 88 -13.16 -35.12 -39.35
C ASN F 88 -12.55 -36.29 -38.61
N GLU F 89 -12.01 -36.03 -37.43
CA GLU F 89 -11.48 -37.10 -36.59
C GLU F 89 -12.31 -37.25 -35.31
N ALA F 90 -12.40 -38.49 -34.84
CA ALA F 90 -13.28 -38.84 -33.72
C ALA F 90 -12.59 -38.62 -32.37
N PRO F 91 -13.32 -37.98 -31.44
CA PRO F 91 -12.93 -37.57 -30.09
C PRO F 91 -12.95 -38.70 -29.06
N GLN F 92 -12.00 -38.69 -28.13
CA GLN F 92 -11.92 -39.74 -27.11
C GLN F 92 -12.08 -39.15 -25.70
N ALA F 93 -13.19 -39.48 -25.07
CA ALA F 93 -13.57 -38.93 -23.76
C ALA F 93 -12.98 -39.70 -22.57
N THR F 94 -12.68 -38.97 -21.50
CA THR F 94 -12.10 -39.58 -20.29
C THR F 94 -12.57 -38.86 -19.02
N VAL F 95 -13.62 -39.40 -18.40
CA VAL F 95 -14.22 -38.77 -17.23
C VAL F 95 -13.47 -39.14 -15.97
N PHE F 96 -13.40 -38.21 -15.02
CA PHE F 96 -12.72 -38.50 -13.76
C PHE F 96 -12.86 -37.37 -12.74
N PRO F 97 -12.77 -37.73 -11.46
CA PRO F 97 -12.89 -36.80 -10.34
C PRO F 97 -11.65 -35.93 -10.20
N LYS F 98 -11.82 -34.74 -9.63
CA LYS F 98 -10.73 -33.80 -9.48
C LYS F 98 -9.95 -34.04 -8.19
N SER F 99 -10.62 -34.66 -7.23
CA SER F 99 -10.00 -34.97 -5.95
C SER F 99 -10.64 -36.24 -5.36
N PRO F 100 -9.96 -36.86 -4.37
CA PRO F 100 -10.40 -38.09 -3.71
C PRO F 100 -11.91 -38.12 -3.44
N VAL F 101 -12.64 -39.01 -4.10
CA VAL F 101 -14.10 -39.05 -3.94
C VAL F 101 -14.54 -39.61 -2.58
N LEU F 102 -15.15 -38.74 -1.79
CA LEU F 102 -15.75 -39.11 -0.52
C LEU F 102 -17.24 -38.73 -0.55
N LEU F 103 -18.10 -39.64 -0.10
CA LEU F 103 -19.55 -39.40 -0.16
C LEU F 103 -19.99 -38.12 0.54
N GLY F 104 -20.87 -37.37 -0.11
CA GLY F 104 -21.36 -36.12 0.42
C GLY F 104 -20.27 -35.11 0.72
N GLN F 105 -19.33 -34.96 -0.21
CA GLN F 105 -18.29 -33.94 -0.10
C GLN F 105 -18.12 -33.29 -1.47
N PRO F 106 -18.36 -31.96 -1.54
CA PRO F 106 -18.31 -31.21 -2.80
C PRO F 106 -17.04 -31.49 -3.59
N ASN F 107 -17.22 -32.04 -4.78
CA ASN F 107 -16.09 -32.37 -5.65
C ASN F 107 -16.31 -31.77 -7.03
N THR F 108 -15.49 -32.20 -7.99
CA THR F 108 -15.61 -31.74 -9.36
C THR F 108 -15.36 -32.86 -10.36
N LEU F 109 -16.22 -32.95 -11.37
CA LEU F 109 -16.13 -34.03 -12.35
C LEU F 109 -15.64 -33.49 -13.67
N ILE F 110 -14.39 -33.81 -14.01
CA ILE F 110 -13.79 -33.36 -15.25
C ILE F 110 -14.11 -34.31 -16.38
N CYS F 111 -14.29 -33.79 -17.58
CA CYS F 111 -14.51 -34.65 -18.73
C CYS F 111 -13.57 -34.26 -19.85
N PHE F 112 -12.47 -34.96 -19.95
CA PHE F 112 -11.42 -34.64 -20.90
C PHE F 112 -11.66 -35.25 -22.27
N VAL F 113 -11.71 -34.41 -23.30
CA VAL F 113 -11.97 -34.88 -24.65
C VAL F 113 -10.77 -34.63 -25.55
N ASP F 114 -10.41 -35.63 -26.34
CA ASP F 114 -9.22 -35.49 -27.17
C ASP F 114 -9.43 -35.89 -28.61
N ASN F 115 -8.43 -35.60 -29.44
CA ASN F 115 -8.49 -35.83 -30.86
C ASN F 115 -9.74 -35.19 -31.48
N ILE F 116 -9.73 -33.87 -31.54
CA ILE F 116 -10.83 -33.11 -32.13
C ILE F 116 -10.34 -32.46 -33.40
N PHE F 117 -11.23 -32.33 -34.38
CA PHE F 117 -10.89 -31.72 -35.65
C PHE F 117 -11.90 -32.11 -36.73
N PRO F 118 -12.63 -31.12 -37.28
CA PRO F 118 -12.52 -29.69 -36.98
C PRO F 118 -12.81 -29.37 -35.51
N PRO F 119 -12.25 -28.27 -34.99
CA PRO F 119 -12.44 -27.79 -33.62
C PRO F 119 -13.85 -27.27 -33.41
N VAL F 120 -14.84 -28.14 -33.52
CA VAL F 120 -16.22 -27.73 -33.30
C VAL F 120 -16.92 -28.86 -32.61
N ILE F 121 -17.09 -28.71 -31.30
CA ILE F 121 -17.59 -29.78 -30.46
C ILE F 121 -18.75 -29.32 -29.58
N ASN F 122 -19.69 -30.23 -29.36
CA ASN F 122 -20.81 -29.99 -28.47
C ASN F 122 -20.76 -30.93 -27.27
N ILE F 123 -19.95 -30.57 -26.27
CA ILE F 123 -19.88 -31.34 -25.02
C ILE F 123 -20.98 -30.91 -24.05
N THR F 124 -21.74 -31.89 -23.55
CA THR F 124 -22.80 -31.63 -22.58
C THR F 124 -22.81 -32.74 -21.52
N TRP F 125 -23.08 -32.36 -20.28
CA TRP F 125 -23.14 -33.35 -19.19
C TRP F 125 -24.54 -33.92 -19.03
N LEU F 126 -24.63 -35.05 -18.34
CA LEU F 126 -25.89 -35.76 -18.21
C LEU F 126 -25.89 -36.60 -16.93
N ARG F 127 -26.84 -36.33 -16.04
CA ARG F 127 -26.99 -37.16 -14.84
C ARG F 127 -28.32 -37.91 -14.84
N ASN F 128 -28.23 -39.23 -14.72
CA ASN F 128 -29.42 -40.07 -14.70
C ASN F 128 -30.27 -39.87 -15.95
N SER F 129 -29.60 -39.92 -17.10
CA SER F 129 -30.27 -39.76 -18.40
C SER F 129 -30.98 -38.42 -18.59
N LYS F 130 -30.83 -37.51 -17.64
CA LYS F 130 -31.36 -36.17 -17.81
C LYS F 130 -30.28 -35.10 -17.61
N SER F 131 -30.31 -34.08 -18.45
CA SER F 131 -29.20 -33.13 -18.56
C SER F 131 -28.93 -32.32 -17.30
N VAL F 132 -27.78 -31.66 -17.30
CA VAL F 132 -27.38 -30.76 -16.22
C VAL F 132 -26.83 -29.50 -16.87
N THR F 133 -26.94 -28.38 -16.14
CA THR F 133 -26.54 -27.09 -16.67
C THR F 133 -25.83 -26.19 -15.65
N ASP F 134 -25.94 -26.55 -14.36
CA ASP F 134 -25.37 -25.74 -13.30
C ASP F 134 -24.00 -26.27 -12.87
N GLY F 135 -23.02 -25.37 -12.77
CA GLY F 135 -21.69 -25.71 -12.34
C GLY F 135 -20.74 -26.13 -13.45
N VAL F 136 -21.19 -26.01 -14.69
CA VAL F 136 -20.45 -26.52 -15.84
C VAL F 136 -19.58 -25.46 -16.51
N TYR F 137 -18.28 -25.52 -16.25
CA TYR F 137 -17.29 -24.69 -16.94
C TYR F 137 -16.76 -25.45 -18.16
N GLU F 138 -16.02 -24.77 -19.02
CA GLU F 138 -15.49 -25.41 -20.22
C GLU F 138 -14.36 -24.59 -20.85
N THR F 139 -13.18 -25.21 -20.96
CA THR F 139 -11.99 -24.52 -21.48
C THR F 139 -12.01 -24.44 -23.00
N SER F 140 -11.33 -23.44 -23.54
CA SER F 140 -11.25 -23.31 -24.98
C SER F 140 -10.48 -24.51 -25.54
N PHE F 141 -10.44 -24.61 -26.86
CA PHE F 141 -9.70 -25.68 -27.51
C PHE F 141 -8.20 -25.49 -27.32
N LEU F 142 -7.59 -26.36 -26.55
CA LEU F 142 -6.14 -26.32 -26.39
C LEU F 142 -5.53 -27.19 -27.48
N VAL F 143 -4.30 -26.87 -27.85
CA VAL F 143 -3.68 -27.45 -29.02
C VAL F 143 -2.90 -28.72 -28.75
N ASN F 144 -2.77 -29.54 -29.79
CA ASN F 144 -1.97 -30.74 -29.75
C ASN F 144 -0.76 -30.63 -30.65
N ARG F 145 0.21 -31.52 -30.46
CA ARG F 145 1.41 -31.53 -31.26
C ARG F 145 1.12 -32.06 -32.66
N ASP F 146 -0.01 -32.75 -32.80
CA ASP F 146 -0.39 -33.31 -34.08
C ASP F 146 -1.39 -32.42 -34.80
N HIS F 147 -1.63 -31.25 -34.22
CA HIS F 147 -2.41 -30.20 -34.89
C HIS F 147 -3.92 -30.41 -34.75
N SER F 148 -4.32 -31.22 -33.78
CA SER F 148 -5.72 -31.35 -33.39
C SER F 148 -5.88 -30.72 -32.02
N PHE F 149 -6.99 -30.98 -31.34
CA PHE F 149 -7.29 -30.28 -30.09
C PHE F 149 -7.90 -31.12 -28.98
N HIS F 150 -7.80 -30.62 -27.76
CA HIS F 150 -8.46 -31.25 -26.62
C HIS F 150 -9.15 -30.24 -25.71
N LYS F 151 -10.43 -30.47 -25.44
CA LYS F 151 -11.20 -29.60 -24.55
C LYS F 151 -11.45 -30.32 -23.21
N LEU F 152 -11.90 -29.58 -22.20
CA LEU F 152 -12.32 -30.19 -20.93
C LEU F 152 -13.57 -29.49 -20.43
N SER F 153 -14.50 -30.28 -19.89
CA SER F 153 -15.73 -29.73 -19.36
C SER F 153 -15.81 -30.09 -17.88
N TYR F 154 -15.78 -29.10 -17.00
CA TYR F 154 -15.79 -29.40 -15.58
C TYR F 154 -17.22 -29.39 -15.02
N LEU F 155 -17.45 -30.19 -13.98
CA LEU F 155 -18.76 -30.25 -13.34
C LEU F 155 -18.67 -30.56 -11.85
N THR F 156 -19.01 -29.58 -11.03
CA THR F 156 -19.05 -29.75 -9.58
C THR F 156 -20.25 -30.57 -9.20
N PHE F 157 -20.11 -31.40 -8.17
CA PHE F 157 -21.20 -32.25 -7.74
C PHE F 157 -20.99 -32.75 -6.31
N ILE F 158 -21.91 -33.57 -5.83
CA ILE F 158 -21.76 -34.23 -4.53
C ILE F 158 -21.79 -35.74 -4.70
N PRO F 159 -20.70 -36.41 -4.31
CA PRO F 159 -20.54 -37.86 -4.47
C PRO F 159 -21.73 -38.69 -3.94
N SER F 160 -22.54 -39.18 -4.88
CA SER F 160 -23.63 -40.09 -4.55
C SER F 160 -23.51 -41.38 -5.36
N ASP F 161 -23.71 -42.51 -4.72
CA ASP F 161 -23.63 -43.79 -5.40
C ASP F 161 -24.96 -44.12 -6.10
N ASP F 162 -25.95 -43.24 -5.91
CA ASP F 162 -27.27 -43.46 -6.50
C ASP F 162 -27.31 -42.98 -7.95
N ASP F 163 -26.46 -42.00 -8.26
CA ASP F 163 -26.51 -41.29 -9.54
C ASP F 163 -25.50 -41.78 -10.56
N ILE F 164 -25.90 -41.70 -11.82
CA ILE F 164 -25.05 -42.08 -12.94
C ILE F 164 -24.77 -40.89 -13.83
N TYR F 165 -23.49 -40.56 -13.99
CA TYR F 165 -23.10 -39.46 -14.87
C TYR F 165 -22.58 -39.96 -16.21
N ASP F 166 -23.03 -39.33 -17.29
CA ASP F 166 -22.49 -39.55 -18.62
C ASP F 166 -22.06 -38.21 -19.21
N CYS F 167 -20.98 -38.22 -19.99
CA CYS F 167 -20.49 -37.01 -20.62
C CYS F 167 -20.77 -37.08 -22.12
N LYS F 168 -21.81 -36.36 -22.56
CA LYS F 168 -22.25 -36.46 -23.95
C LYS F 168 -21.39 -35.62 -24.90
N VAL F 169 -20.85 -36.26 -25.94
CA VAL F 169 -19.96 -35.61 -26.90
C VAL F 169 -20.49 -35.70 -28.33
N GLU F 170 -20.74 -34.55 -28.95
CA GLU F 170 -21.30 -34.53 -30.29
C GLU F 170 -20.37 -33.89 -31.30
N HIS F 171 -20.10 -34.61 -32.37
CA HIS F 171 -19.21 -34.13 -33.41
C HIS F 171 -19.71 -34.51 -34.80
N TRP F 172 -19.00 -34.05 -35.82
CA TRP F 172 -19.32 -34.42 -37.20
C TRP F 172 -18.62 -35.72 -37.55
N GLY F 173 -17.47 -35.95 -36.90
CA GLY F 173 -16.75 -37.19 -37.06
C GLY F 173 -17.32 -38.31 -36.22
N LEU F 174 -18.56 -38.12 -35.77
CA LEU F 174 -19.33 -39.13 -35.03
C LEU F 174 -20.71 -39.20 -35.66
N GLU F 175 -21.16 -40.41 -35.98
CA GLU F 175 -22.49 -40.55 -36.58
C GLU F 175 -23.58 -40.31 -35.54
N GLU F 176 -23.27 -40.65 -34.29
CA GLU F 176 -24.17 -40.33 -33.19
C GLU F 176 -23.37 -40.18 -31.90
N PRO F 177 -23.86 -39.31 -31.01
CA PRO F 177 -23.22 -38.91 -29.74
C PRO F 177 -22.54 -40.05 -28.98
N VAL F 178 -21.57 -39.69 -28.15
CA VAL F 178 -20.79 -40.67 -27.41
C VAL F 178 -20.81 -40.37 -25.92
N LEU F 179 -21.55 -41.16 -25.15
CA LEU F 179 -21.65 -40.95 -23.70
C LEU F 179 -20.66 -41.82 -22.94
N LYS F 180 -19.70 -41.19 -22.30
CA LYS F 180 -18.76 -41.92 -21.46
C LYS F 180 -19.25 -42.00 -20.04
N HIS F 181 -19.77 -43.16 -19.66
CA HIS F 181 -20.40 -43.39 -18.36
C HIS F 181 -19.46 -43.28 -17.16
N TRP F 182 -19.94 -42.70 -16.07
CA TRP F 182 -19.16 -42.62 -14.83
C TRP F 182 -20.02 -42.65 -13.57
N SER F 183 -19.60 -43.45 -12.58
CA SER F 183 -20.27 -43.50 -11.28
C SER F 183 -19.34 -43.92 -10.14
N SER F 184 -19.68 -43.45 -8.93
CA SER F 184 -18.89 -43.73 -7.75
C SER F 184 -19.11 -45.17 -7.27
N ALA F 185 -20.04 -45.86 -7.90
CA ALA F 185 -20.30 -47.27 -7.59
C ALA F 185 -19.13 -48.16 -8.02
N ASP F 186 -19.11 -48.50 -9.30
CA ASP F 186 -18.09 -49.38 -9.86
C ASP F 186 -17.87 -50.62 -8.99
N ARG G 11 -18.91 -28.23 -46.83
CA ARG G 11 -17.50 -28.51 -46.58
C ARG G 11 -16.93 -27.57 -45.53
N HIS G 12 -15.84 -27.99 -44.87
CA HIS G 12 -15.21 -27.17 -43.84
C HIS G 12 -13.71 -27.03 -44.05
N PHE G 13 -13.20 -25.82 -43.83
CA PHE G 13 -11.80 -25.54 -44.05
C PHE G 13 -11.20 -24.87 -42.83
N VAL G 14 -9.93 -25.16 -42.56
CA VAL G 14 -9.27 -24.66 -41.36
C VAL G 14 -7.86 -24.15 -41.63
N HIS G 15 -7.46 -23.17 -40.84
CA HIS G 15 -6.11 -22.62 -40.88
C HIS G 15 -5.70 -22.36 -39.44
N GLN G 16 -4.48 -22.73 -39.09
CA GLN G 16 -4.01 -22.49 -37.75
C GLN G 16 -2.70 -21.77 -37.81
N PHE G 17 -2.11 -21.53 -36.66
CA PHE G 17 -0.80 -20.92 -36.61
C PHE G 17 -0.36 -21.06 -35.18
N LYS G 18 0.82 -21.61 -34.98
CA LYS G 18 1.30 -21.80 -33.63
C LYS G 18 2.66 -21.15 -33.50
N GLY G 19 2.83 -20.34 -32.47
CA GLY G 19 4.10 -19.72 -32.22
C GLY G 19 4.64 -20.30 -30.95
N GLU G 20 5.69 -21.09 -31.05
CA GLU G 20 6.19 -21.80 -29.90
C GLU G 20 7.53 -21.27 -29.47
N CYS G 21 7.69 -21.06 -28.18
CA CYS G 21 8.95 -20.56 -27.64
C CYS G 21 9.51 -21.54 -26.62
N TYR G 22 10.64 -22.16 -26.93
CA TYR G 22 11.24 -23.14 -26.03
C TYR G 22 12.39 -22.55 -25.21
N PHE G 23 12.28 -22.62 -23.89
CA PHE G 23 13.30 -22.06 -23.01
C PHE G 23 13.95 -23.16 -22.17
N THR G 24 15.26 -23.32 -22.32
CA THR G 24 16.01 -24.32 -21.58
C THR G 24 17.16 -23.70 -20.79
N ASN G 25 17.22 -24.02 -19.51
CA ASN G 25 18.14 -23.38 -18.56
C ASN G 25 17.75 -21.92 -18.38
N GLY G 26 16.45 -21.67 -18.38
CA GLY G 26 15.93 -20.32 -18.26
C GLY G 26 15.99 -19.61 -19.60
N THR G 27 16.76 -18.53 -19.64
CA THR G 27 16.90 -17.75 -20.87
C THR G 27 18.12 -18.21 -21.65
N GLN G 28 19.10 -18.74 -20.95
CA GLN G 28 20.41 -19.05 -21.54
C GLN G 28 20.35 -19.79 -22.87
N ARG G 29 19.20 -20.40 -23.17
CA ARG G 29 18.99 -21.06 -24.46
C ARG G 29 17.54 -20.99 -24.90
N ILE G 30 17.28 -20.27 -25.99
CA ILE G 30 15.92 -20.12 -26.50
C ILE G 30 15.80 -20.53 -27.96
N ARG G 31 14.70 -21.21 -28.27
CA ARG G 31 14.41 -21.59 -29.65
C ARG G 31 12.96 -21.24 -29.96
N LEU G 32 12.75 -20.80 -31.20
CA LEU G 32 11.46 -20.26 -31.59
C LEU G 32 10.99 -20.92 -32.87
N VAL G 33 9.92 -21.70 -32.79
CA VAL G 33 9.33 -22.27 -33.98
C VAL G 33 8.05 -21.51 -34.30
N THR G 34 7.51 -21.70 -35.50
CA THR G 34 6.36 -20.94 -35.96
C THR G 34 5.76 -21.68 -37.13
N ARG G 35 4.58 -22.23 -36.96
CA ARG G 35 4.07 -23.11 -38.00
C ARG G 35 2.79 -22.61 -38.64
N TYR G 36 2.83 -22.33 -39.93
CA TYR G 36 1.59 -21.97 -40.60
C TYR G 36 0.96 -23.23 -41.18
N ILE G 37 -0.27 -23.51 -40.79
CA ILE G 37 -0.85 -24.82 -41.02
C ILE G 37 -2.20 -24.73 -41.71
N TYR G 38 -2.30 -25.26 -42.92
CA TYR G 38 -3.60 -25.40 -43.55
C TYR G 38 -4.20 -26.69 -43.03
N ASN G 39 -5.52 -26.69 -42.80
CA ASN G 39 -6.17 -27.84 -42.20
C ASN G 39 -5.31 -28.45 -41.10
N ARG G 40 -4.74 -29.62 -41.38
CA ARG G 40 -3.89 -30.29 -40.39
C ARG G 40 -2.47 -30.43 -40.89
N GLU G 41 -2.22 -29.91 -42.09
CA GLU G 41 -0.96 -30.09 -42.79
C GLU G 41 -0.06 -28.85 -42.74
N GLU G 42 0.99 -28.93 -41.93
CA GLU G 42 1.92 -27.83 -41.78
C GLU G 42 2.66 -27.63 -43.08
N TYR G 43 2.77 -26.39 -43.55
CA TYR G 43 3.38 -26.16 -44.86
C TYR G 43 4.48 -25.13 -44.87
N LEU G 44 4.44 -24.15 -43.96
CA LEU G 44 5.52 -23.20 -43.85
C LEU G 44 6.04 -23.33 -42.42
N ARG G 45 7.25 -22.86 -42.18
CA ARG G 45 7.77 -22.94 -40.82
C ARG G 45 9.06 -22.18 -40.57
N PHE G 46 9.03 -21.27 -39.61
CA PHE G 46 10.25 -20.60 -39.18
C PHE G 46 10.88 -21.39 -38.05
N ASP G 47 12.18 -21.61 -38.15
CA ASP G 47 12.88 -22.31 -37.10
C ASP G 47 14.11 -21.51 -36.73
N SER G 48 14.13 -20.98 -35.52
CA SER G 48 15.25 -20.13 -35.10
C SER G 48 16.58 -20.84 -35.30
N ASP G 49 16.58 -22.16 -35.08
CA ASP G 49 17.79 -22.95 -35.27
C ASP G 49 18.27 -22.85 -36.72
N VAL G 50 17.36 -23.15 -37.63
CA VAL G 50 17.63 -23.05 -39.07
C VAL G 50 18.00 -21.63 -39.45
N GLY G 51 17.24 -20.67 -38.93
CA GLY G 51 17.52 -19.26 -39.13
C GLY G 51 16.65 -18.57 -40.16
N GLU G 52 15.78 -19.33 -40.81
CA GLU G 52 14.93 -18.79 -41.86
C GLU G 52 13.72 -19.66 -42.13
N TYR G 53 12.82 -19.15 -42.98
CA TYR G 53 11.61 -19.86 -43.34
C TYR G 53 11.88 -21.00 -44.31
N ARG G 54 11.18 -22.11 -44.09
CA ARG G 54 11.34 -23.30 -44.93
C ARG G 54 9.99 -23.90 -45.26
N ALA G 55 9.69 -24.03 -46.54
CA ALA G 55 8.50 -24.80 -46.94
C ALA G 55 8.61 -26.20 -46.33
N VAL G 56 7.48 -26.86 -46.11
CA VAL G 56 7.48 -28.20 -45.53
C VAL G 56 6.52 -29.14 -46.27
N THR G 57 5.63 -28.56 -47.05
CA THR G 57 4.86 -29.35 -48.00
C THR G 57 4.87 -28.58 -49.31
N GLU G 58 4.27 -29.15 -50.33
CA GLU G 58 4.30 -28.53 -51.65
C GLU G 58 3.43 -27.29 -51.65
N LEU G 59 2.62 -27.15 -50.60
CA LEU G 59 1.65 -26.07 -50.51
C LEU G 59 2.33 -24.73 -50.26
N GLY G 60 3.32 -24.73 -49.37
CA GLY G 60 4.02 -23.51 -49.03
C GLY G 60 5.38 -23.49 -49.68
N ARG G 61 5.43 -23.93 -50.94
CA ARG G 61 6.69 -24.06 -51.65
C ARG G 61 7.31 -22.73 -52.07
N HIS G 62 6.50 -21.85 -52.66
CA HIS G 62 6.96 -20.54 -53.07
C HIS G 62 6.72 -19.50 -51.98
N SER G 63 5.98 -19.90 -50.96
CA SER G 63 5.70 -19.04 -49.81
C SER G 63 6.96 -18.68 -49.04
N ALA G 64 7.82 -19.67 -48.81
CA ALA G 64 9.03 -19.44 -48.03
C ALA G 64 9.86 -18.32 -48.62
N GLU G 65 9.92 -18.25 -49.94
CA GLU G 65 10.65 -17.18 -50.62
C GLU G 65 10.09 -15.84 -50.18
N TYR G 66 8.78 -15.74 -50.19
CA TYR G 66 8.07 -14.52 -49.85
C TYR G 66 8.37 -14.08 -48.43
N TYR G 67 7.91 -14.88 -47.47
CA TYR G 67 8.09 -14.56 -46.04
C TYR G 67 9.54 -14.23 -45.71
N ASN G 68 10.48 -14.96 -46.30
CA ASN G 68 11.88 -14.65 -46.13
C ASN G 68 12.18 -13.27 -46.69
N LYS G 69 11.62 -13.00 -47.87
CA LYS G 69 11.81 -11.69 -48.49
C LYS G 69 11.25 -10.58 -47.61
N GLN G 70 9.98 -10.73 -47.26
CA GLN G 70 9.21 -9.66 -46.61
C GLN G 70 9.39 -9.60 -45.09
N TYR G 71 9.37 -10.76 -44.44
CA TYR G 71 9.21 -10.82 -42.99
C TYR G 71 10.41 -11.36 -42.20
N LEU G 72 11.43 -11.84 -42.90
CA LEU G 72 12.51 -12.57 -42.24
C LEU G 72 13.22 -11.80 -41.15
N GLU G 73 13.35 -10.49 -41.31
CA GLU G 73 14.14 -9.68 -40.38
C GLU G 73 13.48 -9.55 -39.01
N ARG G 74 12.23 -9.12 -39.00
CA ARG G 74 11.48 -8.89 -37.78
C ARG G 74 11.24 -10.20 -37.04
N THR G 75 10.91 -11.23 -37.79
CA THR G 75 10.67 -12.56 -37.21
C THR G 75 11.87 -13.03 -36.40
N ARG G 76 13.06 -12.82 -36.93
CA ARG G 76 14.28 -13.25 -36.26
C ARG G 76 14.46 -12.61 -34.90
N ALA G 77 13.97 -11.38 -34.76
CA ALA G 77 14.07 -10.70 -33.48
C ALA G 77 12.91 -11.06 -32.56
N GLU G 78 11.80 -11.51 -33.14
CA GLU G 78 10.65 -11.91 -32.32
C GLU G 78 11.10 -12.83 -31.21
N LEU G 79 12.25 -13.47 -31.41
CA LEU G 79 12.83 -14.35 -30.41
C LEU G 79 13.26 -13.61 -29.14
N ASP G 80 13.77 -12.40 -29.31
CA ASP G 80 14.33 -11.63 -28.21
C ASP G 80 13.37 -10.55 -27.77
N THR G 81 12.39 -10.28 -28.63
CA THR G 81 11.41 -9.22 -28.43
C THR G 81 10.05 -9.77 -27.98
N ALA G 82 9.88 -11.08 -28.09
CA ALA G 82 8.62 -11.72 -27.70
C ALA G 82 8.85 -12.90 -26.77
N CYS G 83 9.78 -13.77 -27.12
CA CYS G 83 10.14 -14.87 -26.24
C CYS G 83 10.86 -14.33 -25.02
N ARG G 84 12.09 -13.86 -25.23
CA ARG G 84 12.91 -13.29 -24.17
C ARG G 84 12.10 -12.42 -23.24
N HIS G 85 11.40 -11.45 -23.81
CA HIS G 85 10.59 -10.52 -23.04
C HIS G 85 9.50 -11.22 -22.23
N ASN G 86 8.61 -11.96 -22.89
CA ASN G 86 7.52 -12.62 -22.18
C ASN G 86 8.00 -13.42 -20.98
N TYR G 87 9.06 -14.20 -21.18
CA TYR G 87 9.62 -15.02 -20.11
C TYR G 87 10.08 -14.15 -18.96
N GLU G 88 11.06 -13.29 -19.25
CA GLU G 88 11.66 -12.46 -18.22
C GLU G 88 10.69 -11.54 -17.51
N GLU G 89 9.70 -11.05 -18.24
CA GLU G 89 8.89 -9.95 -17.73
C GLU G 89 7.45 -10.32 -17.36
N THR G 90 6.93 -11.40 -17.92
CA THR G 90 5.54 -11.77 -17.66
C THR G 90 5.35 -13.20 -17.14
N GLU G 91 6.26 -14.11 -17.50
CA GLU G 91 6.16 -15.49 -17.07
C GLU G 91 6.88 -15.71 -15.75
N VAL G 92 8.08 -15.17 -15.65
CA VAL G 92 8.87 -15.34 -14.45
C VAL G 92 8.10 -14.89 -13.20
N PRO G 93 7.47 -13.71 -13.26
CA PRO G 93 6.80 -13.23 -12.06
C PRO G 93 5.39 -13.78 -11.85
N THR G 94 4.88 -14.60 -12.78
CA THR G 94 3.52 -15.10 -12.64
C THR G 94 3.42 -16.64 -12.64
N SER G 95 3.70 -17.25 -13.77
CA SER G 95 3.57 -18.70 -13.89
C SER G 95 4.62 -19.43 -13.08
N LEU G 96 5.89 -19.09 -13.27
CA LEU G 96 6.96 -19.76 -12.54
C LEU G 96 6.84 -19.55 -11.03
N ARG G 97 6.22 -18.43 -10.64
CA ARG G 97 6.04 -18.12 -9.23
C ARG G 97 5.04 -19.05 -8.53
N ARG G 98 4.08 -19.56 -9.30
CA ARG G 98 2.99 -20.39 -8.78
C ARG G 98 3.44 -21.71 -8.18
N LEU G 99 3.11 -21.93 -6.90
CA LEU G 99 3.45 -23.17 -6.19
C LEU G 99 2.26 -23.66 -5.38
N GLU G 100 1.83 -24.89 -5.65
CA GLU G 100 0.68 -25.46 -4.97
C GLU G 100 1.02 -26.73 -4.16
N GLN G 101 0.49 -26.82 -2.96
CA GLN G 101 0.67 -27.99 -2.12
C GLN G 101 -0.41 -29.03 -2.41
N PRO G 102 -0.03 -30.31 -2.43
CA PRO G 102 -0.86 -31.46 -2.84
C PRO G 102 -1.85 -31.95 -1.77
N ASN G 103 -2.73 -32.86 -2.19
CA ASN G 103 -3.78 -33.41 -1.31
C ASN G 103 -3.63 -34.91 -1.10
N VAL G 104 -2.65 -35.29 -0.27
CA VAL G 104 -2.31 -36.69 0.00
C VAL G 104 -3.37 -37.39 0.84
N ALA G 105 -3.98 -38.45 0.30
CA ALA G 105 -5.06 -39.12 1.01
C ALA G 105 -5.17 -40.60 0.69
N ILE G 106 -4.69 -41.43 1.60
CA ILE G 106 -4.69 -42.88 1.43
C ILE G 106 -6.09 -43.49 1.52
N SER G 107 -6.38 -44.40 0.60
CA SER G 107 -7.67 -45.05 0.54
C SER G 107 -7.49 -46.56 0.67
N LEU G 108 -8.45 -47.32 0.15
CA LEU G 108 -8.37 -48.78 0.12
C LEU G 108 -9.27 -49.34 -0.99
N SER G 109 -8.71 -50.25 -1.79
CA SER G 109 -9.40 -50.80 -2.96
C SER G 109 -10.89 -51.07 -2.76
N ARG G 110 -11.60 -51.25 -3.89
CA ARG G 110 -13.03 -51.49 -3.91
C ARG G 110 -13.57 -52.19 -2.66
N HIS G 117 -4.83 -60.26 -1.05
CA HIS G 117 -4.18 -59.17 -1.76
C HIS G 117 -5.10 -57.95 -1.96
N ASN G 118 -4.98 -56.96 -1.06
CA ASN G 118 -5.72 -55.71 -1.15
C ASN G 118 -4.86 -54.61 -1.76
N THR G 119 -5.41 -53.39 -1.89
CA THR G 119 -4.70 -52.30 -2.56
C THR G 119 -4.85 -50.92 -1.90
N LEU G 120 -3.73 -50.28 -1.59
CA LEU G 120 -3.71 -49.01 -0.86
C LEU G 120 -3.62 -47.76 -1.74
N VAL G 121 -4.65 -47.50 -2.53
CA VAL G 121 -4.68 -46.34 -3.42
C VAL G 121 -4.35 -45.01 -2.74
N CYS G 122 -3.14 -44.49 -2.90
CA CYS G 122 -2.78 -43.24 -2.22
C CYS G 122 -2.83 -42.01 -3.14
N SER G 123 -3.96 -41.32 -3.15
CA SER G 123 -4.12 -40.15 -4.04
C SER G 123 -3.26 -38.94 -3.61
N VAL G 124 -2.75 -38.20 -4.59
CA VAL G 124 -2.02 -36.95 -4.33
C VAL G 124 -2.45 -35.87 -5.30
N THR G 125 -3.40 -35.03 -4.91
CA THR G 125 -4.06 -34.15 -5.88
C THR G 125 -3.79 -32.65 -5.75
N ASP G 126 -4.14 -31.93 -6.82
CA ASP G 126 -4.12 -30.46 -6.86
C ASP G 126 -2.78 -29.81 -6.47
N PHE G 127 -1.79 -29.90 -7.35
CA PHE G 127 -0.49 -29.26 -7.13
C PHE G 127 0.08 -28.62 -8.39
N TYR G 128 1.16 -27.86 -8.23
CA TYR G 128 1.85 -27.21 -9.34
C TYR G 128 3.19 -26.72 -8.78
N PRO G 129 4.29 -26.91 -9.53
CA PRO G 129 4.36 -27.51 -10.87
C PRO G 129 4.15 -29.01 -10.85
N ALA G 130 4.78 -29.71 -11.79
CA ALA G 130 4.60 -31.15 -11.95
C ALA G 130 5.73 -31.95 -11.31
N LYS G 131 6.76 -31.25 -10.83
CA LYS G 131 7.87 -31.90 -10.17
C LYS G 131 7.42 -32.46 -8.83
N ILE G 132 7.66 -33.75 -8.60
CA ILE G 132 7.19 -34.41 -7.40
C ILE G 132 7.91 -35.76 -7.22
N LYS G 133 7.70 -36.37 -6.06
CA LYS G 133 8.23 -37.70 -5.76
C LYS G 133 7.32 -38.41 -4.77
N VAL G 134 6.76 -39.53 -5.18
CA VAL G 134 5.77 -40.23 -4.36
C VAL G 134 6.18 -41.64 -3.94
N ARG G 135 6.95 -41.75 -2.86
CA ARG G 135 7.44 -43.05 -2.39
C ARG G 135 6.49 -43.72 -1.40
N TRP G 136 6.60 -45.04 -1.28
CA TRP G 136 5.82 -45.84 -0.33
C TRP G 136 6.69 -46.45 0.75
N PHE G 137 6.14 -46.62 1.95
CA PHE G 137 6.91 -47.18 3.06
C PHE G 137 6.16 -48.25 3.84
N ARG G 138 6.91 -49.19 4.41
CA ARG G 138 6.36 -50.32 5.14
C ARG G 138 7.15 -50.46 6.44
N ASN G 139 6.61 -49.90 7.51
CA ASN G 139 7.31 -49.90 8.79
C ASN G 139 8.66 -49.20 8.70
N GLY G 140 8.69 -48.10 7.94
CA GLY G 140 9.90 -47.31 7.77
C GLY G 140 10.85 -47.84 6.72
N GLN G 141 10.40 -48.81 5.93
CA GLN G 141 11.20 -49.37 4.85
C GLN G 141 10.57 -49.13 3.48
N GLU G 142 11.38 -48.70 2.52
CA GLU G 142 10.88 -48.33 1.20
C GLU G 142 10.50 -49.54 0.36
N GLU G 143 9.43 -49.40 -0.42
CA GLU G 143 8.92 -50.48 -1.26
C GLU G 143 8.87 -50.08 -2.73
N THR G 144 9.36 -50.96 -3.59
CA THR G 144 9.35 -50.72 -5.04
C THR G 144 8.57 -51.81 -5.77
N VAL G 145 8.09 -52.79 -5.01
CA VAL G 145 7.39 -53.94 -5.57
C VAL G 145 5.89 -53.82 -5.34
N GLY G 146 5.10 -54.28 -6.30
CA GLY G 146 3.66 -54.17 -6.26
C GLY G 146 3.18 -52.76 -6.52
N VAL G 147 3.97 -51.79 -6.05
CA VAL G 147 3.64 -50.38 -6.17
C VAL G 147 3.45 -49.91 -7.61
N SER G 148 2.21 -49.70 -8.01
CA SER G 148 1.93 -49.11 -9.32
C SER G 148 1.84 -47.59 -9.21
N SER G 149 1.64 -46.91 -10.34
CA SER G 149 1.46 -45.47 -10.32
C SER G 149 0.78 -45.05 -11.61
N THR G 150 0.36 -43.80 -11.70
CA THR G 150 -0.22 -43.32 -12.94
C THR G 150 0.61 -42.20 -13.54
N GLN G 151 0.34 -41.91 -14.80
CA GLN G 151 0.99 -40.81 -15.49
C GLN G 151 0.41 -39.50 -14.99
N LEU G 152 1.29 -38.56 -14.64
CA LEU G 152 0.90 -37.22 -14.20
C LEU G 152 -0.38 -36.77 -14.88
N ILE G 153 -1.40 -36.44 -14.08
CA ILE G 153 -2.69 -36.07 -14.62
C ILE G 153 -2.86 -34.56 -14.65
N ARG G 154 -3.00 -34.01 -15.84
CA ARG G 154 -3.16 -32.58 -16.01
C ARG G 154 -4.63 -32.20 -15.89
N ASN G 155 -4.96 -31.44 -14.84
CA ASN G 155 -6.34 -31.05 -14.58
C ASN G 155 -6.85 -29.94 -15.51
N GLY G 156 -5.96 -29.03 -15.88
CA GLY G 156 -6.34 -27.93 -16.76
C GLY G 156 -6.52 -26.64 -15.99
N ASP G 157 -6.99 -26.74 -14.76
CA ASP G 157 -7.07 -25.55 -13.92
C ASP G 157 -5.74 -25.28 -13.23
N TRP G 158 -4.66 -25.49 -13.96
CA TRP G 158 -3.31 -25.20 -13.48
C TRP G 158 -2.91 -26.03 -12.27
N THR G 159 -3.56 -27.19 -12.12
CA THR G 159 -3.25 -28.15 -11.05
C THR G 159 -3.07 -29.58 -11.59
N PHE G 160 -2.37 -30.40 -10.82
CA PHE G 160 -2.07 -31.78 -11.20
C PHE G 160 -2.62 -32.80 -10.21
N GLN G 161 -2.33 -34.06 -10.45
CA GLN G 161 -2.77 -35.14 -9.56
C GLN G 161 -2.24 -36.48 -10.06
N VAL G 162 -2.07 -37.42 -9.13
CA VAL G 162 -1.57 -38.75 -9.45
C VAL G 162 -1.92 -39.75 -8.34
N LEU G 163 -2.26 -40.98 -8.72
CA LEU G 163 -2.68 -42.01 -7.79
C LEU G 163 -1.66 -43.14 -7.71
N VAL G 164 -1.08 -43.35 -6.54
CA VAL G 164 0.02 -44.29 -6.38
C VAL G 164 -0.33 -45.54 -5.59
N MET G 165 -0.83 -46.57 -6.25
CA MET G 165 -1.28 -47.79 -5.55
C MET G 165 -0.21 -48.50 -4.73
N LEU G 166 -0.60 -49.63 -4.16
CA LEU G 166 0.32 -50.53 -3.47
C LEU G 166 -0.40 -51.80 -3.11
N GLU G 167 -0.23 -52.84 -3.92
CA GLU G 167 -0.87 -54.12 -3.67
C GLU G 167 -0.20 -54.81 -2.48
N MET G 168 -1.00 -55.19 -1.49
CA MET G 168 -0.47 -55.84 -0.28
C MET G 168 -1.51 -56.58 0.54
N THR G 169 -1.05 -57.36 1.51
CA THR G 169 -1.95 -57.90 2.53
C THR G 169 -1.60 -57.27 3.88
N PRO G 170 -2.63 -56.87 4.64
CA PRO G 170 -2.50 -56.05 5.85
C PRO G 170 -2.57 -56.84 7.16
N HIS G 171 -1.45 -56.96 7.86
CA HIS G 171 -1.45 -57.54 9.20
C HIS G 171 -1.78 -56.45 10.21
N GLN G 172 -2.62 -56.78 11.18
CA GLN G 172 -2.93 -55.86 12.26
C GLN G 172 -1.65 -55.24 12.81
N GLY G 173 -1.66 -53.94 13.04
CA GLY G 173 -0.54 -53.28 13.68
C GLY G 173 0.54 -52.75 12.77
N GLU G 174 0.53 -53.17 11.51
CA GLU G 174 1.53 -52.73 10.53
C GLU G 174 1.29 -51.29 10.09
N VAL G 175 2.36 -50.51 9.98
CA VAL G 175 2.26 -49.11 9.60
C VAL G 175 2.72 -48.83 8.17
N TYR G 176 1.96 -48.00 7.46
CA TYR G 176 2.32 -47.62 6.10
C TYR G 176 2.53 -46.12 6.01
N THR G 177 3.11 -45.68 4.89
CA THR G 177 3.43 -44.28 4.72
C THR G 177 3.48 -43.90 3.24
N CYS G 178 2.77 -42.85 2.89
CA CYS G 178 2.83 -42.26 1.57
C CYS G 178 3.77 -41.07 1.70
N HIS G 179 4.93 -41.14 1.06
CA HIS G 179 5.94 -40.11 1.25
C HIS G 179 6.06 -39.24 0.00
N VAL G 180 5.56 -38.01 0.08
CA VAL G 180 5.52 -37.11 -1.08
C VAL G 180 6.51 -35.95 -0.98
N GLU G 181 7.28 -35.75 -2.04
CA GLU G 181 8.23 -34.66 -2.10
C GLU G 181 7.88 -33.71 -3.23
N HIS G 182 7.78 -32.43 -2.91
CA HIS G 182 7.37 -31.43 -3.88
C HIS G 182 8.11 -30.13 -3.57
N PRO G 183 8.21 -29.22 -4.57
CA PRO G 183 8.84 -27.91 -4.35
C PRO G 183 8.03 -27.02 -3.43
N SER G 184 6.71 -27.22 -3.38
CA SER G 184 5.85 -26.39 -2.54
C SER G 184 5.97 -26.74 -1.07
N LEU G 185 6.71 -27.82 -0.78
CA LEU G 185 6.86 -28.30 0.59
C LEU G 185 8.31 -28.24 1.07
N LYS G 186 8.54 -27.52 2.16
CA LYS G 186 9.87 -27.48 2.77
C LYS G 186 10.15 -28.84 3.38
N SER G 187 9.17 -29.33 4.14
CA SER G 187 9.25 -30.63 4.79
C SER G 187 8.31 -31.62 4.09
N PRO G 188 8.88 -32.71 3.54
CA PRO G 188 8.14 -33.75 2.82
C PRO G 188 6.86 -34.17 3.53
N ILE G 189 5.80 -34.40 2.75
CA ILE G 189 4.52 -34.85 3.29
C ILE G 189 4.58 -36.33 3.61
N THR G 190 3.91 -36.74 4.69
CA THR G 190 3.75 -38.16 5.03
C THR G 190 2.38 -38.47 5.60
N VAL G 191 1.76 -39.51 5.09
CA VAL G 191 0.44 -39.94 5.55
C VAL G 191 0.47 -41.42 5.89
N GLU G 192 -0.02 -41.74 7.09
CA GLU G 192 0.04 -43.11 7.60
C GLU G 192 -1.32 -43.81 7.62
N TRP G 193 -1.27 -45.15 7.70
CA TRP G 193 -2.47 -45.97 7.59
C TRP G 193 -2.29 -47.32 8.28
N SER G 194 -3.27 -47.70 9.10
CA SER G 194 -3.22 -48.97 9.85
C SER G 194 -4.37 -49.90 9.47
N GLY H 1 3.53 2.25 -15.14
CA GLY H 1 4.51 1.62 -16.01
C GLY H 1 4.62 0.13 -15.78
N ALA H 2 3.48 -0.56 -15.87
CA ALA H 2 3.44 -2.01 -15.68
C ALA H 2 3.68 -2.77 -16.98
N MET H 3 4.80 -3.49 -17.05
CA MET H 3 5.15 -4.27 -18.23
C MET H 3 3.96 -5.10 -18.67
N LYS H 4 3.85 -5.32 -19.97
CA LYS H 4 2.78 -6.16 -20.49
C LYS H 4 3.28 -7.30 -21.38
N ARG H 5 2.32 -8.06 -21.90
CA ARG H 5 2.63 -9.31 -22.56
C ARG H 5 2.56 -9.15 -24.06
N HIS H 6 3.55 -9.71 -24.76
CA HIS H 6 3.60 -9.67 -26.22
C HIS H 6 3.10 -11.00 -26.77
N GLY H 7 2.76 -11.03 -28.05
CA GLY H 7 2.21 -12.23 -28.63
C GLY H 7 2.49 -12.48 -30.10
N LEU H 8 3.61 -13.15 -30.39
CA LEU H 8 3.99 -13.62 -31.73
C LEU H 8 2.95 -13.35 -32.83
N ASP H 9 3.40 -12.71 -33.91
CA ASP H 9 2.51 -12.33 -34.99
C ASP H 9 2.46 -13.38 -36.10
N ASN H 10 1.29 -13.50 -36.73
CA ASN H 10 1.15 -14.34 -37.92
C ASN H 10 0.86 -13.51 -39.16
N TYR H 11 1.68 -13.71 -40.20
CA TYR H 11 1.71 -12.81 -41.35
C TYR H 11 0.90 -13.27 -42.57
N ARG H 12 0.48 -12.30 -43.40
CA ARG H 12 -0.26 -12.58 -44.63
C ARG H 12 0.69 -12.99 -45.75
N GLY H 13 0.26 -13.92 -46.60
CA GLY H 13 1.05 -14.34 -47.74
C GLY H 13 0.49 -13.68 -48.99
N TYR H 14 1.33 -13.54 -50.01
CA TYR H 14 0.94 -12.81 -51.21
C TYR H 14 -0.40 -13.29 -51.77
N SER H 15 -1.26 -12.34 -52.16
CA SER H 15 -2.59 -12.68 -52.67
C SER H 15 -2.89 -12.07 -54.03
N LEU H 16 -2.93 -10.74 -54.10
CA LEU H 16 -3.33 -10.00 -55.28
C LEU H 16 -4.87 -9.92 -55.38
N GLY H 17 -5.43 -8.89 -54.76
CA GLY H 17 -6.88 -8.71 -54.74
C GLY H 17 -7.52 -9.20 -53.46
N MET I 2 6.51 7.48 -20.41
CA MET I 2 7.08 7.91 -21.68
C MET I 2 7.65 6.75 -22.47
N PRO I 3 6.93 6.34 -23.53
CA PRO I 3 7.34 5.22 -24.37
C PRO I 3 8.65 5.50 -25.09
N VAL I 4 8.66 6.53 -25.93
CA VAL I 4 9.84 6.83 -26.74
C VAL I 4 10.45 8.16 -26.32
N GLU I 5 11.77 8.28 -26.50
CA GLU I 5 12.52 9.45 -26.07
C GLU I 5 13.55 9.88 -27.12
N GLN I 6 13.31 11.01 -27.76
CA GLN I 6 14.22 11.51 -28.79
C GLN I 6 15.19 12.55 -28.25
N ASN I 7 16.46 12.37 -28.56
CA ASN I 7 17.50 13.28 -28.09
C ASN I 7 18.62 13.46 -29.12
N PRO I 8 19.05 14.72 -29.36
CA PRO I 8 18.59 15.97 -28.74
C PRO I 8 17.21 16.41 -29.26
N PRO I 9 16.65 17.51 -28.73
CA PRO I 9 15.37 18.02 -29.24
C PRO I 9 15.57 18.81 -30.54
N ALA I 10 16.79 19.32 -30.75
CA ALA I 10 17.15 20.05 -31.95
C ALA I 10 18.65 20.30 -31.93
N LEU I 11 19.31 20.28 -33.08
CA LEU I 11 20.75 20.48 -33.10
C LEU I 11 21.29 21.28 -34.29
N SER I 12 22.46 21.88 -34.08
CA SER I 12 23.12 22.66 -35.10
C SER I 12 24.30 21.88 -35.66
N LEU I 13 24.78 22.29 -36.83
CA LEU I 13 25.91 21.62 -37.47
C LEU I 13 26.46 22.46 -38.59
N TYR I 14 27.60 22.07 -39.13
CA TYR I 14 28.16 22.70 -40.32
C TYR I 14 28.35 21.65 -41.37
N GLU I 15 28.77 22.06 -42.56
CA GLU I 15 29.03 21.12 -43.64
C GLU I 15 30.03 20.06 -43.16
N GLY I 16 30.03 18.89 -43.80
CA GLY I 16 30.98 17.84 -43.50
C GLY I 16 30.91 17.20 -42.12
N ALA I 17 30.52 17.98 -41.11
CA ALA I 17 30.55 17.52 -39.72
C ALA I 17 29.49 16.48 -39.40
N ASP I 18 29.82 15.58 -38.46
CA ASP I 18 28.96 14.45 -38.13
C ASP I 18 28.20 14.65 -36.84
N SER I 19 27.23 13.78 -36.59
CA SER I 19 26.48 13.79 -35.35
C SER I 19 25.53 12.61 -35.28
N GLY I 20 25.07 12.30 -34.07
CA GLY I 20 24.17 11.18 -33.84
C GLY I 20 22.91 11.58 -33.08
N LEU I 21 21.89 10.73 -33.16
CA LEU I 21 20.62 10.99 -32.50
C LEU I 21 20.14 9.79 -31.70
N ARG I 22 19.97 9.97 -30.39
CA ARG I 22 19.57 8.88 -29.50
C ARG I 22 18.06 8.70 -29.42
N CYS I 23 17.63 7.46 -29.20
CA CYS I 23 16.22 7.15 -29.01
C CYS I 23 16.04 6.00 -28.01
N ASN I 24 15.75 6.36 -26.76
CA ASN I 24 15.60 5.39 -25.69
C ASN I 24 14.13 5.04 -25.43
N PHE I 25 13.82 3.75 -25.32
CA PHE I 25 12.44 3.30 -25.10
C PHE I 25 12.25 2.72 -23.70
N SER I 26 10.99 2.52 -23.32
CA SER I 26 10.67 2.03 -21.98
C SER I 26 10.50 0.51 -21.92
N THR I 27 9.96 -0.09 -22.98
CA THR I 27 9.84 -1.55 -23.04
C THR I 27 10.53 -2.12 -24.28
N THR I 28 10.22 -3.37 -24.60
CA THR I 28 10.77 -4.02 -25.78
C THR I 28 9.84 -3.74 -26.96
N MET I 29 10.40 -3.14 -28.00
CA MET I 29 9.64 -2.78 -29.19
C MET I 29 10.06 -3.70 -30.32
N LYS I 30 9.08 -4.14 -31.11
CA LYS I 30 9.31 -5.11 -32.18
C LYS I 30 10.15 -4.57 -33.35
N SER I 31 9.70 -3.49 -33.98
CA SER I 31 10.48 -2.87 -35.04
C SER I 31 10.49 -1.35 -34.90
N VAL I 32 11.62 -0.74 -35.24
CA VAL I 32 11.74 0.71 -35.24
C VAL I 32 11.78 1.20 -36.68
N GLN I 33 11.60 2.51 -36.87
CA GLN I 33 11.56 3.08 -38.20
C GLN I 33 11.93 4.54 -38.09
N TRP I 34 12.95 4.96 -38.84
CA TRP I 34 13.45 6.33 -38.76
C TRP I 34 12.95 7.18 -39.92
N PHE I 35 12.45 8.36 -39.61
CA PHE I 35 11.88 9.27 -40.62
C PHE I 35 12.61 10.59 -40.70
N GLN I 36 12.14 11.46 -41.59
CA GLN I 36 12.58 12.85 -41.59
C GLN I 36 11.62 13.75 -42.33
N GLN I 37 11.01 14.67 -41.58
CA GLN I 37 10.05 15.57 -42.16
C GLN I 37 10.76 16.77 -42.76
N ASN I 38 10.64 16.93 -44.08
CA ASN I 38 11.31 18.03 -44.76
C ASN I 38 10.68 19.39 -44.46
N HIS I 39 11.03 20.38 -45.27
CA HIS I 39 10.50 21.73 -45.10
C HIS I 39 9.07 21.82 -45.61
N ARG I 40 8.76 20.98 -46.59
CA ARG I 40 7.41 20.92 -47.14
C ARG I 40 6.39 20.45 -46.10
N GLY I 41 6.77 19.45 -45.32
CA GLY I 41 5.89 18.84 -44.33
C GLY I 41 5.60 17.38 -44.64
N ARG I 42 6.45 16.78 -45.46
CA ARG I 42 6.26 15.40 -45.89
C ARG I 42 7.25 14.44 -45.21
N LEU I 43 6.72 13.30 -44.77
CA LEU I 43 7.49 12.29 -44.02
C LEU I 43 8.18 11.31 -44.95
N ILE I 44 9.50 11.22 -44.85
CA ILE I 44 10.25 10.32 -45.71
C ILE I 44 11.02 9.26 -44.92
N THR I 45 10.68 7.99 -45.16
CA THR I 45 11.30 6.88 -44.42
C THR I 45 12.75 6.79 -44.78
N LEU I 46 13.60 6.69 -43.77
CA LEU I 46 15.02 6.52 -43.99
C LEU I 46 15.41 5.08 -43.71
N PHE I 47 14.90 4.55 -42.61
CA PHE I 47 15.26 3.21 -42.17
C PHE I 47 14.10 2.45 -41.58
N TYR I 48 14.06 1.16 -41.85
CA TYR I 48 13.20 0.24 -41.12
C TYR I 48 14.06 -0.86 -40.54
N LEU I 49 14.15 -0.91 -39.22
CA LEU I 49 15.00 -1.89 -38.54
C LEU I 49 14.19 -2.87 -37.71
N ALA I 50 14.60 -4.14 -37.75
CA ALA I 50 14.06 -5.12 -36.84
C ALA I 50 15.14 -5.49 -35.84
N GLN I 51 16.39 -5.41 -36.29
CA GLN I 51 17.52 -5.69 -35.42
C GLN I 51 18.83 -5.20 -36.03
N GLY I 52 19.89 -5.20 -35.22
CA GLY I 52 21.23 -4.89 -35.70
C GLY I 52 21.37 -3.49 -36.23
N THR I 53 21.98 -3.36 -37.40
CA THR I 53 22.25 -2.05 -37.98
C THR I 53 22.08 -2.05 -39.49
N LYS I 54 21.82 -0.87 -40.04
CA LYS I 54 21.75 -0.68 -41.49
C LYS I 54 22.51 0.57 -41.88
N GLU I 55 22.86 0.67 -43.16
CA GLU I 55 23.55 1.85 -43.65
C GLU I 55 23.09 2.22 -45.05
N ASN I 56 22.89 3.52 -45.26
CA ASN I 56 22.47 4.02 -46.56
C ASN I 56 23.22 5.28 -46.95
N GLY I 57 24.32 5.10 -47.67
CA GLY I 57 25.11 6.22 -48.13
C GLY I 57 25.78 6.96 -46.98
N ARG I 58 25.31 8.17 -46.71
CA ARG I 58 25.90 9.02 -45.67
C ARG I 58 25.23 8.79 -44.32
N LEU I 59 24.31 7.83 -44.28
CA LEU I 59 23.53 7.57 -43.08
C LEU I 59 23.65 6.13 -42.61
N LYS I 60 23.49 5.95 -41.30
CA LYS I 60 23.68 4.65 -40.68
C LYS I 60 22.95 4.63 -39.33
N SER I 61 22.23 3.55 -39.08
CA SER I 61 21.44 3.44 -37.86
C SER I 61 21.57 2.06 -37.26
N THR I 62 21.23 1.95 -35.97
CA THR I 62 21.30 0.68 -35.27
C THR I 62 20.10 0.53 -34.36
N PHE I 63 19.83 -0.71 -33.93
CA PHE I 63 18.66 -1.00 -33.11
C PHE I 63 18.92 -2.19 -32.18
N ASN I 64 18.71 -1.98 -30.89
CA ASN I 64 18.81 -3.07 -29.92
C ASN I 64 17.58 -3.16 -29.03
N SER I 65 16.74 -4.14 -29.32
CA SER I 65 15.47 -4.32 -28.63
C SER I 65 15.72 -4.53 -27.15
N LYS I 66 16.70 -5.39 -26.88
CA LYS I 66 17.04 -5.80 -25.52
C LYS I 66 17.55 -4.64 -24.66
N GLU I 67 18.37 -3.78 -25.24
CA GLU I 67 18.91 -2.65 -24.51
C GLU I 67 18.07 -1.38 -24.67
N ARG I 68 16.94 -1.50 -25.36
CA ARG I 68 15.95 -0.41 -25.44
C ARG I 68 16.50 0.93 -25.96
N TYR I 69 16.99 0.94 -27.18
CA TYR I 69 17.52 2.16 -27.78
C TYR I 69 17.74 2.00 -29.28
N SER I 70 17.95 3.12 -29.96
CA SER I 70 18.19 3.12 -31.39
C SER I 70 18.85 4.43 -31.79
N THR I 71 19.89 4.35 -32.60
CA THR I 71 20.65 5.54 -32.95
C THR I 71 20.59 5.85 -34.43
N LEU I 72 20.94 7.09 -34.77
CA LEU I 72 21.04 7.51 -36.15
C LEU I 72 22.25 8.42 -36.25
N HIS I 73 23.29 7.95 -36.93
CA HIS I 73 24.51 8.72 -37.11
C HIS I 73 24.62 9.22 -38.54
N ILE I 74 24.75 10.53 -38.68
CA ILE I 74 24.87 11.16 -39.98
C ILE I 74 26.29 11.64 -40.20
N LYS I 75 26.90 11.20 -41.30
CA LYS I 75 28.27 11.58 -41.60
C LYS I 75 28.34 12.47 -42.83
N ASP I 76 29.11 13.54 -42.73
CA ASP I 76 29.21 14.54 -43.77
C ASP I 76 27.87 15.25 -43.95
N ALA I 77 27.60 16.23 -43.10
CA ALA I 77 26.34 16.97 -43.16
C ALA I 77 26.26 17.86 -44.41
N GLN I 78 25.11 17.84 -45.06
CA GLN I 78 24.87 18.70 -46.20
C GLN I 78 23.77 19.68 -45.85
N LEU I 79 23.38 20.50 -46.81
CA LEU I 79 22.27 21.41 -46.60
C LEU I 79 20.95 20.66 -46.63
N GLU I 80 20.72 19.93 -47.72
CA GLU I 80 19.47 19.19 -47.89
C GLU I 80 19.17 18.32 -46.69
N ASP I 81 20.16 18.14 -45.82
CA ASP I 81 20.00 17.28 -44.65
C ASP I 81 19.28 17.95 -43.51
N SER I 82 18.81 19.18 -43.72
CA SER I 82 18.08 19.86 -42.68
C SER I 82 16.70 19.24 -42.55
N GLY I 83 15.87 19.82 -41.70
CA GLY I 83 14.55 19.27 -41.44
C GLY I 83 14.54 18.44 -40.18
N THR I 84 13.37 18.18 -39.63
CA THR I 84 13.22 17.42 -38.40
C THR I 84 13.40 15.93 -38.64
N TYR I 85 13.72 15.19 -37.58
CA TYR I 85 13.88 13.75 -37.66
C TYR I 85 13.07 13.00 -36.60
N PHE I 86 12.48 11.87 -37.01
CA PHE I 86 11.59 11.08 -36.17
C PHE I 86 12.00 9.61 -36.15
N CYS I 87 11.95 9.02 -34.97
CA CYS I 87 11.95 7.57 -34.92
C CYS I 87 10.59 7.15 -34.41
N ALA I 88 10.00 6.17 -35.07
CA ALA I 88 8.78 5.56 -34.60
C ALA I 88 9.18 4.17 -34.16
N ALA I 89 8.47 3.64 -33.15
CA ALA I 89 8.74 2.30 -32.66
C ALA I 89 7.43 1.54 -32.57
N GLU I 90 7.47 0.24 -32.82
CA GLU I 90 6.26 -0.57 -32.80
C GLU I 90 6.02 -1.15 -31.41
N ASP I 91 4.77 -1.25 -31.02
CA ASP I 91 4.44 -1.60 -29.64
C ASP I 91 4.40 -3.11 -29.34
N GLY I 92 3.49 -3.82 -30.02
CA GLY I 92 3.35 -5.24 -29.79
C GLY I 92 2.69 -5.55 -28.46
N GLY I 93 2.93 -4.70 -27.46
CA GLY I 93 2.38 -4.89 -26.13
C GLY I 93 0.97 -4.32 -26.04
N SER I 94 0.84 -3.04 -26.34
CA SER I 94 -0.45 -2.35 -26.34
C SER I 94 -0.96 -2.13 -27.77
N GLY I 95 -1.59 -3.15 -28.37
CA GLY I 95 -1.80 -3.14 -29.80
C GLY I 95 -0.41 -3.18 -30.36
N ASN I 96 -0.23 -2.93 -31.65
CA ASN I 96 1.13 -2.62 -32.11
C ASN I 96 1.17 -1.24 -32.71
N LYS I 97 0.82 -0.26 -31.88
CA LYS I 97 0.84 1.14 -32.26
C LYS I 97 2.19 1.52 -32.83
N LEU I 98 2.22 2.63 -33.56
CA LEU I 98 3.47 3.31 -33.85
C LEU I 98 3.62 4.47 -32.89
N ILE I 99 4.73 4.50 -32.16
CA ILE I 99 5.02 5.55 -31.20
C ILE I 99 6.16 6.44 -31.70
N PHE I 100 5.82 7.66 -32.11
CA PHE I 100 6.80 8.60 -32.62
C PHE I 100 7.43 9.44 -31.52
N GLY I 101 8.68 9.83 -31.72
CA GLY I 101 9.37 10.68 -30.77
C GLY I 101 8.92 12.13 -30.86
N THR I 102 9.64 13.02 -30.17
CA THR I 102 9.31 14.45 -30.18
C THR I 102 10.16 15.24 -31.17
N GLY I 103 10.53 14.60 -32.28
CA GLY I 103 11.28 15.26 -33.33
C GLY I 103 12.60 15.86 -32.89
N THR I 104 13.49 16.08 -33.85
CA THR I 104 14.79 16.68 -33.56
C THR I 104 15.22 17.62 -34.69
N LEU I 105 14.92 18.89 -34.55
CA LEU I 105 15.18 19.86 -35.62
C LEU I 105 16.65 19.96 -35.99
N LEU I 106 16.99 19.48 -37.17
CA LEU I 106 18.36 19.54 -37.63
C LEU I 106 18.62 20.79 -38.46
N SER I 107 19.63 21.56 -38.06
CA SER I 107 20.00 22.78 -38.76
C SER I 107 21.45 22.71 -39.23
N VAL I 108 21.63 22.64 -40.55
CA VAL I 108 22.97 22.46 -41.12
C VAL I 108 23.55 23.77 -41.70
N LYS I 109 24.31 24.49 -40.86
CA LYS I 109 24.92 25.77 -41.23
C LYS I 109 25.92 25.65 -42.38
N PRO I 110 26.12 26.76 -43.14
CA PRO I 110 26.83 26.74 -44.42
C PRO I 110 28.36 26.79 -44.34
N ASN I 111 28.92 27.37 -43.27
CA ASN I 111 30.36 27.53 -43.21
C ASN I 111 30.83 28.56 -44.23
N ILE I 112 30.64 29.83 -43.91
CA ILE I 112 31.02 30.92 -44.81
C ILE I 112 32.51 31.23 -44.67
N GLN I 113 33.15 31.53 -45.80
CA GLN I 113 34.59 31.78 -45.80
C GLN I 113 34.94 33.25 -45.99
N ASN I 114 34.20 33.93 -46.86
CA ASN I 114 34.40 35.36 -47.10
C ASN I 114 33.16 36.17 -46.73
N PRO I 115 32.94 36.36 -45.43
CA PRO I 115 31.77 37.07 -44.91
C PRO I 115 31.81 38.56 -45.26
N GLU I 116 30.80 39.05 -45.96
CA GLU I 116 30.72 40.46 -46.31
C GLU I 116 29.47 41.11 -45.75
N PRO I 117 29.27 41.02 -44.42
CA PRO I 117 28.04 41.48 -43.76
C PRO I 117 27.55 42.82 -44.30
N ALA I 118 26.58 42.80 -45.21
CA ALA I 118 26.01 44.02 -45.77
C ALA I 118 24.55 44.18 -45.39
N VAL I 119 24.04 45.39 -45.54
CA VAL I 119 22.62 45.66 -45.37
C VAL I 119 22.18 46.60 -46.49
N TYR I 120 21.01 46.33 -47.06
CA TYR I 120 20.50 47.11 -48.18
C TYR I 120 19.08 47.52 -47.90
N GLN I 121 18.67 48.64 -48.47
CA GLN I 121 17.25 48.95 -48.47
C GLN I 121 16.68 48.65 -49.85
N LEU I 122 15.55 47.96 -49.86
CA LEU I 122 14.87 47.64 -51.10
C LEU I 122 13.54 48.37 -51.10
N LYS I 123 13.03 48.70 -52.29
CA LYS I 123 11.78 49.43 -52.40
C LYS I 123 10.76 48.74 -53.29
N ASP I 124 9.48 48.90 -52.94
CA ASP I 124 8.37 48.31 -53.68
C ASP I 124 7.90 49.26 -54.77
N PRO I 125 8.28 48.98 -56.02
CA PRO I 125 7.95 49.87 -57.14
C PRO I 125 6.45 50.11 -57.27
N ARG I 126 5.62 49.36 -56.54
CA ARG I 126 4.18 49.50 -56.65
C ARG I 126 3.56 49.98 -55.35
N SER I 127 4.34 50.72 -54.58
CA SER I 127 3.88 51.35 -53.36
C SER I 127 4.98 52.27 -52.87
N GLN I 128 4.70 53.56 -52.85
CA GLN I 128 5.72 54.56 -52.55
C GLN I 128 6.41 54.39 -51.19
N ASP I 129 5.62 54.31 -50.13
CA ASP I 129 6.17 54.31 -48.78
C ASP I 129 6.73 52.96 -48.35
N SER I 130 6.79 52.03 -49.29
CA SER I 130 7.25 50.69 -48.95
C SER I 130 8.76 50.57 -48.99
N THR I 131 9.33 50.25 -47.84
CA THR I 131 10.77 50.13 -47.68
C THR I 131 11.11 48.90 -46.85
N LEU I 132 12.17 48.21 -47.24
CA LEU I 132 12.49 46.91 -46.65
C LEU I 132 13.98 46.72 -46.60
N CYS I 133 14.45 46.00 -45.58
CA CYS I 133 15.87 45.91 -45.28
C CYS I 133 16.44 44.49 -45.24
N LEU I 134 17.29 44.17 -46.21
CA LEU I 134 17.85 42.83 -46.31
C LEU I 134 19.30 42.80 -45.89
N PHE I 135 19.58 41.93 -44.93
CA PHE I 135 20.87 41.80 -44.28
C PHE I 135 21.56 40.54 -44.76
N THR I 136 22.53 40.67 -45.66
CA THR I 136 23.03 39.50 -46.37
C THR I 136 24.49 39.15 -46.16
N ASP I 137 24.92 38.13 -46.89
CA ASP I 137 26.28 37.60 -46.92
C ASP I 137 27.00 37.30 -45.59
N PHE I 138 26.37 37.56 -44.46
CA PHE I 138 27.07 37.36 -43.18
C PHE I 138 27.40 35.89 -42.85
N ASP I 139 28.13 35.69 -41.76
CA ASP I 139 28.65 34.36 -41.43
C ASP I 139 27.70 33.55 -40.54
N SER I 140 27.86 32.23 -40.60
CA SER I 140 27.00 31.30 -39.88
C SER I 140 26.94 31.60 -38.39
N GLN I 141 28.12 31.71 -37.78
CA GLN I 141 28.22 31.86 -36.33
C GLN I 141 27.30 32.94 -35.74
N ILE I 142 27.32 34.13 -36.34
CA ILE I 142 26.69 35.29 -35.71
C ILE I 142 25.17 35.22 -35.60
N ASN I 143 24.68 35.60 -34.42
CA ASN I 143 23.27 35.59 -34.09
C ASN I 143 22.56 36.86 -34.54
N VAL I 144 21.50 36.67 -35.33
CA VAL I 144 20.71 37.78 -35.85
C VAL I 144 19.86 38.44 -34.76
N PRO I 145 19.97 39.78 -34.64
CA PRO I 145 19.14 40.58 -33.74
C PRO I 145 17.66 40.16 -33.71
N LYS I 146 16.99 40.48 -32.61
CA LYS I 146 15.59 40.13 -32.43
C LYS I 146 14.77 41.41 -32.29
N THR I 147 13.53 41.36 -32.71
CA THR I 147 12.65 42.52 -32.58
C THR I 147 11.94 42.50 -31.25
N MET I 148 11.80 43.67 -30.64
CA MET I 148 11.16 43.80 -29.34
C MET I 148 10.05 44.84 -29.39
N GLU I 149 10.13 45.74 -30.35
CA GLU I 149 9.14 46.81 -30.47
C GLU I 149 7.96 46.40 -31.36
N SER I 150 6.89 47.17 -31.29
CA SER I 150 5.71 46.92 -32.10
C SER I 150 5.78 47.71 -33.41
N GLY I 151 5.30 47.10 -34.48
CA GLY I 151 5.32 47.73 -35.78
C GLY I 151 6.59 47.38 -36.53
N THR I 152 7.65 47.08 -35.79
CA THR I 152 8.91 46.67 -36.37
C THR I 152 9.03 45.16 -36.26
N PHE I 153 9.35 44.50 -37.37
CA PHE I 153 9.41 43.04 -37.38
C PHE I 153 10.69 42.54 -38.06
N ILE I 154 11.21 41.42 -37.58
CA ILE I 154 12.44 40.85 -38.12
C ILE I 154 12.34 39.33 -38.23
N THR I 155 12.93 38.78 -39.28
CA THR I 155 12.86 37.35 -39.55
C THR I 155 14.13 36.70 -39.08
N ASP I 156 14.09 35.38 -38.88
CA ASP I 156 15.26 34.62 -38.49
C ASP I 156 16.15 34.34 -39.70
N LYS I 157 17.36 33.85 -39.45
CA LYS I 157 18.38 33.80 -40.49
C LYS I 157 18.20 32.66 -41.49
N CYS I 158 17.45 32.92 -42.54
CA CYS I 158 17.26 31.96 -43.60
C CYS I 158 18.52 31.89 -44.47
N VAL I 159 18.83 30.71 -44.97
CA VAL I 159 20.07 30.48 -45.71
C VAL I 159 19.79 29.99 -47.10
N LEU I 160 20.53 30.48 -48.09
CA LEU I 160 20.30 30.02 -49.47
C LEU I 160 21.55 29.52 -50.20
N ASP I 161 21.37 29.06 -51.44
CA ASP I 161 22.47 28.51 -52.21
C ASP I 161 22.22 28.52 -53.71
N MET I 162 23.10 29.20 -54.44
CA MET I 162 23.04 29.27 -55.89
C MET I 162 23.91 28.15 -56.47
N LYS I 163 23.49 27.61 -57.61
CA LYS I 163 24.18 26.47 -58.20
C LYS I 163 25.59 26.80 -58.70
N ALA I 164 25.87 28.09 -58.90
CA ALA I 164 27.16 28.52 -59.45
C ALA I 164 28.34 27.86 -58.74
N MET I 165 28.86 28.55 -57.72
CA MET I 165 29.98 28.01 -56.95
C MET I 165 29.92 28.46 -55.50
N ASP I 166 29.95 27.49 -54.58
CA ASP I 166 29.85 27.73 -53.14
C ASP I 166 29.06 28.98 -52.80
N SER I 167 27.91 29.14 -53.45
CA SER I 167 27.19 30.42 -53.37
C SER I 167 26.28 30.51 -52.15
N LYS I 168 26.53 29.67 -51.15
CA LYS I 168 25.76 29.68 -49.91
C LYS I 168 25.87 31.03 -49.20
N SER I 169 24.73 31.67 -48.97
CA SER I 169 24.69 32.99 -48.35
C SER I 169 23.62 33.01 -47.28
N ASN I 170 23.86 33.70 -46.18
CA ASN I 170 22.81 33.88 -45.19
C ASN I 170 22.00 35.12 -45.49
N GLY I 171 21.18 35.53 -44.52
CA GLY I 171 20.42 36.75 -44.67
C GLY I 171 19.10 36.76 -43.93
N ALA I 172 18.78 37.89 -43.32
CA ALA I 172 17.48 38.08 -42.69
C ALA I 172 16.74 39.23 -43.37
N ILE I 173 15.62 39.64 -42.79
CA ILE I 173 14.78 40.66 -43.40
C ILE I 173 13.96 41.38 -42.35
N ALA I 174 13.70 42.68 -42.56
CA ALA I 174 12.88 43.41 -41.60
C ALA I 174 12.09 44.54 -42.22
N TRP I 175 11.02 44.96 -41.55
CA TRP I 175 10.19 46.04 -42.03
C TRP I 175 9.46 46.70 -40.86
N SER I 176 8.73 47.78 -41.13
CA SER I 176 7.99 48.47 -40.08
C SER I 176 6.88 49.40 -40.58
N ASN I 177 5.89 49.62 -39.72
CA ASN I 177 4.93 50.71 -39.88
C ASN I 177 5.25 51.81 -38.87
N GLN I 178 6.55 52.03 -38.65
CA GLN I 178 7.04 53.03 -37.71
C GLN I 178 7.67 54.20 -38.46
N THR I 179 7.16 55.40 -38.20
CA THR I 179 7.61 56.64 -38.84
C THR I 179 8.42 56.40 -40.11
N SER I 180 9.73 56.30 -39.95
CA SER I 180 10.65 56.01 -41.03
C SER I 180 12.05 55.93 -40.44
N PHE I 181 12.43 54.73 -40.00
CA PHE I 181 13.65 54.57 -39.22
C PHE I 181 14.68 53.61 -39.79
N THR I 182 15.72 54.22 -40.36
CA THR I 182 16.77 53.57 -41.17
C THR I 182 17.16 52.14 -40.85
N CYS I 183 17.94 51.58 -41.76
CA CYS I 183 18.29 50.17 -41.73
C CYS I 183 19.40 49.83 -40.75
N GLN I 184 19.94 50.82 -40.06
CA GLN I 184 20.86 50.55 -38.97
C GLN I 184 20.16 50.96 -37.68
N ASP I 185 19.04 51.67 -37.84
CA ASP I 185 18.25 52.15 -36.71
C ASP I 185 17.62 51.02 -35.92
N ILE I 186 17.55 49.84 -36.54
CA ILE I 186 16.99 48.67 -35.87
C ILE I 186 17.95 47.48 -35.89
N PHE I 187 18.78 47.40 -36.93
CA PHE I 187 19.79 46.35 -37.03
C PHE I 187 21.01 46.62 -36.16
N LYS I 188 21.36 47.89 -36.02
CA LYS I 188 22.52 48.34 -35.22
C LYS I 188 23.56 47.29 -34.81
N GLU I 189 23.16 46.28 -34.03
CA GLU I 189 24.11 45.21 -33.63
C GLU I 189 24.66 44.44 -34.83
N THR I 190 25.32 45.14 -35.74
CA THR I 190 25.71 44.53 -37.01
C THR I 190 26.99 45.13 -37.61
N ASN I 191 27.03 45.20 -38.94
CA ASN I 191 28.19 45.72 -39.67
C ASN I 191 27.87 46.58 -40.91
N ALA I 192 28.67 46.41 -41.96
CA ALA I 192 28.66 47.31 -43.13
C ALA I 192 27.27 47.74 -43.58
N THR I 193 27.16 48.94 -44.11
CA THR I 193 25.88 49.46 -44.61
C THR I 193 26.12 50.38 -45.80
N ALA J 3 -1.53 4.03 -54.34
CA ALA J 3 -0.84 4.82 -53.33
C ALA J 3 -1.80 5.74 -52.58
N VAL J 4 -1.38 6.21 -51.42
CA VAL J 4 -2.25 6.95 -50.50
C VAL J 4 -2.44 8.41 -50.88
N THR J 5 -3.68 8.84 -50.96
CA THR J 5 -3.99 10.22 -51.34
C THR J 5 -5.15 10.77 -50.53
N GLN J 6 -4.91 11.87 -49.83
CA GLN J 6 -5.94 12.46 -48.98
C GLN J 6 -6.60 13.66 -49.63
N SER J 7 -7.72 14.08 -49.05
CA SER J 7 -8.41 15.28 -49.46
C SER J 7 -9.54 15.53 -48.47
N PRO J 8 -9.76 16.80 -48.11
CA PRO J 8 -9.02 17.96 -48.62
C PRO J 8 -7.55 17.96 -48.23
N ARG J 9 -6.70 18.51 -49.08
CA ARG J 9 -5.29 18.66 -48.78
C ARG J 9 -5.09 19.86 -47.86
N SER J 10 -6.18 20.58 -47.60
CA SER J 10 -6.19 21.70 -46.67
C SER J 10 -7.59 22.23 -46.51
N LYS J 11 -7.93 22.62 -45.29
CA LYS J 11 -9.29 23.06 -44.99
C LYS J 11 -9.31 24.10 -43.87
N VAL J 12 -10.28 24.99 -43.96
CA VAL J 12 -10.50 26.00 -42.94
C VAL J 12 -11.94 25.88 -42.48
N ALA J 13 -12.15 25.75 -41.18
CA ALA J 13 -13.50 25.50 -40.67
C ALA J 13 -13.85 26.32 -39.45
N VAL J 14 -15.12 26.71 -39.36
CA VAL J 14 -15.64 27.41 -38.19
C VAL J 14 -15.61 26.44 -37.01
N THR J 15 -15.46 26.97 -35.81
CA THR J 15 -15.60 26.13 -34.62
C THR J 15 -17.07 25.72 -34.52
N GLY J 16 -17.33 24.43 -34.53
CA GLY J 16 -18.69 23.89 -34.43
C GLY J 16 -19.21 23.29 -35.72
N GLY J 17 -18.30 23.04 -36.67
CA GLY J 17 -18.67 22.48 -37.95
C GLY J 17 -18.15 21.07 -38.15
N LYS J 18 -18.69 20.39 -39.16
CA LYS J 18 -18.29 19.02 -39.46
C LYS J 18 -17.24 18.98 -40.56
N VAL J 19 -16.01 18.72 -40.17
CA VAL J 19 -14.93 18.52 -41.11
C VAL J 19 -14.81 17.03 -41.33
N THR J 20 -14.62 16.64 -42.58
CA THR J 20 -14.59 15.23 -42.92
C THR J 20 -13.44 14.89 -43.86
N LEU J 21 -12.32 14.51 -43.26
CA LEU J 21 -11.13 14.16 -44.02
C LEU J 21 -11.30 12.78 -44.61
N SER J 22 -11.04 12.67 -45.90
CA SER J 22 -11.13 11.37 -46.57
C SER J 22 -9.74 10.87 -46.88
N CYS J 23 -9.62 9.58 -47.11
CA CYS J 23 -8.36 8.99 -47.55
C CYS J 23 -8.64 7.83 -48.48
N HIS J 24 -7.75 7.59 -49.43
CA HIS J 24 -7.97 6.56 -50.43
C HIS J 24 -6.65 6.01 -50.94
N GLN J 25 -6.49 4.70 -50.85
CA GLN J 25 -5.23 4.06 -51.19
C GLN J 25 -5.44 2.98 -52.23
N THR J 26 -4.47 2.83 -53.12
CA THR J 26 -4.54 1.76 -54.11
C THR J 26 -3.41 0.76 -54.00
N ASN J 27 -3.13 0.34 -52.76
CA ASN J 27 -2.05 -0.59 -52.48
C ASN J 27 -2.59 -1.94 -52.01
N ASN J 28 -3.91 -2.07 -52.01
CA ASN J 28 -4.53 -3.27 -51.47
C ASN J 28 -3.98 -3.57 -50.09
N HIS J 29 -3.82 -2.53 -49.29
CA HIS J 29 -3.37 -2.70 -47.91
C HIS J 29 -4.57 -2.80 -46.97
N ASP J 30 -4.46 -3.72 -46.01
CA ASP J 30 -5.55 -3.96 -45.09
C ASP J 30 -5.56 -2.97 -43.92
N TYR J 31 -4.38 -2.61 -43.41
CA TYR J 31 -4.28 -1.63 -42.33
C TYR J 31 -4.31 -0.21 -42.89
N MET J 32 -5.00 0.68 -42.19
CA MET J 32 -4.88 2.11 -42.45
C MET J 32 -4.87 2.83 -41.13
N TYR J 33 -4.26 4.01 -41.11
CA TYR J 33 -4.10 4.77 -39.89
C TYR J 33 -4.43 6.23 -40.15
N TRP J 34 -4.80 6.92 -39.08
CA TRP J 34 -4.90 8.37 -39.11
C TRP J 34 -4.13 8.96 -37.94
N TYR J 35 -3.08 9.73 -38.24
CA TYR J 35 -2.30 10.42 -37.21
C TYR J 35 -2.60 11.92 -37.21
N ARG J 36 -2.02 12.63 -36.26
CA ARG J 36 -2.03 14.10 -36.28
C ARG J 36 -0.74 14.65 -35.72
N GLN J 37 -0.23 15.70 -36.35
CA GLN J 37 1.07 16.26 -35.97
C GLN J 37 0.94 17.63 -35.32
N ASP J 38 1.28 17.71 -34.05
CA ASP J 38 1.14 18.95 -33.31
C ASP J 38 2.50 19.58 -33.06
N THR J 39 2.49 20.90 -32.88
CA THR J 39 3.68 21.66 -32.53
C THR J 39 4.89 20.75 -32.37
N GLY J 40 5.57 20.48 -33.48
CA GLY J 40 6.75 19.64 -33.51
C GLY J 40 7.02 18.75 -32.31
N HIS J 41 6.17 17.74 -32.12
CA HIS J 41 6.43 16.75 -31.08
C HIS J 41 5.88 15.37 -31.46
N GLY J 42 5.90 15.07 -32.76
CA GLY J 42 5.61 13.75 -33.25
C GLY J 42 4.17 13.56 -33.70
N LEU J 43 3.95 12.51 -34.50
CA LEU J 43 2.61 12.12 -34.93
C LEU J 43 2.02 11.18 -33.90
N ARG J 44 0.73 11.33 -33.64
CA ARG J 44 0.06 10.54 -32.62
C ARG J 44 -1.16 9.83 -33.20
N LEU J 45 -1.20 8.51 -33.03
CA LEU J 45 -2.27 7.70 -33.60
C LEU J 45 -3.64 8.13 -33.06
N ILE J 46 -4.64 8.10 -33.93
CA ILE J 46 -5.99 8.48 -33.54
C ILE J 46 -6.97 7.35 -33.79
N HIS J 47 -6.88 6.76 -34.98
CA HIS J 47 -7.69 5.59 -35.33
C HIS J 47 -6.93 4.71 -36.31
N TYR J 48 -7.10 3.40 -36.17
CA TYR J 48 -6.67 2.48 -37.21
C TYR J 48 -7.79 1.51 -37.55
N SER J 49 -7.53 0.65 -38.53
CA SER J 49 -8.57 -0.24 -39.03
C SER J 49 -7.97 -1.30 -39.93
N TYR J 50 -8.21 -2.56 -39.59
CA TYR J 50 -7.61 -3.67 -40.31
C TYR J 50 -8.65 -4.65 -40.86
N VAL J 51 -9.89 -4.20 -40.96
CA VAL J 51 -10.96 -4.98 -41.58
C VAL J 51 -12.12 -4.07 -41.93
N ALA J 52 -12.49 -4.02 -43.21
CA ALA J 52 -13.55 -3.12 -43.65
C ALA J 52 -14.68 -3.03 -42.64
N ASP J 53 -15.10 -1.80 -42.33
CA ASP J 53 -16.22 -1.55 -41.42
C ASP J 53 -15.85 -1.83 -39.97
N SER J 54 -14.54 -1.84 -39.70
CA SER J 54 -14.04 -1.95 -38.34
C SER J 54 -13.06 -0.82 -38.05
N THR J 55 -13.43 0.05 -37.12
CA THR J 55 -12.55 1.10 -36.65
C THR J 55 -12.06 0.75 -35.27
N GLU J 56 -10.81 1.10 -34.99
CA GLU J 56 -10.23 0.79 -33.70
C GLU J 56 -9.55 2.03 -33.13
N LYS J 57 -9.81 2.32 -31.88
CA LYS J 57 -9.30 3.54 -31.27
C LYS J 57 -7.77 3.60 -31.27
N GLY J 58 -7.26 4.83 -31.31
CA GLY J 58 -5.83 5.07 -31.27
C GLY J 58 -5.50 5.62 -29.90
N ASP J 59 -4.46 6.44 -29.80
CA ASP J 59 -4.06 6.96 -28.51
C ASP J 59 -4.92 8.14 -28.06
N ILE J 60 -5.19 9.04 -28.99
CA ILE J 60 -6.01 10.22 -28.70
C ILE J 60 -7.25 10.29 -29.59
N PRO J 61 -8.14 9.30 -29.48
CA PRO J 61 -9.32 9.13 -30.34
C PRO J 61 -10.47 9.98 -29.85
N ASP J 62 -10.21 10.80 -28.83
CA ASP J 62 -11.25 11.62 -28.21
C ASP J 62 -11.64 12.76 -29.12
N GLY J 63 -12.90 12.77 -29.55
CA GLY J 63 -13.40 13.85 -30.36
C GLY J 63 -13.33 13.58 -31.85
N TYR J 64 -12.97 12.36 -32.24
CA TYR J 64 -12.92 11.96 -33.64
C TYR J 64 -13.72 10.68 -33.88
N LYS J 65 -14.24 10.53 -35.08
CA LYS J 65 -14.91 9.29 -35.44
C LYS J 65 -14.46 8.81 -36.82
N ALA J 66 -13.76 7.69 -36.85
CA ALA J 66 -13.25 7.15 -38.11
C ALA J 66 -14.31 6.29 -38.78
N SER J 67 -14.00 5.81 -39.98
CA SER J 67 -14.95 5.01 -40.74
C SER J 67 -14.28 4.37 -41.94
N ARG J 68 -14.19 3.05 -41.93
CA ARG J 68 -13.58 2.30 -43.02
C ARG J 68 -14.65 1.59 -43.86
N PRO J 69 -15.30 2.33 -44.77
CA PRO J 69 -16.33 1.77 -45.66
C PRO J 69 -15.79 0.59 -46.46
N SER J 70 -14.98 0.87 -47.48
CA SER J 70 -14.36 -0.20 -48.23
C SER J 70 -12.93 -0.40 -47.76
N GLN J 71 -12.15 -1.11 -48.56
CA GLN J 71 -10.76 -1.39 -48.21
C GLN J 71 -9.84 -0.24 -48.59
N GLU J 72 -10.27 0.58 -49.53
CA GLU J 72 -9.42 1.65 -50.04
C GLU J 72 -9.66 2.98 -49.32
N ASN J 73 -10.77 3.09 -48.62
CA ASN J 73 -11.17 4.37 -48.04
C ASN J 73 -11.30 4.35 -46.53
N PHE J 74 -10.84 5.44 -45.91
CA PHE J 74 -10.82 5.56 -44.45
C PHE J 74 -10.94 7.04 -44.06
N SER J 75 -12.12 7.41 -43.57
CA SER J 75 -12.42 8.82 -43.31
C SER J 75 -12.29 9.15 -41.84
N LEU J 76 -11.73 10.31 -41.55
CA LEU J 76 -11.70 10.82 -40.20
C LEU J 76 -12.78 11.90 -40.09
N ILE J 77 -13.51 11.92 -38.98
CA ILE J 77 -14.61 12.85 -38.82
C ILE J 77 -14.59 13.57 -37.48
N LEU J 78 -14.59 14.91 -37.55
CA LEU J 78 -14.84 15.72 -36.37
C LEU J 78 -16.24 16.29 -36.54
N GLU J 79 -17.12 15.99 -35.59
CA GLU J 79 -18.52 16.40 -35.72
C GLU J 79 -18.68 17.84 -35.24
N LEU J 80 -17.93 18.20 -34.22
CA LEU J 80 -17.91 19.56 -33.70
C LEU J 80 -16.48 20.06 -33.68
N ALA J 81 -16.03 20.63 -34.79
CA ALA J 81 -14.67 21.13 -34.90
C ALA J 81 -14.32 21.99 -33.69
N SER J 82 -13.24 21.67 -33.00
CA SER J 82 -12.81 22.48 -31.87
C SER J 82 -11.63 23.36 -32.27
N LEU J 83 -11.21 24.21 -31.34
CA LEU J 83 -10.05 25.06 -31.58
C LEU J 83 -8.78 24.24 -31.46
N SER J 84 -8.79 23.31 -30.51
CA SER J 84 -7.62 22.49 -30.21
C SER J 84 -7.41 21.38 -31.24
N GLN J 85 -8.23 21.36 -32.27
CA GLN J 85 -8.11 20.33 -33.30
C GLN J 85 -7.47 20.84 -34.57
N THR J 86 -6.79 21.98 -34.45
CA THR J 86 -6.01 22.50 -35.55
C THR J 86 -4.68 21.76 -35.64
N ALA J 87 -4.45 21.06 -36.74
CA ALA J 87 -3.23 20.30 -36.91
C ALA J 87 -3.14 19.77 -38.32
N VAL J 88 -2.13 18.94 -38.57
CA VAL J 88 -1.91 18.33 -39.88
C VAL J 88 -2.08 16.80 -39.83
N TYR J 89 -3.11 16.29 -40.50
CA TYR J 89 -3.50 14.88 -40.37
C TYR J 89 -3.00 13.96 -41.46
N PHE J 90 -2.16 13.00 -41.06
CA PHE J 90 -1.49 12.10 -42.01
C PHE J 90 -2.15 10.74 -42.10
N CYS J 91 -2.39 10.29 -43.33
CA CYS J 91 -2.97 8.99 -43.55
C CYS J 91 -1.88 8.04 -44.01
N ALA J 92 -1.71 6.92 -43.34
CA ALA J 92 -0.77 5.90 -43.81
C ALA J 92 -1.47 4.56 -43.86
N SER J 93 -1.00 3.66 -44.73
CA SER J 93 -1.57 2.33 -44.83
C SER J 93 -0.47 1.29 -44.74
N SER J 94 -0.86 0.02 -44.64
CA SER J 94 0.12 -1.07 -44.69
C SER J 94 -0.52 -2.44 -44.85
N TRP J 95 0.36 -3.43 -44.96
CA TRP J 95 0.03 -4.84 -45.09
C TRP J 95 1.42 -5.43 -45.08
N ASP J 96 1.66 -6.42 -44.25
CA ASP J 96 0.70 -6.89 -43.25
C ASP J 96 0.85 -5.97 -42.04
N ARG J 97 1.63 -6.39 -41.04
CA ARG J 97 1.92 -5.52 -39.90
C ARG J 97 3.15 -4.67 -40.17
N ALA J 98 2.97 -3.35 -39.99
CA ALA J 98 4.02 -2.36 -40.19
C ALA J 98 5.38 -2.86 -39.70
N GLY J 99 6.45 -2.30 -40.25
CA GLY J 99 6.36 -1.31 -41.30
C GLY J 99 6.88 -1.90 -42.59
N ASN J 100 7.90 -1.24 -43.17
CA ASN J 100 8.55 -1.72 -44.38
C ASN J 100 7.60 -1.79 -45.58
N THR J 101 6.31 -1.62 -45.30
CA THR J 101 5.28 -1.56 -46.33
C THR J 101 4.19 -0.58 -45.96
N LEU J 102 4.37 0.18 -44.88
CA LEU J 102 3.46 1.27 -44.63
C LEU J 102 3.90 2.46 -45.47
N TYR J 103 2.92 3.13 -46.08
CA TYR J 103 3.19 4.23 -46.96
C TYR J 103 2.27 5.38 -46.57
N PHE J 104 2.87 6.52 -46.23
CA PHE J 104 2.12 7.65 -45.69
C PHE J 104 1.39 8.49 -46.74
N GLY J 105 0.49 9.32 -46.27
CA GLY J 105 -0.18 10.29 -47.12
C GLY J 105 0.73 11.49 -47.26
N GLU J 106 0.15 12.65 -47.50
CA GLU J 106 0.92 13.85 -47.79
C GLU J 106 0.57 15.00 -46.86
N GLY J 107 -0.19 14.69 -45.81
CA GLY J 107 -0.57 15.69 -44.83
C GLY J 107 -1.80 16.48 -45.25
N SER J 108 -2.59 16.91 -44.26
CA SER J 108 -3.78 17.72 -44.52
C SER J 108 -3.88 18.85 -43.50
N ARG J 109 -3.41 20.03 -43.88
CA ARG J 109 -3.40 21.15 -42.94
C ARG J 109 -4.83 21.62 -42.67
N LEU J 110 -5.27 21.39 -41.44
CA LEU J 110 -6.58 21.85 -40.99
C LEU J 110 -6.39 23.05 -40.10
N ILE J 111 -7.25 24.05 -40.29
CA ILE J 111 -7.22 25.24 -39.45
C ILE J 111 -8.65 25.60 -39.06
N VAL J 112 -8.84 25.87 -37.77
CA VAL J 112 -10.18 26.12 -37.25
C VAL J 112 -10.29 27.50 -36.59
N VAL J 113 -11.21 28.30 -37.10
CA VAL J 113 -11.43 29.65 -36.59
C VAL J 113 -12.82 29.83 -35.99
N GLU J 114 -12.98 30.82 -35.11
CA GLU J 114 -14.26 31.06 -34.46
C GLU J 114 -15.28 31.70 -35.40
N ASP J 115 -14.80 32.56 -36.29
CA ASP J 115 -15.67 33.28 -37.20
C ASP J 115 -14.97 33.44 -38.53
N LEU J 116 -15.64 33.08 -39.62
CA LEU J 116 -15.02 33.07 -40.93
C LEU J 116 -14.64 34.46 -41.46
N ARG J 117 -15.24 35.50 -40.89
CA ARG J 117 -14.97 36.86 -41.34
C ARG J 117 -13.47 37.12 -41.41
N ASN J 118 -12.76 36.69 -40.37
CA ASN J 118 -11.35 37.04 -40.20
C ASN J 118 -10.40 36.53 -41.29
N VAL J 119 -10.90 35.64 -42.15
CA VAL J 119 -10.11 35.11 -43.28
C VAL J 119 -9.87 36.17 -44.33
N THR J 120 -8.61 36.34 -44.73
CA THR J 120 -8.26 37.34 -45.71
C THR J 120 -6.98 36.97 -46.46
N PRO J 121 -7.01 37.13 -47.79
CA PRO J 121 -5.84 36.87 -48.65
C PRO J 121 -4.63 37.75 -48.28
N PRO J 122 -3.46 37.48 -48.88
CA PRO J 122 -2.28 38.28 -48.58
C PRO J 122 -2.16 39.48 -49.53
N LYS J 123 -1.26 40.39 -49.20
CA LYS J 123 -0.84 41.43 -50.12
C LYS J 123 0.58 41.09 -50.52
N VAL J 124 0.75 40.55 -51.72
CA VAL J 124 2.07 40.14 -52.19
C VAL J 124 2.78 41.28 -52.90
N SER J 125 3.84 41.80 -52.28
CA SER J 125 4.63 42.87 -52.86
C SER J 125 6.07 42.44 -53.08
N LEU J 126 6.56 42.55 -54.31
CA LEU J 126 7.92 42.19 -54.63
C LEU J 126 8.84 43.41 -54.61
N PHE J 127 9.88 43.38 -53.77
CA PHE J 127 10.83 44.48 -53.63
C PHE J 127 12.06 44.32 -54.51
N GLU J 128 12.23 45.21 -55.47
CA GLU J 128 13.35 45.13 -56.40
C GLU J 128 14.68 45.31 -55.68
N PRO J 129 15.76 44.77 -56.28
CA PRO J 129 17.09 44.73 -55.68
C PRO J 129 17.71 46.10 -55.37
N SER J 130 18.81 46.07 -54.64
CA SER J 130 19.57 47.27 -54.31
C SER J 130 20.73 47.41 -55.27
N LYS J 131 20.85 48.57 -55.91
CA LYS J 131 21.91 48.81 -56.88
C LYS J 131 23.29 48.73 -56.23
N ALA J 132 23.32 48.74 -54.90
CA ALA J 132 24.56 48.62 -54.16
C ALA J 132 25.07 47.19 -54.28
N GLU J 133 24.22 46.25 -53.86
CA GLU J 133 24.53 44.84 -53.90
C GLU J 133 25.01 44.42 -55.27
N ILE J 134 24.21 44.75 -56.28
CA ILE J 134 24.51 44.43 -57.66
C ILE J 134 25.89 44.92 -58.06
N ALA J 135 26.24 46.13 -57.63
CA ALA J 135 27.53 46.70 -57.96
C ALA J 135 28.65 46.07 -57.15
N ASN J 136 28.50 46.10 -55.82
CA ASN J 136 29.55 45.62 -54.92
C ASN J 136 29.80 44.12 -54.98
N LYS J 137 28.72 43.36 -55.20
CA LYS J 137 28.77 41.91 -55.06
C LYS J 137 28.45 41.15 -56.33
N GLN J 138 27.89 41.84 -57.32
CA GLN J 138 27.57 41.23 -58.62
C GLN J 138 26.49 40.15 -58.55
N LYS J 139 25.59 40.28 -57.58
CA LYS J 139 24.44 39.41 -57.46
C LYS J 139 23.24 40.24 -57.00
N ALA J 140 22.11 40.09 -57.69
CA ALA J 140 20.90 40.80 -57.32
C ALA J 140 19.96 39.94 -56.47
N THR J 141 19.60 40.45 -55.31
CA THR J 141 18.65 39.78 -54.43
C THR J 141 17.30 40.46 -54.54
N LEU J 142 16.26 39.69 -54.80
CA LEU J 142 14.90 40.20 -54.76
C LEU J 142 14.26 39.69 -53.50
N VAL J 143 13.28 40.41 -52.99
CA VAL J 143 12.63 39.98 -51.76
C VAL J 143 11.13 40.08 -51.84
N CYS J 144 10.46 38.95 -51.71
CA CYS J 144 9.01 38.87 -51.77
C CYS J 144 8.45 38.90 -50.37
N LEU J 145 7.43 39.71 -50.15
CA LEU J 145 6.81 39.80 -48.85
C LEU J 145 5.30 39.64 -48.97
N ALA J 146 4.70 38.80 -48.12
CA ALA J 146 3.25 38.60 -48.18
C ALA J 146 2.63 38.92 -46.82
N ARG J 147 1.85 39.99 -46.77
CA ARG J 147 1.35 40.49 -45.48
C ARG J 147 -0.17 40.49 -45.38
N GLY J 148 -0.66 40.45 -44.15
CA GLY J 148 -2.08 40.68 -43.88
C GLY J 148 -3.02 39.57 -44.29
N PHE J 149 -2.56 38.33 -44.15
CA PHE J 149 -3.38 37.18 -44.50
C PHE J 149 -3.74 36.37 -43.25
N PHE J 150 -4.78 35.55 -43.39
CA PHE J 150 -5.25 34.72 -42.30
C PHE J 150 -6.05 33.59 -42.93
N PRO J 151 -5.74 32.34 -42.58
CA PRO J 151 -4.79 31.88 -41.56
C PRO J 151 -3.44 31.41 -42.10
N ASP J 152 -2.52 31.19 -41.17
CA ASP J 152 -1.09 30.92 -41.38
C ASP J 152 -0.70 29.95 -42.47
N HIS J 153 -1.59 29.73 -43.42
CA HIS J 153 -1.37 28.71 -44.44
C HIS J 153 -1.31 29.25 -45.87
N VAL J 154 -0.08 29.46 -46.37
CA VAL J 154 0.16 29.86 -47.75
C VAL J 154 1.46 29.22 -48.25
N GLU J 155 1.68 29.27 -49.56
CA GLU J 155 2.83 28.60 -50.16
C GLU J 155 3.48 29.47 -51.22
N LEU J 156 4.76 29.79 -51.04
CA LEU J 156 5.46 30.77 -51.86
C LEU J 156 6.46 30.16 -52.84
N SER J 157 6.46 30.66 -54.07
CA SER J 157 7.29 30.07 -55.12
C SER J 157 7.79 31.07 -56.14
N TRP J 158 8.91 30.75 -56.76
CA TRP J 158 9.60 31.67 -57.64
C TRP J 158 9.67 31.14 -59.07
N TRP J 159 9.37 32.02 -60.02
CA TRP J 159 9.20 31.64 -61.41
C TRP J 159 9.97 32.52 -62.38
N VAL J 160 11.23 32.16 -62.61
CA VAL J 160 12.06 32.86 -63.58
C VAL J 160 11.76 32.38 -64.98
N ASN J 161 11.09 33.21 -65.76
CA ASN J 161 10.78 32.87 -67.15
C ASN J 161 9.74 31.76 -67.23
N GLY J 162 8.69 31.89 -66.43
CA GLY J 162 7.59 30.94 -66.45
C GLY J 162 7.89 29.58 -65.85
N LYS J 163 9.15 29.31 -65.58
CA LYS J 163 9.59 28.04 -64.99
C LYS J 163 9.97 28.16 -63.53
N GLU J 164 9.39 27.30 -62.69
CA GLU J 164 9.68 27.32 -61.26
C GLU J 164 11.16 27.09 -61.00
N VAL J 165 11.66 27.64 -59.89
CA VAL J 165 13.08 27.53 -59.55
C VAL J 165 13.26 27.29 -58.06
N HIS J 166 14.31 26.57 -57.72
CA HIS J 166 14.59 26.20 -56.34
C HIS J 166 16.03 26.53 -55.98
N SER J 167 16.83 26.84 -56.99
CA SER J 167 18.22 27.20 -56.78
C SER J 167 18.40 28.68 -56.49
N GLY J 168 18.81 29.00 -55.27
CA GLY J 168 19.06 30.38 -54.90
C GLY J 168 17.83 31.02 -54.32
N VAL J 169 16.92 30.19 -53.83
CA VAL J 169 15.72 30.70 -53.19
C VAL J 169 15.76 30.37 -51.71
N CYS J 170 15.04 31.14 -50.91
CA CYS J 170 14.88 30.79 -49.51
C CYS J 170 13.70 31.46 -48.84
N THR J 171 12.62 30.71 -48.73
CA THR J 171 11.39 31.17 -48.12
C THR J 171 11.42 30.90 -46.63
N ASP J 172 10.62 31.63 -45.87
CA ASP J 172 10.64 31.51 -44.42
C ASP J 172 9.78 30.34 -43.95
N PRO J 173 10.36 29.46 -43.11
CA PRO J 173 9.65 28.26 -42.64
C PRO J 173 8.34 28.57 -41.92
N GLN J 174 8.28 29.68 -41.18
CA GLN J 174 7.07 29.98 -40.42
C GLN J 174 6.51 31.37 -40.67
N ALA J 175 5.19 31.49 -40.57
CA ALA J 175 4.53 32.79 -40.63
C ALA J 175 4.75 33.51 -39.32
N TYR J 176 4.85 34.83 -39.38
CA TYR J 176 5.17 35.63 -38.20
C TYR J 176 3.98 36.49 -37.80
N LYS J 177 3.20 35.98 -36.86
CA LYS J 177 1.99 36.66 -36.44
C LYS J 177 2.24 38.07 -35.92
N GLU J 178 1.61 39.05 -36.57
CA GLU J 178 1.74 40.43 -36.13
C GLU J 178 0.43 40.91 -35.51
N SER J 179 -0.68 40.66 -36.20
CA SER J 179 -2.00 41.00 -35.69
C SER J 179 -2.70 39.76 -35.16
N ASN J 180 -3.77 39.99 -34.40
CA ASN J 180 -4.53 38.89 -33.84
C ASN J 180 -4.98 37.99 -34.96
N TYR J 181 -5.29 38.60 -36.11
CA TYR J 181 -5.76 37.87 -37.29
C TYR J 181 -5.00 38.27 -38.55
N SER J 182 -3.69 38.42 -38.42
CA SER J 182 -2.82 38.75 -39.56
C SER J 182 -1.42 38.19 -39.38
N TYR J 183 -0.92 37.48 -40.38
CA TYR J 183 0.42 36.93 -40.37
C TYR J 183 1.24 37.62 -41.45
N SER J 184 2.54 37.38 -41.42
CA SER J 184 3.42 37.88 -42.48
C SER J 184 4.49 36.84 -42.77
N LEU J 185 4.92 36.76 -44.03
CA LEU J 185 5.89 35.76 -44.43
C LEU J 185 6.70 36.25 -45.61
N SER J 186 8.01 36.12 -45.53
CA SER J 186 8.90 36.64 -46.56
C SER J 186 9.64 35.53 -47.29
N SER J 187 10.52 35.94 -48.19
CA SER J 187 11.29 35.00 -48.99
C SER J 187 12.19 35.81 -49.91
N ARG J 188 13.17 35.18 -50.52
CA ARG J 188 14.11 35.92 -51.36
C ARG J 188 14.84 35.03 -52.33
N LEU J 189 15.17 35.60 -53.48
CA LEU J 189 15.79 34.87 -54.56
C LEU J 189 17.05 35.61 -54.94
N ARG J 190 18.05 34.90 -55.43
CA ARG J 190 19.31 35.56 -55.76
C ARG J 190 19.86 35.14 -57.11
N VAL J 191 20.14 36.11 -57.97
CA VAL J 191 20.66 35.85 -59.30
C VAL J 191 21.92 36.66 -59.59
N SER J 192 22.82 36.08 -60.40
CA SER J 192 24.00 36.80 -60.84
C SER J 192 23.58 38.12 -61.48
N ALA J 193 24.35 39.17 -61.20
CA ALA J 193 24.02 40.51 -61.68
C ALA J 193 23.82 40.51 -63.19
N THR J 194 24.70 39.81 -63.90
CA THR J 194 24.64 39.73 -65.35
C THR J 194 23.28 39.22 -65.81
N PHE J 195 22.74 38.25 -65.09
CA PHE J 195 21.43 37.71 -65.43
C PHE J 195 20.32 38.72 -65.14
N TRP J 196 20.44 39.46 -64.05
CA TRP J 196 19.41 40.42 -63.68
C TRP J 196 19.30 41.56 -64.68
N HIS J 197 20.33 41.75 -65.49
CA HIS J 197 20.36 42.88 -66.40
C HIS J 197 19.71 42.61 -67.75
N ASN J 198 19.67 41.35 -68.16
CA ASN J 198 18.95 40.98 -69.37
C ASN J 198 17.46 41.30 -69.19
N PRO J 199 16.96 42.29 -69.93
CA PRO J 199 15.54 42.71 -69.89
C PRO J 199 14.63 41.68 -70.54
N ARG J 200 15.22 40.60 -71.03
CA ARG J 200 14.46 39.51 -71.61
C ARG J 200 14.04 38.54 -70.49
N ASN J 201 14.74 38.60 -69.36
CA ASN J 201 14.46 37.73 -68.21
C ASN J 201 13.34 38.25 -67.32
N HIS J 202 12.43 37.37 -66.92
CA HIS J 202 11.27 37.78 -66.14
C HIS J 202 11.15 37.07 -64.80
N PHE J 203 10.80 37.83 -63.76
CA PHE J 203 10.80 37.30 -62.40
C PHE J 203 9.49 37.46 -61.67
N ARG J 204 8.88 36.35 -61.31
CA ARG J 204 7.58 36.35 -60.67
C ARG J 204 7.60 35.59 -59.35
N CYS J 205 7.06 36.21 -58.32
CA CYS J 205 6.99 35.60 -57.01
C CYS J 205 5.54 35.25 -56.80
N GLN J 206 5.27 34.00 -56.42
CA GLN J 206 3.90 33.53 -56.34
C GLN J 206 3.55 33.04 -54.94
N VAL J 207 2.49 33.60 -54.38
CA VAL J 207 2.02 33.15 -53.10
C VAL J 207 0.68 32.50 -53.32
N GLN J 208 0.46 31.33 -52.72
CA GLN J 208 -0.80 30.64 -52.91
C GLN J 208 -1.61 30.55 -51.62
N PHE J 209 -2.56 31.44 -51.45
CA PHE J 209 -3.37 31.46 -50.25
C PHE J 209 -4.29 30.25 -50.24
N HIS J 210 -4.56 29.71 -49.06
CA HIS J 210 -5.50 28.59 -48.90
C HIS J 210 -6.69 29.01 -48.07
N GLY J 211 -7.79 29.32 -48.75
CA GLY J 211 -8.95 29.90 -48.10
C GLY J 211 -10.22 29.07 -48.20
N LEU J 212 -11.33 29.76 -48.44
CA LEU J 212 -12.65 29.14 -48.44
C LEU J 212 -12.98 28.44 -49.77
N SER J 213 -14.05 27.66 -49.77
CA SER J 213 -14.46 26.96 -50.99
C SER J 213 -15.92 27.22 -51.31
N GLU J 214 -16.38 26.71 -52.46
CA GLU J 214 -17.75 26.92 -52.87
C GLU J 214 -18.72 26.56 -51.76
N GLU J 215 -18.41 25.47 -51.07
CA GLU J 215 -19.26 24.99 -49.98
C GLU J 215 -19.44 26.04 -48.90
N ASP J 216 -18.54 27.02 -48.85
CA ASP J 216 -18.51 27.98 -47.77
C ASP J 216 -19.38 29.21 -48.06
N LYS J 217 -20.15 29.62 -47.06
CA LYS J 217 -21.08 30.74 -47.20
C LYS J 217 -20.36 32.08 -47.08
N TRP J 218 -20.60 32.97 -48.04
CA TRP J 218 -20.03 34.31 -47.99
C TRP J 218 -21.04 35.42 -48.33
N PRO J 219 -21.09 36.47 -47.48
CA PRO J 219 -21.98 37.62 -47.57
C PRO J 219 -21.97 38.34 -48.93
N GLU J 220 -22.64 39.47 -48.99
CA GLU J 220 -22.79 40.22 -50.24
C GLU J 220 -21.70 41.27 -50.44
N GLY J 221 -21.25 41.86 -49.33
CA GLY J 221 -20.30 42.96 -49.38
C GLY J 221 -18.93 42.62 -49.91
N SER J 222 -18.05 42.15 -49.02
CA SER J 222 -16.66 41.87 -49.35
C SER J 222 -16.51 40.73 -50.37
N PRO J 223 -15.37 40.71 -51.07
CA PRO J 223 -15.00 39.61 -51.98
C PRO J 223 -14.61 38.38 -51.18
N LYS J 224 -14.92 37.21 -51.69
CA LYS J 224 -14.62 35.95 -51.01
C LYS J 224 -13.11 35.71 -50.89
N PRO J 225 -12.66 35.25 -49.70
CA PRO J 225 -11.27 34.90 -49.47
C PRO J 225 -10.93 33.49 -49.94
N VAL J 226 -11.28 33.16 -51.19
CA VAL J 226 -11.06 31.80 -51.68
C VAL J 226 -9.59 31.44 -51.78
N THR J 227 -9.31 30.32 -52.43
CA THR J 227 -7.94 29.86 -52.61
C THR J 227 -7.38 30.33 -53.94
N GLN J 228 -6.29 31.10 -53.89
CA GLN J 228 -5.79 31.80 -55.06
C GLN J 228 -4.28 31.76 -55.26
N ASN J 229 -3.86 32.00 -56.50
CA ASN J 229 -2.46 32.25 -56.84
C ASN J 229 -2.23 33.76 -57.00
N ILE J 230 -1.88 34.44 -55.91
CA ILE J 230 -1.58 35.86 -55.93
C ILE J 230 -0.12 36.16 -56.25
N SER J 231 0.12 37.12 -57.14
CA SER J 231 1.44 37.30 -57.70
C SER J 231 1.97 38.74 -57.66
N ALA J 232 3.21 38.89 -58.13
CA ALA J 232 3.87 40.18 -58.21
C ALA J 232 5.17 39.95 -58.93
N GLU J 233 5.42 40.72 -59.98
CA GLU J 233 6.55 40.43 -60.84
C GLU J 233 7.47 41.61 -61.12
N ALA J 234 8.52 41.34 -61.90
CA ALA J 234 9.49 42.37 -62.23
C ALA J 234 10.39 41.87 -63.34
N TRP J 235 10.98 42.81 -64.07
CA TRP J 235 11.77 42.48 -65.25
C TRP J 235 13.25 42.75 -65.06
N GLY J 236 14.05 42.42 -66.07
CA GLY J 236 15.46 42.73 -66.06
C GLY J 236 15.67 44.14 -66.55
N ARG J 237 16.82 44.72 -66.20
CA ARG J 237 17.12 46.09 -66.60
C ARG J 237 18.59 46.42 -66.33
N ALA J 238 19.04 47.59 -66.76
CA ALA J 238 20.47 47.94 -66.67
C ALA J 238 20.78 49.22 -65.89
#